data_6K0V
#
_entry.id   6K0V
#
_cell.length_a   75.865
_cell.length_b   132.617
_cell.length_c   131.773
_cell.angle_alpha   90.000
_cell.angle_beta   90.940
_cell.angle_gamma   90.000
#
_symmetry.space_group_name_H-M   'P 1 21 1'
#
loop_
_entity.id
_entity.type
_entity.pdbx_description
1 polymer Alpha-1,3-glucanase
2 branched alpha-D-glucopyranose-(1-3)-alpha-D-glucopyranose-(1-3)-alpha-D-glucopyranose
3 branched alpha-D-glucopyranose-(1-3)-alpha-D-glucopyranose-(1-3)-beta-D-glucopyranose
4 branched alpha-D-glucopyranose-(1-3)-alpha-D-glucopyranose
5 non-polymer 'SULFATE ION'
6 non-polymer 'CALCIUM ION'
7 water water
#
_entity_poly.entity_id   1
_entity_poly.type   'polypeptide(L)'
_entity_poly.pdbx_seq_one_letter_code
;AGSVDTVSLYSGRGANMPFTIMEAESTSNATNGTKLTPNFKPGDYAGEASGRSSVYLDATGEYVEFTLTSPANAFVLRNA
VAENTTGTVSIYADGVSKGKFNVSSKFSYLYATPSTLGRLGYDNAPGAGLTAYWLYEDAQLMLDQVYPAGTKIKIQKDAG
DVSWIYVDLLETENVAPPQANPDPTKYVAVSASKSIDQALTEFRQDNTKKGIYIPAGEWTINSKIFLYGRATEIVGAGPW
YTKLVAPQSQSNTDVGFNISAAANGSTIRDLSAWGNYINRVDGPGKFIDGNGMQNVTVQNIWVEHFVCLYWGVNSSYNTF
KNNRIKNTFADGINMTNGSSYNVIDNNYARGTGDASFALFSATDSGGSYNVGNKYTNLTATNVRRAAAFAVYGGSDNLFQ
NLYGADTLTYPGITISSYSFGYNTLGFGDQDTVIDGATLDRTGGDFWTSVGADDKINEYQNFGAIWIYGGDRAIKNILIK
NVDINNPVYFGLMFQSMSPNNMVMQNIRVENVNINNPSRYGIKLVVRAEQGQGPAYGGASFTNVKVNNPGISAIYGEAQS
PNFTVTRVSGNNW
;
_entity_poly.pdbx_strand_id   A,B,C,D
#
loop_
_chem_comp.id
_chem_comp.type
_chem_comp.name
_chem_comp.formula
BGC D-saccharide, beta linking beta-D-glucopyranose 'C6 H12 O6'
CA non-polymer 'CALCIUM ION' 'Ca 2'
GLC D-saccharide, alpha linking alpha-D-glucopyranose 'C6 H12 O6'
SO4 non-polymer 'SULFATE ION' 'O4 S -2'
#
# COMPACT_ATOMS: atom_id res chain seq x y z
N GLY A 12 -4.46 -2.88 -11.63
CA GLY A 12 -4.04 -3.50 -10.39
C GLY A 12 -3.07 -4.66 -10.58
N ARG A 13 -2.98 -5.14 -11.82
CA ARG A 13 -2.10 -6.25 -12.15
C ARG A 13 -0.93 -5.75 -13.00
N GLY A 14 0.21 -6.39 -12.83
CA GLY A 14 1.37 -6.05 -13.63
C GLY A 14 2.37 -5.14 -12.96
N ALA A 15 3.08 -4.34 -13.76
CA ALA A 15 4.10 -3.46 -13.21
C ALA A 15 3.46 -2.19 -12.65
N ASN A 16 4.10 -1.65 -11.62
CA ASN A 16 3.74 -0.37 -11.04
C ASN A 16 4.80 0.63 -11.51
N MET A 17 4.46 1.42 -12.52
CA MET A 17 5.41 2.31 -13.15
C MET A 17 5.11 3.76 -12.81
N PRO A 18 6.11 4.65 -12.88
CA PRO A 18 5.82 6.07 -12.58
C PRO A 18 5.06 6.78 -13.69
N PHE A 19 5.02 6.25 -14.90
CA PHE A 19 4.30 6.91 -15.97
C PHE A 19 2.87 6.40 -16.05
N THR A 20 2.04 7.21 -16.67
CA THR A 20 0.64 6.92 -16.95
C THR A 20 0.45 6.80 -18.47
N ILE A 21 -0.21 5.76 -18.92
CA ILE A 21 -0.48 5.59 -20.34
C ILE A 21 -1.92 5.97 -20.62
N MET A 22 -2.12 6.86 -21.59
CA MET A 22 -3.46 7.27 -22.00
C MET A 22 -3.68 6.91 -23.46
N GLU A 23 -4.75 6.20 -23.76
CA GLU A 23 -5.01 5.83 -25.13
C GLU A 23 -5.57 7.03 -25.88
N ALA A 24 -5.07 7.25 -27.10
CA ALA A 24 -5.53 8.42 -27.84
C ALA A 24 -7.03 8.32 -28.17
N GLU A 25 -7.49 7.14 -28.57
CA GLU A 25 -8.86 6.93 -29.03
C GLU A 25 -9.89 6.99 -27.91
N SER A 26 -9.48 7.11 -26.66
CA SER A 26 -10.45 7.18 -25.59
C SER A 26 -11.43 8.31 -25.86
N THR A 27 -12.72 8.04 -25.68
CA THR A 27 -13.70 9.06 -26.01
C THR A 27 -13.71 10.20 -25.01
N SER A 28 -13.07 10.03 -23.85
CA SER A 28 -12.74 11.15 -22.97
C SER A 28 -11.95 12.24 -23.69
N ASN A 29 -11.12 11.88 -24.68
CA ASN A 29 -10.31 12.85 -25.38
C ASN A 29 -11.07 13.41 -26.57
N ALA A 30 -11.19 14.73 -26.62
CA ALA A 30 -11.75 15.33 -27.81
C ALA A 30 -10.78 15.21 -28.97
N THR A 31 -11.31 14.96 -30.16
CA THR A 31 -10.49 15.00 -31.36
C THR A 31 -11.34 15.52 -32.50
N ASN A 32 -10.70 16.14 -33.48
CA ASN A 32 -11.34 16.44 -34.75
C ASN A 32 -10.72 15.63 -35.87
N GLY A 33 -10.09 14.51 -35.50
CA GLY A 33 -9.54 13.58 -36.43
C GLY A 33 -10.29 12.27 -36.38
N THR A 34 -9.66 11.23 -36.90
CA THR A 34 -10.35 9.99 -37.24
C THR A 34 -9.94 8.88 -36.27
N LYS A 35 -10.91 8.38 -35.51
CA LYS A 35 -10.73 7.21 -34.67
C LYS A 35 -10.94 5.93 -35.51
N LEU A 36 -9.90 5.11 -35.61
CA LEU A 36 -10.00 3.80 -36.26
C LEU A 36 -10.92 2.85 -35.52
N THR A 37 -11.69 2.07 -36.26
CA THR A 37 -12.39 1.05 -35.51
C THR A 37 -11.46 -0.15 -35.35
N PRO A 38 -11.49 -0.83 -34.21
CA PRO A 38 -10.49 -1.85 -33.92
C PRO A 38 -10.62 -3.09 -34.78
N ASN A 39 -9.47 -3.72 -35.04
CA ASN A 39 -9.39 -5.07 -35.57
C ASN A 39 -8.14 -5.70 -34.98
N PHE A 40 -7.89 -6.95 -35.31
CA PHE A 40 -6.78 -7.70 -34.75
C PHE A 40 -5.74 -8.07 -35.81
N LYS A 41 -5.50 -7.15 -36.76
CA LYS A 41 -4.80 -7.49 -38.00
C LYS A 41 -3.36 -7.00 -38.00
N PRO A 42 -2.37 -7.90 -38.13
CA PRO A 42 -0.98 -7.46 -38.35
C PRO A 42 -0.87 -6.56 -39.57
N GLY A 43 0.11 -5.66 -39.52
CA GLY A 43 0.35 -4.72 -40.62
C GLY A 43 -0.77 -3.72 -40.84
N ASP A 44 -1.65 -3.56 -39.86
CA ASP A 44 -2.76 -2.62 -39.93
C ASP A 44 -2.60 -1.63 -38.79
N TYR A 45 -2.94 -0.37 -39.07
CA TYR A 45 -2.71 0.67 -38.08
C TYR A 45 -3.61 0.54 -36.87
N ALA A 46 -4.77 -0.10 -36.98
CA ALA A 46 -5.49 -0.38 -35.75
C ALA A 46 -4.98 -1.67 -35.12
N GLY A 47 -4.80 -2.70 -35.93
CA GLY A 47 -4.36 -3.98 -35.38
C GLY A 47 -3.06 -3.87 -34.61
N GLU A 48 -2.15 -3.02 -35.06
CA GLU A 48 -0.86 -2.88 -34.41
C GLU A 48 -0.83 -1.87 -33.28
N ALA A 49 -1.95 -1.21 -33.01
CA ALA A 49 -2.01 -0.16 -32.01
C ALA A 49 -2.37 -0.72 -30.63
N SER A 50 -2.01 0.05 -29.61
CA SER A 50 -2.42 -0.26 -28.24
C SER A 50 -3.92 -0.07 -28.08
N GLY A 51 -4.60 -1.10 -27.56
CA GLY A 51 -6.05 -1.02 -27.54
C GLY A 51 -6.67 -1.22 -28.91
N ARG A 52 -5.88 -1.69 -29.87
CA ARG A 52 -6.32 -1.97 -31.23
C ARG A 52 -6.99 -0.76 -31.91
N SER A 53 -6.59 0.46 -31.52
CA SER A 53 -7.11 1.65 -32.20
C SER A 53 -6.16 2.80 -31.96
N SER A 54 -6.33 3.85 -32.75
CA SER A 54 -5.54 5.07 -32.67
C SER A 54 -6.31 6.15 -33.39
N VAL A 55 -5.84 7.40 -33.25
CA VAL A 55 -6.52 8.54 -33.86
C VAL A 55 -5.66 9.07 -35.00
N TYR A 56 -6.27 9.10 -36.20
CA TYR A 56 -5.60 9.50 -37.43
C TYR A 56 -5.71 11.00 -37.63
N LEU A 57 -4.58 11.70 -37.63
CA LEU A 57 -4.50 13.13 -37.84
C LEU A 57 -3.92 13.40 -39.22
N ASP A 58 -4.72 14.03 -40.06
CA ASP A 58 -4.64 13.91 -41.51
C ASP A 58 -4.54 15.24 -42.23
N ALA A 59 -4.89 16.33 -41.58
CA ALA A 59 -5.00 17.65 -42.17
C ALA A 59 -4.57 18.65 -41.12
N THR A 60 -4.04 19.78 -41.59
CA THR A 60 -3.60 20.82 -40.68
C THR A 60 -4.72 21.18 -39.71
N GLY A 61 -4.38 21.23 -38.42
CA GLY A 61 -5.32 21.64 -37.41
C GLY A 61 -6.05 20.50 -36.72
N GLU A 62 -5.79 19.26 -37.11
CA GLU A 62 -6.41 18.14 -36.41
C GLU A 62 -5.60 17.82 -35.16
N TYR A 63 -6.31 17.43 -34.09
CA TYR A 63 -5.69 17.24 -32.80
C TYR A 63 -6.40 16.13 -32.03
N VAL A 64 -5.70 15.58 -31.04
CA VAL A 64 -6.31 14.82 -29.96
C VAL A 64 -5.98 15.56 -28.67
N GLU A 65 -6.98 15.74 -27.81
CA GLU A 65 -6.80 16.49 -26.57
C GLU A 65 -6.91 15.55 -25.38
N PHE A 66 -5.77 15.26 -24.76
CA PHE A 66 -5.71 14.52 -23.52
C PHE A 66 -5.92 15.44 -22.31
N THR A 67 -6.40 14.86 -21.22
CA THR A 67 -6.45 15.54 -19.92
C THR A 67 -5.55 14.79 -18.97
N LEU A 68 -4.61 15.49 -18.34
CA LEU A 68 -3.67 14.85 -17.42
C LEU A 68 -4.38 14.40 -16.15
N THR A 69 -4.25 13.11 -15.82
CA THR A 69 -4.71 12.61 -14.54
C THR A 69 -3.67 12.72 -13.44
N SER A 70 -2.49 13.26 -13.73
CA SER A 70 -1.34 13.23 -12.82
C SER A 70 -0.33 14.24 -13.38
N PRO A 71 0.42 14.96 -12.53
CA PRO A 71 1.30 16.00 -13.09
C PRO A 71 2.33 15.38 -14.03
N ALA A 72 2.80 16.17 -15.00
CA ALA A 72 3.71 15.61 -15.99
C ALA A 72 4.63 16.68 -16.54
N ASN A 73 5.92 16.34 -16.68
CA ASN A 73 6.86 17.17 -17.41
C ASN A 73 7.50 16.44 -18.58
N ALA A 74 7.15 15.17 -18.80
CA ALA A 74 7.74 14.34 -19.84
C ALA A 74 6.67 13.46 -20.48
N PHE A 75 6.83 13.25 -21.80
CA PHE A 75 5.77 12.73 -22.67
C PHE A 75 6.35 11.77 -23.70
N VAL A 76 5.67 10.65 -23.90
CA VAL A 76 6.03 9.72 -24.96
C VAL A 76 4.83 9.47 -25.85
N LEU A 77 5.00 9.77 -27.13
CA LEU A 77 3.98 9.63 -28.14
C LEU A 77 4.28 8.37 -28.94
N ARG A 78 3.45 7.33 -28.78
CA ARG A 78 3.53 6.18 -29.68
C ARG A 78 2.73 6.50 -30.94
N ASN A 79 3.38 6.45 -32.09
CA ASN A 79 2.79 7.04 -33.29
C ASN A 79 3.21 6.25 -34.50
N ALA A 80 2.52 6.48 -35.61
CA ALA A 80 2.86 5.88 -36.89
C ALA A 80 2.87 6.99 -37.93
N VAL A 81 4.00 7.14 -38.62
CA VAL A 81 4.09 8.07 -39.74
C VAL A 81 4.49 7.30 -40.99
N ALA A 82 4.59 7.99 -42.13
CA ALA A 82 4.87 7.31 -43.38
C ALA A 82 6.25 6.66 -43.38
N GLU A 83 6.42 5.63 -44.20
CA GLU A 83 7.72 5.00 -44.32
C GLU A 83 8.76 6.03 -44.74
N ASN A 84 9.96 5.88 -44.19
CA ASN A 84 11.10 6.70 -44.57
C ASN A 84 10.81 8.20 -44.48
N THR A 85 10.21 8.62 -43.36
CA THR A 85 10.05 10.04 -43.07
C THR A 85 10.44 10.33 -41.63
N THR A 86 10.98 11.53 -41.43
CA THR A 86 11.13 12.12 -40.10
C THR A 86 10.58 13.53 -40.14
N GLY A 87 9.96 13.93 -39.05
CA GLY A 87 9.30 15.22 -39.00
C GLY A 87 8.84 15.51 -37.59
N THR A 88 7.83 16.37 -37.51
CA THR A 88 7.34 16.84 -36.23
C THR A 88 5.82 16.73 -36.16
N VAL A 89 5.34 16.68 -34.93
CA VAL A 89 3.96 16.97 -34.59
C VAL A 89 3.99 17.87 -33.37
N SER A 90 2.96 18.70 -33.22
CA SER A 90 2.94 19.76 -32.22
C SER A 90 2.28 19.29 -30.94
N ILE A 91 2.69 19.89 -29.82
CA ILE A 91 2.05 19.64 -28.53
C ILE A 91 1.72 20.99 -27.89
N TYR A 92 0.51 21.07 -27.33
CA TYR A 92 0.00 22.26 -26.68
C TYR A 92 -0.32 21.94 -25.23
N ALA A 93 -0.16 22.95 -24.39
CA ALA A 93 -0.61 22.89 -22.99
C ALA A 93 -1.66 23.98 -22.81
N ASP A 94 -2.88 23.56 -22.50
CA ASP A 94 -4.01 24.46 -22.30
C ASP A 94 -4.11 25.48 -23.45
N GLY A 95 -3.97 25.00 -24.68
CA GLY A 95 -4.11 25.86 -25.84
C GLY A 95 -2.87 26.69 -26.20
N VAL A 96 -1.79 26.58 -25.44
CA VAL A 96 -0.54 27.26 -25.76
C VAL A 96 0.43 26.22 -26.31
N SER A 97 0.97 26.47 -27.50
CA SER A 97 1.92 25.54 -28.08
C SER A 97 3.20 25.53 -27.25
N LYS A 98 3.73 24.32 -27.01
CA LYS A 98 4.81 24.17 -26.05
C LYS A 98 6.00 23.36 -26.56
N GLY A 99 5.96 22.89 -27.79
CA GLY A 99 7.05 22.11 -28.32
C GLY A 99 6.61 21.35 -29.56
N LYS A 100 7.51 20.47 -30.00
CA LYS A 100 7.31 19.63 -31.17
C LYS A 100 7.91 18.26 -30.85
N PHE A 101 7.09 17.22 -30.90
CA PHE A 101 7.65 15.87 -30.93
C PHE A 101 8.48 15.68 -32.20
N ASN A 102 9.57 14.93 -32.07
CA ASN A 102 10.39 14.52 -33.21
C ASN A 102 9.99 13.11 -33.60
N VAL A 103 9.14 12.98 -34.62
CA VAL A 103 8.61 11.70 -35.01
C VAL A 103 9.35 11.23 -36.27
N SER A 104 9.33 9.92 -36.49
CA SER A 104 10.20 9.28 -37.46
C SER A 104 9.84 7.79 -37.57
N SER A 105 9.93 7.26 -38.79
CA SER A 105 9.74 5.84 -39.03
C SER A 105 11.05 5.09 -39.19
N LYS A 106 12.15 5.63 -38.63
CA LYS A 106 13.48 5.03 -38.77
C LYS A 106 13.59 3.63 -38.15
N PHE A 107 12.81 3.33 -37.12
CA PHE A 107 12.91 2.05 -36.45
C PHE A 107 11.71 1.16 -36.73
N SER A 108 10.73 1.65 -37.48
CA SER A 108 9.53 0.90 -37.82
C SER A 108 9.62 0.45 -39.27
N TYR A 109 8.56 -0.22 -39.73
CA TYR A 109 8.38 -0.76 -41.10
C TYR A 109 9.31 -1.93 -41.40
N LEU A 110 8.93 -3.11 -40.94
CA LEU A 110 9.64 -4.34 -41.26
C LEU A 110 8.74 -5.15 -42.17
N TYR A 111 9.35 -5.75 -43.19
CA TYR A 111 8.63 -6.21 -44.36
C TYR A 111 8.62 -7.72 -44.41
N ALA A 112 7.46 -8.28 -44.75
CA ALA A 112 7.35 -9.72 -44.92
C ALA A 112 6.10 -10.02 -45.75
N THR A 113 5.64 -11.26 -45.68
CA THR A 113 4.58 -11.77 -46.53
C THR A 113 3.76 -12.72 -45.67
N PRO A 114 2.43 -12.73 -45.85
CA PRO A 114 1.60 -13.64 -45.07
C PRO A 114 2.13 -15.06 -44.99
N SER A 115 2.83 -15.52 -46.03
CA SER A 115 3.38 -16.86 -46.08
C SER A 115 4.83 -16.94 -45.61
N THR A 116 5.46 -15.80 -45.33
CA THR A 116 6.83 -15.80 -44.84
C THR A 116 6.92 -15.07 -43.51
N LEU A 117 5.97 -15.32 -42.61
CA LEU A 117 5.95 -14.57 -41.35
C LEU A 117 7.14 -14.90 -40.47
N GLY A 118 7.82 -16.03 -40.70
CA GLY A 118 9.07 -16.31 -40.02
C GLY A 118 10.14 -15.26 -40.24
N ARG A 119 10.05 -14.47 -41.32
CA ARG A 119 10.96 -13.37 -41.61
C ARG A 119 10.57 -12.10 -40.88
N LEU A 120 9.45 -12.11 -40.17
CA LEU A 120 8.96 -10.89 -39.53
C LEU A 120 9.94 -10.45 -38.45
N GLY A 121 10.38 -9.19 -38.58
CA GLY A 121 11.42 -8.60 -37.79
C GLY A 121 12.80 -8.59 -38.43
N TYR A 122 13.04 -9.44 -39.43
CA TYR A 122 14.39 -9.55 -39.96
C TYR A 122 14.66 -8.62 -41.13
N ASP A 123 13.62 -8.24 -41.88
CA ASP A 123 13.78 -7.58 -43.17
C ASP A 123 13.27 -6.14 -43.10
N ASN A 124 14.18 -5.18 -43.26
CA ASN A 124 13.80 -3.79 -43.19
C ASN A 124 13.58 -3.13 -44.54
N ALA A 125 14.01 -3.76 -45.63
CA ALA A 125 13.88 -3.04 -46.90
C ALA A 125 12.55 -3.34 -47.58
N PRO A 126 11.81 -2.33 -48.03
CA PRO A 126 10.65 -2.60 -48.88
C PRO A 126 11.07 -3.31 -50.16
N GLY A 127 10.12 -4.02 -50.76
CA GLY A 127 10.34 -4.69 -52.03
C GLY A 127 9.01 -5.15 -52.61
N ALA A 128 9.10 -5.74 -53.80
CA ALA A 128 7.91 -6.13 -54.53
C ALA A 128 7.17 -7.24 -53.80
N GLY A 129 5.87 -7.02 -53.56
CA GLY A 129 5.02 -8.01 -52.94
C GLY A 129 5.12 -8.12 -51.43
N LEU A 130 5.84 -7.21 -50.77
CA LEU A 130 6.05 -7.26 -49.33
C LEU A 130 5.06 -6.37 -48.61
N THR A 131 4.46 -6.89 -47.54
CA THR A 131 3.62 -6.09 -46.65
C THR A 131 4.45 -5.45 -45.54
N ALA A 132 4.09 -4.22 -45.17
CA ALA A 132 4.78 -3.57 -44.06
C ALA A 132 4.16 -3.97 -42.72
N TYR A 133 5.00 -4.33 -41.76
CA TYR A 133 4.57 -4.58 -40.39
C TYR A 133 5.37 -3.71 -39.43
N TRP A 134 5.06 -3.84 -38.15
CA TRP A 134 5.68 -3.06 -37.08
C TRP A 134 5.60 -1.56 -37.40
N LEU A 135 4.37 -1.05 -37.39
CA LEU A 135 4.14 0.29 -37.93
C LEU A 135 4.37 1.40 -36.93
N TYR A 136 4.29 1.12 -35.63
CA TYR A 136 4.30 2.16 -34.61
C TYR A 136 5.68 2.29 -33.98
N GLU A 137 6.12 3.53 -33.79
CA GLU A 137 7.30 3.85 -33.01
C GLU A 137 6.96 4.97 -32.02
N ASP A 138 7.97 5.38 -31.24
CA ASP A 138 7.78 6.32 -30.15
C ASP A 138 8.61 7.60 -30.36
N ALA A 139 8.06 8.69 -29.86
CA ALA A 139 8.76 9.96 -29.78
C ALA A 139 8.76 10.38 -28.32
N GLN A 140 9.89 10.89 -27.83
CA GLN A 140 9.99 11.28 -26.44
C GLN A 140 10.25 12.78 -26.35
N LEU A 141 9.58 13.44 -25.41
CA LEU A 141 9.68 14.89 -25.29
C LEU A 141 9.59 15.28 -23.82
N MET A 142 10.49 16.13 -23.39
CA MET A 142 10.44 16.67 -22.05
C MET A 142 10.20 18.17 -22.20
N LEU A 143 9.27 18.69 -21.42
CA LEU A 143 8.95 20.10 -21.44
C LEU A 143 9.55 20.79 -20.21
N ASP A 144 9.69 22.12 -20.31
CA ASP A 144 10.37 22.89 -19.27
C ASP A 144 9.44 23.30 -18.14
N GLN A 145 8.39 22.52 -17.86
CA GLN A 145 7.43 22.90 -16.84
C GLN A 145 6.79 21.61 -16.36
N VAL A 146 6.55 21.50 -15.07
CA VAL A 146 5.70 20.43 -14.58
C VAL A 146 4.26 20.91 -14.72
N TYR A 147 3.44 20.17 -15.49
CA TYR A 147 2.06 20.61 -15.62
C TYR A 147 1.15 19.81 -14.70
N PRO A 148 0.23 20.49 -14.04
CA PRO A 148 -0.66 19.82 -13.08
C PRO A 148 -1.59 18.82 -13.75
N ALA A 149 -2.09 17.89 -12.94
CA ALA A 149 -3.27 17.16 -13.35
C ALA A 149 -4.35 18.15 -13.77
N GLY A 150 -5.24 17.71 -14.67
CA GLY A 150 -6.25 18.58 -15.21
C GLY A 150 -5.79 19.44 -16.37
N THR A 151 -4.50 19.53 -16.63
CA THR A 151 -4.00 20.18 -17.82
C THR A 151 -4.50 19.45 -19.05
N LYS A 152 -4.96 20.20 -20.04
CA LYS A 152 -5.39 19.66 -21.32
C LYS A 152 -4.19 19.65 -22.24
N ILE A 153 -3.62 18.46 -22.48
CA ILE A 153 -2.47 18.30 -23.37
C ILE A 153 -2.98 17.93 -24.75
N LYS A 154 -2.75 18.81 -25.73
CA LYS A 154 -3.29 18.63 -27.08
C LYS A 154 -2.17 18.23 -28.04
N ILE A 155 -2.33 17.09 -28.72
CA ILE A 155 -1.43 16.65 -29.79
C ILE A 155 -2.01 17.08 -31.13
N GLN A 156 -1.29 17.90 -31.87
CA GLN A 156 -1.91 18.61 -32.98
C GLN A 156 -0.96 18.70 -34.16
N LYS A 157 -1.53 18.59 -35.36
CA LYS A 157 -0.81 18.63 -36.63
C LYS A 157 -0.91 20.04 -37.20
N ASP A 158 0.12 20.85 -37.00
CA ASP A 158 0.14 22.22 -37.47
C ASP A 158 0.81 22.29 -38.84
N ALA A 159 0.80 23.49 -39.42
CA ALA A 159 1.59 23.73 -40.64
C ALA A 159 3.07 23.47 -40.39
N GLY A 160 3.70 22.73 -41.30
CA GLY A 160 5.06 22.29 -41.12
C GLY A 160 5.23 20.94 -40.44
N ASP A 161 4.19 20.44 -39.77
CA ASP A 161 4.27 19.11 -39.18
C ASP A 161 4.15 18.06 -40.29
N VAL A 162 4.27 16.78 -39.89
CA VAL A 162 4.26 15.72 -40.88
C VAL A 162 2.93 15.73 -41.65
N SER A 163 2.95 15.03 -42.80
CA SER A 163 1.78 14.97 -43.67
C SER A 163 0.60 14.30 -42.97
N TRP A 164 0.84 13.15 -42.34
CA TRP A 164 -0.22 12.46 -41.60
C TRP A 164 0.43 11.64 -40.51
N ILE A 165 -0.36 11.26 -39.51
CA ILE A 165 0.18 10.57 -38.35
C ILE A 165 -0.95 9.83 -37.65
N TYR A 166 -0.66 8.61 -37.20
CA TYR A 166 -1.58 7.87 -36.35
C TYR A 166 -1.12 8.02 -34.90
N VAL A 167 -1.98 8.59 -34.05
CA VAL A 167 -1.63 8.79 -32.64
C VAL A 167 -2.25 7.64 -31.85
N ASP A 168 -1.40 6.81 -31.23
CA ASP A 168 -1.83 5.59 -30.56
C ASP A 168 -2.11 5.82 -29.07
N LEU A 169 -1.08 6.24 -28.32
CA LEU A 169 -1.23 6.54 -26.91
C LEU A 169 -0.24 7.64 -26.56
N LEU A 170 -0.44 8.25 -25.40
CA LEU A 170 0.54 9.17 -24.82
C LEU A 170 0.82 8.68 -23.41
N GLU A 171 2.08 8.33 -23.13
CA GLU A 171 2.46 8.23 -21.72
C GLU A 171 2.92 9.58 -21.22
N THR A 172 2.59 9.87 -19.97
CA THR A 172 3.01 11.06 -19.27
C THR A 172 3.79 10.67 -18.02
N GLU A 173 4.72 11.51 -17.60
CA GLU A 173 5.46 11.22 -16.39
C GLU A 173 5.93 12.51 -15.72
N ASN A 174 5.84 12.51 -14.41
CA ASN A 174 6.48 13.54 -13.59
C ASN A 174 7.85 13.02 -13.23
N VAL A 175 8.87 13.53 -13.92
CA VAL A 175 10.23 13.04 -13.81
C VAL A 175 10.98 13.92 -12.80
N ALA A 176 11.60 13.29 -11.80
CA ALA A 176 12.38 14.01 -10.83
C ALA A 176 13.51 14.75 -11.53
N PRO A 177 14.11 15.73 -10.87
CA PRO A 177 15.36 16.31 -11.39
C PRO A 177 16.45 15.26 -11.42
N PRO A 178 17.49 15.45 -12.25
CA PRO A 178 18.54 14.43 -12.35
C PRO A 178 19.32 14.30 -11.05
N GLN A 179 19.59 13.05 -10.68
CA GLN A 179 20.40 12.78 -9.50
C GLN A 179 21.88 12.96 -9.83
N ALA A 180 22.59 13.67 -8.96
CA ALA A 180 24.02 13.90 -9.13
C ALA A 180 24.84 12.71 -8.63
N ASN A 181 26.13 12.77 -8.91
CA ASN A 181 27.08 11.77 -8.46
C ASN A 181 26.88 11.46 -6.97
N PRO A 182 26.56 10.22 -6.62
CA PRO A 182 26.34 9.91 -5.18
C PRO A 182 27.50 10.31 -4.27
N ASP A 183 28.72 10.41 -4.79
CA ASP A 183 29.92 10.75 -4.02
C ASP A 183 31.08 10.81 -4.99
N PRO A 184 31.53 12.00 -5.39
CA PRO A 184 32.67 12.08 -6.31
C PRO A 184 33.94 11.37 -5.83
N THR A 185 34.04 10.99 -4.57
CA THR A 185 35.25 10.29 -4.14
C THR A 185 35.14 8.80 -4.38
N LYS A 186 33.92 8.26 -4.48
CA LYS A 186 33.71 6.84 -4.67
C LYS A 186 33.27 6.44 -6.07
N TYR A 187 32.86 7.38 -6.92
CA TYR A 187 32.44 7.09 -8.29
C TYR A 187 33.23 7.98 -9.24
N VAL A 188 34.00 7.35 -10.12
CA VAL A 188 34.68 8.11 -11.16
C VAL A 188 33.64 8.57 -12.18
N ALA A 189 33.67 9.86 -12.50
CA ALA A 189 32.66 10.47 -13.33
C ALA A 189 33.03 10.39 -14.80
N VAL A 190 32.09 9.89 -15.62
CA VAL A 190 32.20 10.14 -17.05
C VAL A 190 32.05 11.64 -17.26
N SER A 191 32.76 12.19 -18.26
CA SER A 191 32.66 13.60 -18.55
C SER A 191 32.99 13.85 -20.02
N ALA A 192 32.86 15.13 -20.43
CA ALA A 192 33.26 15.54 -21.76
C ALA A 192 34.67 15.10 -22.11
N SER A 193 35.57 15.03 -21.13
CA SER A 193 36.94 14.59 -21.33
C SER A 193 37.18 13.12 -20.99
N LYS A 194 36.24 12.44 -20.33
CA LYS A 194 36.47 11.07 -19.88
C LYS A 194 35.34 10.17 -20.33
N SER A 195 35.68 9.14 -21.09
CA SER A 195 34.71 8.18 -21.62
C SER A 195 34.33 7.14 -20.57
N ILE A 196 33.28 6.39 -20.87
CA ILE A 196 32.91 5.26 -20.03
C ILE A 196 34.09 4.32 -19.86
N ASP A 197 34.72 3.93 -20.96
CA ASP A 197 35.90 3.06 -20.89
C ASP A 197 36.96 3.62 -19.95
N GLN A 198 37.34 4.88 -20.13
CA GLN A 198 38.38 5.46 -19.29
C GLN A 198 37.98 5.47 -17.81
N ALA A 199 36.74 5.87 -17.50
CA ALA A 199 36.29 5.87 -16.11
C ALA A 199 36.33 4.47 -15.52
N LEU A 200 36.02 3.45 -16.32
CA LEU A 200 36.09 2.09 -15.81
C LEU A 200 37.52 1.65 -15.52
N THR A 201 38.47 2.08 -16.35
CA THR A 201 39.89 1.78 -16.10
C THR A 201 40.35 2.38 -14.79
N GLU A 202 40.02 3.66 -14.56
CA GLU A 202 40.36 4.33 -13.32
C GLU A 202 39.68 3.69 -12.12
N PHE A 203 38.43 3.24 -12.30
CA PHE A 203 37.75 2.51 -11.24
C PHE A 203 38.47 1.21 -10.90
N ARG A 204 38.75 0.41 -11.93
CA ARG A 204 39.47 -0.84 -11.68
C ARG A 204 40.79 -0.57 -10.96
N GLN A 205 41.50 0.47 -11.37
CA GLN A 205 42.85 0.71 -10.88
C GLN A 205 42.92 1.38 -9.51
N ASP A 206 41.79 1.79 -8.95
CA ASP A 206 41.76 2.52 -7.68
C ASP A 206 40.77 1.78 -6.77
N ASN A 207 41.28 0.99 -5.84
CA ASN A 207 40.45 0.03 -5.13
C ASN A 207 39.37 0.68 -4.27
N THR A 208 39.47 1.99 -4.02
CA THR A 208 38.46 2.69 -3.21
C THR A 208 37.23 3.10 -4.01
N LYS A 209 37.33 3.12 -5.33
CA LYS A 209 36.17 3.38 -6.18
C LYS A 209 35.22 2.18 -6.16
N LYS A 210 33.92 2.49 -6.08
CA LYS A 210 32.89 1.48 -6.23
C LYS A 210 32.34 1.37 -7.65
N GLY A 211 32.79 2.21 -8.57
CA GLY A 211 32.28 2.18 -9.91
C GLY A 211 32.31 3.57 -10.52
N ILE A 212 31.41 3.79 -11.47
CA ILE A 212 31.43 5.01 -12.25
C ILE A 212 30.07 5.69 -12.15
N TYR A 213 30.10 7.00 -12.40
CA TYR A 213 28.91 7.83 -12.51
C TYR A 213 28.84 8.36 -13.92
N ILE A 214 27.70 8.15 -14.57
CA ILE A 214 27.45 8.71 -15.90
C ILE A 214 26.44 9.83 -15.73
N PRO A 215 26.79 11.08 -16.02
CA PRO A 215 25.87 12.20 -15.77
C PRO A 215 24.87 12.46 -16.89
N ALA A 216 23.98 13.42 -16.64
CA ALA A 216 23.04 13.84 -17.65
C ALA A 216 23.78 14.12 -18.95
N GLY A 217 23.21 13.69 -20.06
CA GLY A 217 23.78 13.96 -21.35
C GLY A 217 23.74 12.73 -22.22
N GLU A 218 24.39 12.82 -23.37
CA GLU A 218 24.36 11.79 -24.40
C GLU A 218 25.78 11.25 -24.60
N TRP A 219 25.98 10.00 -24.22
CA TRP A 219 27.29 9.37 -24.22
C TRP A 219 27.28 8.25 -25.25
N THR A 220 28.31 8.23 -26.11
CA THR A 220 28.38 7.20 -27.13
C THR A 220 28.74 5.87 -26.50
N ILE A 221 28.08 4.79 -26.93
CA ILE A 221 28.58 3.43 -26.73
C ILE A 221 28.69 2.81 -28.12
N ASN A 222 29.92 2.71 -28.63
CA ASN A 222 30.19 2.04 -29.89
C ASN A 222 30.86 0.70 -29.67
N SER A 223 30.79 0.20 -28.43
CA SER A 223 31.58 -0.93 -27.98
C SER A 223 30.71 -1.87 -27.16
N LYS A 224 31.13 -3.13 -27.07
CA LYS A 224 30.70 -3.99 -25.98
C LYS A 224 31.66 -3.76 -24.80
N ILE A 225 31.16 -3.16 -23.73
CA ILE A 225 31.97 -2.78 -22.58
C ILE A 225 32.00 -3.95 -21.60
N PHE A 226 33.16 -4.59 -21.46
CA PHE A 226 33.29 -5.76 -20.61
C PHE A 226 33.56 -5.32 -19.18
N LEU A 227 32.77 -5.83 -18.24
CA LEU A 227 32.95 -5.56 -16.83
C LEU A 227 33.63 -6.77 -16.18
N TYR A 228 34.80 -6.55 -15.60
CA TYR A 228 35.59 -7.63 -15.03
C TYR A 228 36.38 -7.06 -13.86
N GLY A 229 37.17 -7.91 -13.22
CA GLY A 229 37.99 -7.46 -12.12
C GLY A 229 37.30 -7.57 -10.78
N ARG A 230 36.33 -6.73 -10.49
CA ARG A 230 35.52 -6.91 -9.30
C ARG A 230 34.11 -6.40 -9.57
N ALA A 231 33.20 -6.71 -8.65
CA ALA A 231 31.87 -6.12 -8.67
C ALA A 231 31.93 -4.62 -8.94
N THR A 232 31.13 -4.17 -9.89
CA THR A 232 31.21 -2.82 -10.44
C THR A 232 29.85 -2.13 -10.36
N GLU A 233 29.84 -0.88 -9.91
CA GLU A 233 28.61 -0.09 -9.86
C GLU A 233 28.58 0.96 -10.96
N ILE A 234 27.57 0.86 -11.85
CA ILE A 234 27.39 1.80 -12.96
C ILE A 234 26.09 2.55 -12.73
N VAL A 235 26.20 3.84 -12.45
CA VAL A 235 25.09 4.67 -11.95
C VAL A 235 24.89 5.84 -12.91
N GLY A 236 23.63 6.10 -13.24
CA GLY A 236 23.29 7.26 -14.03
C GLY A 236 22.58 8.32 -13.21
N ALA A 237 22.19 9.39 -13.92
CA ALA A 237 21.40 10.47 -13.35
C ALA A 237 19.89 10.24 -13.49
N GLY A 238 19.46 9.15 -14.15
CA GLY A 238 18.07 8.91 -14.44
C GLY A 238 17.87 8.54 -15.91
N PRO A 239 17.00 7.57 -16.20
CA PRO A 239 16.75 7.20 -17.62
C PRO A 239 16.41 8.37 -18.53
N TRP A 240 15.76 9.41 -18.03
CA TRP A 240 15.47 10.53 -18.92
C TRP A 240 16.68 11.43 -19.13
N TYR A 241 17.73 11.26 -18.36
CA TYR A 241 18.82 12.22 -18.39
C TYR A 241 20.13 11.62 -18.87
N THR A 242 20.46 10.40 -18.45
CA THR A 242 21.70 9.75 -18.84
C THR A 242 21.39 8.81 -20.00
N LYS A 243 21.78 9.20 -21.20
CA LYS A 243 21.48 8.43 -22.41
C LYS A 243 22.77 7.84 -23.00
N LEU A 244 22.90 6.52 -22.92
CA LEU A 244 23.91 5.80 -23.69
C LEU A 244 23.40 5.58 -25.11
N VAL A 245 24.16 6.04 -26.10
CA VAL A 245 23.67 6.20 -27.47
C VAL A 245 24.59 5.43 -28.41
N ALA A 246 24.10 4.29 -28.89
CA ALA A 246 24.75 3.62 -29.99
C ALA A 246 24.84 4.59 -31.17
N PRO A 247 25.95 4.62 -31.90
CA PRO A 247 26.13 5.64 -32.96
C PRO A 247 25.05 5.59 -34.02
N GLN A 248 24.26 6.67 -34.12
CA GLN A 248 23.06 6.63 -34.94
C GLN A 248 23.37 6.66 -36.44
N SER A 249 24.56 7.13 -36.83
CA SER A 249 25.00 7.04 -38.22
C SER A 249 25.17 5.59 -38.68
N GLN A 250 25.40 4.67 -37.76
CA GLN A 250 25.55 3.25 -38.10
C GLN A 250 24.27 2.50 -37.74
N SER A 251 24.18 1.26 -38.21
CA SER A 251 23.07 0.38 -37.88
C SER A 251 23.56 -0.98 -37.41
N ASN A 252 22.81 -1.58 -36.49
CA ASN A 252 23.04 -2.95 -35.99
C ASN A 252 24.42 -3.11 -35.37
N THR A 253 24.84 -2.12 -34.60
CA THR A 253 26.11 -2.14 -33.90
C THR A 253 25.95 -2.79 -32.52
N ASP A 254 26.65 -3.90 -32.31
CA ASP A 254 26.51 -4.66 -31.06
C ASP A 254 27.26 -3.94 -29.94
N VAL A 255 26.51 -3.23 -29.10
CA VAL A 255 27.06 -2.43 -28.01
C VAL A 255 26.37 -2.83 -26.71
N GLY A 256 26.89 -2.29 -25.60
CA GLY A 256 26.27 -2.59 -24.32
C GLY A 256 27.26 -3.06 -23.28
N PHE A 257 26.84 -3.97 -22.41
CA PHE A 257 27.72 -4.48 -21.38
C PHE A 257 27.80 -5.99 -21.45
N ASN A 258 28.99 -6.53 -21.20
CA ASN A 258 29.17 -7.95 -20.90
C ASN A 258 29.66 -8.10 -19.46
N ILE A 259 28.95 -8.92 -18.68
CA ILE A 259 29.21 -9.08 -17.24
C ILE A 259 29.54 -10.55 -17.01
N SER A 260 30.83 -10.85 -16.87
CA SER A 260 31.31 -12.19 -16.56
C SER A 260 31.25 -12.45 -15.05
N ALA A 261 31.82 -13.58 -14.62
CA ALA A 261 31.74 -13.95 -13.21
C ALA A 261 32.66 -13.12 -12.34
N ALA A 262 33.71 -12.53 -12.93
CA ALA A 262 34.55 -11.63 -12.17
C ALA A 262 33.76 -10.46 -11.58
N ALA A 263 32.71 -10.01 -12.28
CA ALA A 263 31.91 -8.87 -11.85
C ALA A 263 30.58 -9.29 -11.24
N ASN A 264 30.48 -10.54 -10.76
CA ASN A 264 29.36 -10.89 -9.92
C ASN A 264 29.13 -9.83 -8.85
N GLY A 265 27.87 -9.57 -8.54
CA GLY A 265 27.58 -8.52 -7.59
C GLY A 265 27.60 -7.12 -8.15
N SER A 266 27.73 -6.96 -9.47
CA SER A 266 27.76 -5.64 -10.07
C SER A 266 26.35 -5.03 -10.08
N THR A 267 26.29 -3.72 -10.30
CA THR A 267 25.02 -2.99 -10.36
C THR A 267 25.03 -2.07 -11.56
N ILE A 268 23.91 -2.01 -12.27
CA ILE A 268 23.67 -1.03 -13.32
C ILE A 268 22.31 -0.39 -13.03
N ARG A 269 22.27 0.95 -12.98
CA ARG A 269 21.02 1.59 -12.65
C ARG A 269 20.92 3.03 -13.14
N ASP A 270 19.67 3.46 -13.36
CA ASP A 270 19.28 4.87 -13.48
C ASP A 270 19.82 5.53 -14.76
N LEU A 271 19.75 4.81 -15.87
CA LEU A 271 20.19 5.33 -17.15
C LEU A 271 19.31 4.75 -18.24
N SER A 272 19.55 5.19 -19.47
CA SER A 272 18.86 4.67 -20.64
C SER A 272 19.88 4.40 -21.73
N ALA A 273 19.54 3.45 -22.61
CA ALA A 273 20.44 3.00 -23.66
C ALA A 273 19.66 2.97 -24.96
N TRP A 274 20.10 3.75 -25.94
CA TRP A 274 19.38 3.89 -27.20
C TRP A 274 20.17 3.20 -28.30
N GLY A 275 19.67 2.06 -28.75
CA GLY A 275 20.37 1.27 -29.73
C GLY A 275 20.25 1.86 -31.12
N ASN A 276 20.93 1.21 -32.07
CA ASN A 276 20.85 1.62 -33.46
C ASN A 276 20.47 0.46 -34.39
N TYR A 277 19.79 -0.57 -33.88
CA TYR A 277 19.34 -1.68 -34.70
C TYR A 277 18.08 -1.33 -35.49
N ILE A 278 18.03 -1.76 -36.75
CA ILE A 278 16.86 -1.56 -37.60
C ILE A 278 16.22 -2.87 -38.03
N ASN A 279 16.75 -4.00 -37.59
CA ASN A 279 16.19 -5.28 -37.91
C ASN A 279 16.77 -6.28 -36.92
N ARG A 280 16.15 -7.45 -36.85
CA ARG A 280 16.67 -8.50 -35.99
C ARG A 280 17.97 -9.09 -36.54
N VAL A 281 18.91 -9.37 -35.64
CA VAL A 281 20.10 -10.18 -35.90
C VAL A 281 20.23 -11.18 -34.76
N ASP A 282 20.47 -12.44 -35.09
CA ASP A 282 20.48 -13.51 -34.09
C ASP A 282 21.91 -13.85 -33.69
N GLY A 283 22.23 -13.59 -32.43
CA GLY A 283 23.58 -13.74 -31.93
C GLY A 283 23.99 -12.48 -31.21
N PRO A 284 24.31 -11.44 -31.96
CA PRO A 284 24.56 -10.11 -31.37
C PRO A 284 23.26 -9.41 -30.99
N GLY A 285 23.42 -8.20 -30.44
CA GLY A 285 22.33 -7.29 -30.23
C GLY A 285 21.73 -7.22 -28.84
N LYS A 286 22.24 -7.98 -27.87
CA LYS A 286 21.75 -7.86 -26.50
C LYS A 286 22.43 -6.70 -25.79
N PHE A 287 21.66 -5.92 -25.03
CA PHE A 287 22.27 -4.78 -24.34
C PHE A 287 23.18 -5.24 -23.19
N ILE A 288 22.75 -6.21 -22.41
CA ILE A 288 23.59 -6.83 -21.39
C ILE A 288 23.76 -8.31 -21.72
N ASP A 289 25.02 -8.78 -21.73
CA ASP A 289 25.34 -10.19 -21.92
C ASP A 289 25.65 -10.79 -20.55
N GLY A 290 24.84 -11.76 -20.11
CA GLY A 290 25.09 -12.45 -18.85
C GLY A 290 25.69 -13.82 -19.06
N ASN A 291 26.99 -13.94 -18.91
CA ASN A 291 27.66 -15.24 -19.03
C ASN A 291 28.07 -15.67 -17.64
N GLY A 292 27.23 -16.45 -16.99
CA GLY A 292 27.53 -16.92 -15.65
C GLY A 292 27.55 -15.84 -14.59
N MET A 293 27.02 -14.67 -14.86
CA MET A 293 27.04 -13.62 -13.86
C MET A 293 26.11 -13.98 -12.69
N GLN A 294 26.42 -13.47 -11.52
CA GLN A 294 25.61 -13.77 -10.35
C GLN A 294 25.46 -12.52 -9.53
N ASN A 295 24.31 -12.41 -8.84
CA ASN A 295 24.06 -11.30 -7.93
C ASN A 295 24.23 -9.94 -8.59
N VAL A 296 24.00 -9.86 -9.89
CA VAL A 296 23.95 -8.59 -10.60
C VAL A 296 22.55 -8.04 -10.48
N THR A 297 22.47 -6.75 -10.21
CA THR A 297 21.21 -6.02 -10.13
C THR A 297 21.19 -5.05 -11.29
N VAL A 298 20.18 -5.17 -12.14
CA VAL A 298 19.89 -4.21 -13.20
C VAL A 298 18.60 -3.49 -12.83
N GLN A 299 18.69 -2.19 -12.59
CA GLN A 299 17.57 -1.51 -11.97
C GLN A 299 17.28 -0.18 -12.65
N ASN A 300 16.00 0.06 -12.94
CA ASN A 300 15.54 1.36 -13.45
C ASN A 300 16.34 1.80 -14.68
N ILE A 301 16.52 0.89 -15.64
CA ILE A 301 17.05 1.27 -16.95
C ILE A 301 15.94 1.20 -17.99
N TRP A 302 16.17 1.89 -19.09
CA TRP A 302 15.22 2.09 -20.17
C TRP A 302 15.98 1.81 -21.47
N VAL A 303 15.62 0.73 -22.16
CA VAL A 303 16.36 0.24 -23.32
C VAL A 303 15.47 0.24 -24.54
N GLU A 304 16.02 0.60 -25.71
CA GLU A 304 15.26 0.64 -26.95
C GLU A 304 16.17 0.29 -28.12
N HIS A 305 15.57 -0.35 -29.15
CA HIS A 305 16.24 -0.57 -30.43
C HIS A 305 17.53 -1.37 -30.28
N PHE A 306 17.50 -2.31 -29.35
CA PHE A 306 18.44 -3.41 -29.31
C PHE A 306 17.69 -4.66 -29.75
N VAL A 307 18.43 -5.74 -29.97
CA VAL A 307 17.77 -7.02 -30.18
C VAL A 307 17.11 -7.48 -28.88
N CYS A 308 17.85 -7.42 -27.77
CA CYS A 308 17.27 -7.74 -26.46
C CYS A 308 17.84 -6.79 -25.43
N LEU A 309 17.12 -6.69 -24.30
CA LEU A 309 17.71 -6.03 -23.14
C LEU A 309 18.74 -6.95 -22.50
N TYR A 310 18.35 -8.18 -22.22
CA TYR A 310 19.22 -9.11 -21.50
C TYR A 310 19.03 -10.49 -22.08
N TRP A 311 20.14 -11.22 -22.24
CA TRP A 311 20.08 -12.65 -22.51
C TRP A 311 21.11 -13.31 -21.61
N GLY A 312 20.62 -14.09 -20.65
CA GLY A 312 21.47 -14.72 -19.66
C GLY A 312 21.78 -16.16 -20.03
N VAL A 313 23.03 -16.54 -19.75
CA VAL A 313 23.53 -17.89 -19.94
C VAL A 313 24.09 -18.34 -18.60
N ASN A 314 23.42 -19.28 -17.95
CA ASN A 314 23.90 -19.83 -16.68
C ASN A 314 24.22 -18.72 -15.69
N SER A 315 23.43 -17.66 -15.71
CA SER A 315 23.53 -16.59 -14.74
C SER A 315 22.39 -16.76 -13.76
N SER A 316 22.71 -16.68 -12.48
CA SER A 316 21.76 -17.00 -11.42
C SER A 316 21.82 -15.94 -10.33
N TYR A 317 20.78 -15.92 -9.50
CA TYR A 317 20.68 -15.05 -8.33
C TYR A 317 20.70 -13.57 -8.69
N ASN A 318 20.25 -13.23 -9.89
CA ASN A 318 20.28 -11.85 -10.35
C ASN A 318 18.91 -11.19 -10.18
N THR A 319 18.92 -9.85 -10.19
CA THR A 319 17.74 -9.03 -9.98
C THR A 319 17.54 -8.08 -11.16
N PHE A 320 16.32 -8.07 -11.70
CA PHE A 320 15.91 -7.17 -12.77
C PHE A 320 14.65 -6.46 -12.33
N LYS A 321 14.79 -5.17 -12.01
CA LYS A 321 13.85 -4.47 -11.16
C LYS A 321 13.59 -3.09 -11.76
N ASN A 322 12.32 -2.82 -12.06
CA ASN A 322 11.85 -1.50 -12.46
C ASN A 322 12.36 -1.05 -13.82
N ASN A 323 12.66 -1.95 -14.75
CA ASN A 323 13.20 -1.45 -16.01
C ASN A 323 12.08 -1.30 -17.04
N ARG A 324 12.37 -0.54 -18.09
CA ARG A 324 11.49 -0.37 -19.24
C ARG A 324 12.17 -0.94 -20.47
N ILE A 325 11.48 -1.83 -21.15
CA ILE A 325 11.99 -2.49 -22.34
C ILE A 325 11.05 -2.12 -23.48
N LYS A 326 11.46 -1.22 -24.35
CA LYS A 326 10.56 -0.78 -25.41
C LYS A 326 11.22 -0.90 -26.78
N ASN A 327 10.51 -1.52 -27.72
CA ASN A 327 10.86 -1.47 -29.14
C ASN A 327 12.22 -2.11 -29.41
N THR A 328 12.34 -3.36 -28.99
CA THR A 328 13.46 -4.20 -29.39
C THR A 328 13.04 -5.12 -30.55
N PHE A 329 14.04 -5.77 -31.13
CA PHE A 329 13.82 -6.60 -32.31
C PHE A 329 13.76 -8.09 -32.01
N ALA A 330 14.00 -8.51 -30.76
CA ALA A 330 13.65 -9.88 -30.35
C ALA A 330 13.19 -9.85 -28.89
N ASP A 331 13.61 -10.82 -28.08
CA ASP A 331 13.09 -10.95 -26.72
C ASP A 331 13.46 -9.73 -25.90
N GLY A 332 12.71 -9.50 -24.83
CA GLY A 332 13.11 -8.48 -23.88
C GLY A 332 14.11 -9.04 -22.89
N ILE A 333 13.70 -10.07 -22.15
CA ILE A 333 14.51 -10.72 -21.15
C ILE A 333 14.34 -12.21 -21.33
N ASN A 334 15.44 -12.92 -21.53
CA ASN A 334 15.37 -14.37 -21.69
C ASN A 334 16.60 -14.97 -21.03
N MET A 335 16.48 -16.23 -20.62
CA MET A 335 17.52 -16.89 -19.85
C MET A 335 17.58 -18.38 -20.13
N THR A 336 18.79 -18.89 -20.34
CA THR A 336 19.04 -20.27 -20.69
C THR A 336 20.13 -20.87 -19.82
N ASN A 337 20.28 -22.20 -19.98
CA ASN A 337 21.44 -22.98 -19.53
C ASN A 337 21.58 -22.94 -18.01
N GLY A 338 20.52 -23.36 -17.32
CA GLY A 338 20.58 -23.38 -15.88
C GLY A 338 20.60 -22.02 -15.24
N SER A 339 19.94 -21.02 -15.83
CA SER A 339 19.80 -19.70 -15.21
C SER A 339 18.70 -19.80 -14.16
N SER A 340 19.08 -19.66 -12.88
CA SER A 340 18.24 -20.09 -11.76
C SER A 340 18.14 -18.99 -10.73
N TYR A 341 17.02 -18.99 -10.01
CA TYR A 341 16.83 -18.14 -8.83
C TYR A 341 17.06 -16.66 -9.16
N ASN A 342 16.69 -16.26 -10.37
CA ASN A 342 16.64 -14.84 -10.68
C ASN A 342 15.28 -14.26 -10.33
N VAL A 343 15.28 -12.96 -10.07
CA VAL A 343 14.08 -12.19 -9.73
C VAL A 343 13.86 -11.19 -10.85
N ILE A 344 12.79 -11.36 -11.61
CA ILE A 344 12.39 -10.41 -12.65
C ILE A 344 11.14 -9.72 -12.16
N ASP A 345 11.28 -8.54 -11.57
CA ASP A 345 10.26 -7.92 -10.74
C ASP A 345 9.98 -6.51 -11.20
N ASN A 346 8.72 -6.23 -11.50
CA ASN A 346 8.24 -4.88 -11.75
C ASN A 346 8.88 -4.25 -12.98
N ASN A 347 8.82 -4.97 -14.10
CA ASN A 347 9.33 -4.45 -15.36
C ASN A 347 8.19 -4.20 -16.34
N TYR A 348 8.40 -3.26 -17.24
CA TYR A 348 7.43 -2.88 -18.26
C TYR A 348 8.04 -3.11 -19.64
N ALA A 349 7.33 -3.84 -20.50
CA ALA A 349 7.75 -4.04 -21.88
C ALA A 349 6.66 -3.60 -22.86
N ARG A 350 7.07 -2.97 -23.95
CA ARG A 350 6.16 -2.58 -25.02
C ARG A 350 6.88 -2.64 -26.36
N GLY A 351 6.29 -3.34 -27.32
CA GLY A 351 6.87 -3.43 -28.63
C GLY A 351 8.16 -4.23 -28.74
N THR A 352 8.33 -5.27 -27.93
CA THR A 352 9.43 -6.20 -28.16
C THR A 352 9.25 -6.93 -29.49
N GLY A 353 10.36 -7.35 -30.08
CA GLY A 353 10.31 -8.01 -31.36
C GLY A 353 10.21 -9.51 -31.30
N ASP A 354 10.22 -10.07 -30.09
CA ASP A 354 9.87 -11.45 -29.81
C ASP A 354 9.32 -11.48 -28.39
N ALA A 355 9.22 -12.66 -27.79
CA ALA A 355 8.61 -12.77 -26.47
C ALA A 355 9.26 -11.82 -25.47
N SER A 356 8.42 -11.03 -24.80
CA SER A 356 8.91 -9.95 -23.94
C SER A 356 9.64 -10.48 -22.72
N PHE A 357 9.07 -11.47 -22.04
CA PHE A 357 9.66 -12.05 -20.84
C PHE A 357 9.61 -13.56 -21.01
N ALA A 358 10.79 -14.19 -21.05
CA ALA A 358 10.83 -15.60 -21.39
C ALA A 358 11.89 -16.33 -20.55
N LEU A 359 11.73 -17.65 -20.51
CA LEU A 359 12.60 -18.56 -19.77
C LEU A 359 12.76 -19.80 -20.65
N PHE A 360 13.98 -20.05 -21.11
CA PHE A 360 14.26 -21.07 -22.13
C PHE A 360 15.30 -22.02 -21.56
N SER A 361 14.88 -23.25 -21.26
CA SER A 361 15.82 -24.21 -20.68
C SER A 361 16.72 -24.86 -21.74
N ALA A 362 17.43 -24.05 -22.52
CA ALA A 362 18.38 -24.59 -23.48
C ALA A 362 19.65 -25.01 -22.75
N THR A 363 20.22 -26.11 -23.20
CA THR A 363 21.38 -26.71 -22.55
C THR A 363 22.57 -26.78 -23.49
N ASP A 364 22.64 -25.88 -24.47
CA ASP A 364 23.73 -25.92 -25.44
C ASP A 364 25.02 -25.31 -24.90
N SER A 365 25.02 -24.81 -23.67
CA SER A 365 26.24 -24.31 -23.03
C SER A 365 26.49 -24.99 -21.68
N GLY A 366 26.16 -26.29 -21.59
CA GLY A 366 26.44 -27.08 -20.42
C GLY A 366 25.74 -26.66 -19.15
N GLY A 367 24.44 -26.35 -19.25
CA GLY A 367 23.64 -26.03 -18.09
C GLY A 367 22.37 -26.86 -18.06
N SER A 368 21.89 -27.12 -16.84
CA SER A 368 20.72 -27.96 -16.67
C SER A 368 19.46 -27.09 -16.74
N TYR A 369 18.45 -27.42 -15.93
CA TYR A 369 17.19 -26.68 -15.94
C TYR A 369 17.35 -25.25 -15.46
N ASN A 370 16.61 -24.33 -16.06
CA ASN A 370 16.23 -23.07 -15.41
C ASN A 370 15.30 -23.37 -14.23
N VAL A 371 15.76 -23.15 -13.00
CA VAL A 371 14.96 -23.46 -11.82
C VAL A 371 14.80 -22.26 -10.92
N GLY A 372 13.71 -22.24 -10.15
CA GLY A 372 13.58 -21.30 -9.05
C GLY A 372 13.47 -19.83 -9.40
N ASN A 373 13.13 -19.48 -10.64
CA ASN A 373 13.09 -18.08 -11.03
C ASN A 373 11.71 -17.49 -10.71
N LYS A 374 11.69 -16.19 -10.45
CA LYS A 374 10.45 -15.51 -10.12
C LYS A 374 10.23 -14.37 -11.10
N TYR A 375 9.14 -14.43 -11.84
CA TYR A 375 8.76 -13.40 -12.82
C TYR A 375 7.49 -12.76 -12.28
N THR A 376 7.63 -11.59 -11.64
CA THR A 376 6.57 -11.01 -10.83
C THR A 376 6.31 -9.56 -11.23
N ASN A 377 5.07 -9.13 -11.10
CA ASN A 377 4.66 -7.74 -11.36
C ASN A 377 5.16 -7.26 -12.72
N LEU A 378 4.80 -8.01 -13.76
CA LEU A 378 5.29 -7.71 -15.09
C LEU A 378 4.13 -7.21 -15.95
N THR A 379 4.43 -6.24 -16.82
CA THR A 379 3.50 -5.71 -17.80
C THR A 379 4.17 -5.81 -19.16
N ALA A 380 3.47 -6.39 -20.13
CA ALA A 380 4.00 -6.61 -21.47
C ALA A 380 2.86 -6.38 -22.47
N THR A 381 2.93 -5.29 -23.23
CA THR A 381 1.92 -4.97 -24.23
C THR A 381 2.56 -4.81 -25.61
N ASN A 382 1.72 -4.92 -26.64
CA ASN A 382 2.14 -4.63 -28.02
C ASN A 382 3.31 -5.52 -28.42
N VAL A 383 3.19 -6.81 -28.13
CA VAL A 383 4.24 -7.75 -28.50
C VAL A 383 4.22 -7.93 -30.02
N ARG A 384 5.25 -7.42 -30.70
CA ARG A 384 5.28 -7.34 -32.15
C ARG A 384 5.49 -8.70 -32.80
N ARG A 385 5.98 -9.67 -32.04
CA ARG A 385 6.02 -11.06 -32.48
C ARG A 385 6.08 -11.94 -31.26
N ALA A 386 5.48 -13.12 -31.35
CA ALA A 386 5.42 -14.09 -30.26
C ALA A 386 4.66 -13.57 -29.04
N ALA A 387 4.88 -14.20 -27.91
CA ALA A 387 4.03 -14.05 -26.75
C ALA A 387 4.56 -13.02 -25.75
N ALA A 388 3.64 -12.50 -24.94
CA ALA A 388 4.01 -11.57 -23.89
C ALA A 388 4.96 -12.24 -22.90
N PHE A 389 4.59 -13.45 -22.47
CA PHE A 389 5.32 -14.26 -21.52
C PHE A 389 5.45 -15.66 -22.08
N ALA A 390 6.67 -16.16 -22.18
CA ALA A 390 6.89 -17.49 -22.75
C ALA A 390 7.74 -18.29 -21.78
N VAL A 391 7.32 -19.52 -21.50
CA VAL A 391 8.09 -20.40 -20.60
C VAL A 391 8.32 -21.72 -21.33
N TYR A 392 9.59 -22.02 -21.62
CA TYR A 392 10.01 -23.17 -22.42
C TYR A 392 10.79 -24.12 -21.52
N GLY A 393 10.10 -25.13 -20.99
CA GLY A 393 10.74 -26.05 -20.09
C GLY A 393 11.09 -25.34 -18.80
N GLY A 394 12.00 -25.95 -18.04
CA GLY A 394 12.34 -25.48 -16.71
C GLY A 394 11.63 -26.26 -15.62
N SER A 395 11.93 -25.86 -14.39
CA SER A 395 11.34 -26.49 -13.23
C SER A 395 11.25 -25.46 -12.11
N ASP A 396 10.15 -25.46 -11.36
CA ASP A 396 10.03 -24.65 -10.16
C ASP A 396 10.15 -23.15 -10.47
N ASN A 397 9.48 -22.72 -11.52
CA ASN A 397 9.52 -21.32 -11.91
C ASN A 397 8.15 -20.70 -11.73
N LEU A 398 8.13 -19.47 -11.18
CA LEU A 398 6.91 -18.74 -10.82
C LEU A 398 6.69 -17.53 -11.72
N PHE A 399 5.48 -17.42 -12.30
CA PHE A 399 5.01 -16.28 -13.09
C PHE A 399 3.79 -15.73 -12.39
N GLN A 400 3.89 -14.51 -11.89
CA GLN A 400 2.88 -14.07 -10.94
C GLN A 400 2.62 -12.58 -11.08
N ASN A 401 1.34 -12.22 -11.00
CA ASN A 401 0.84 -10.85 -11.16
C ASN A 401 1.32 -10.23 -12.47
N LEU A 402 0.75 -10.75 -13.55
CA LEU A 402 1.12 -10.37 -14.90
C LEU A 402 -0.01 -9.63 -15.59
N TYR A 403 0.36 -8.63 -16.37
CA TYR A 403 -0.55 -7.99 -17.32
C TYR A 403 0.06 -8.08 -18.70
N GLY A 404 -0.64 -8.73 -19.63
CA GLY A 404 -0.25 -8.73 -21.02
C GLY A 404 -1.43 -8.34 -21.89
N ALA A 405 -1.13 -7.71 -23.01
CA ALA A 405 -2.21 -7.17 -23.84
C ALA A 405 -1.71 -6.88 -25.25
N ASP A 406 -2.60 -7.07 -26.23
CA ASP A 406 -2.36 -6.72 -27.62
C ASP A 406 -1.04 -7.34 -28.12
N THR A 407 -1.06 -8.66 -28.18
CA THR A 407 -0.07 -9.39 -28.95
C THR A 407 -0.48 -9.37 -30.42
N LEU A 408 0.48 -9.11 -31.30
CA LEU A 408 0.22 -9.05 -32.73
C LEU A 408 -0.04 -10.41 -33.35
N THR A 409 0.57 -11.47 -32.82
CA THR A 409 0.66 -12.73 -33.56
C THR A 409 0.45 -13.99 -32.73
N TYR A 410 0.49 -13.93 -31.41
CA TYR A 410 0.72 -15.13 -30.62
C TYR A 410 -0.04 -15.02 -29.31
N PRO A 411 -0.07 -16.09 -28.52
CA PRO A 411 -0.72 -16.02 -27.20
C PRO A 411 -0.12 -14.95 -26.28
N GLY A 412 -0.90 -14.56 -25.27
CA GLY A 412 -0.32 -13.79 -24.20
C GLY A 412 0.70 -14.58 -23.41
N ILE A 413 0.39 -15.86 -23.15
CA ILE A 413 1.30 -16.77 -22.45
C ILE A 413 1.51 -18.02 -23.30
N THR A 414 2.77 -18.36 -23.53
CA THR A 414 3.12 -19.61 -24.19
C THR A 414 3.79 -20.52 -23.17
N ILE A 415 3.32 -21.76 -23.11
CA ILE A 415 3.91 -22.82 -22.31
C ILE A 415 4.24 -23.95 -23.27
N SER A 416 5.52 -24.10 -23.59
CA SER A 416 5.91 -24.97 -24.70
C SER A 416 7.15 -25.78 -24.37
N SER A 417 7.12 -27.07 -24.74
CA SER A 417 8.26 -27.97 -24.65
C SER A 417 8.87 -28.25 -26.02
N TYR A 418 8.93 -27.25 -26.87
CA TYR A 418 9.52 -27.42 -28.20
C TYR A 418 10.94 -26.90 -28.16
N SER A 419 11.87 -27.69 -28.71
CA SER A 419 13.30 -27.44 -28.57
C SER A 419 13.82 -26.30 -29.44
N PHE A 420 13.05 -25.84 -30.44
CA PHE A 420 13.51 -24.82 -31.38
C PHE A 420 14.80 -25.20 -32.08
N GLY A 421 15.13 -26.50 -32.09
CA GLY A 421 16.28 -27.04 -32.77
C GLY A 421 17.55 -27.14 -31.94
N TYR A 422 17.48 -26.89 -30.64
CA TYR A 422 18.63 -26.85 -29.74
C TYR A 422 18.59 -28.04 -28.78
N ASN A 423 19.74 -28.34 -28.19
CA ASN A 423 19.77 -29.23 -27.04
C ASN A 423 18.97 -28.59 -25.93
N THR A 424 17.99 -29.33 -25.41
CA THR A 424 16.93 -28.72 -24.63
C THR A 424 16.44 -29.69 -23.55
N LEU A 425 16.08 -29.13 -22.40
CA LEU A 425 15.33 -29.86 -21.39
C LEU A 425 13.89 -29.40 -21.39
N GLY A 426 12.97 -30.37 -21.26
CA GLY A 426 11.54 -30.05 -21.15
C GLY A 426 11.18 -29.54 -19.77
N PHE A 427 9.93 -29.75 -19.36
CA PHE A 427 9.53 -29.36 -18.01
C PHE A 427 9.94 -30.45 -17.03
N GLY A 428 10.30 -30.03 -15.83
CA GLY A 428 10.86 -30.93 -14.86
C GLY A 428 9.91 -31.32 -13.75
N ASP A 429 10.50 -31.66 -12.60
CA ASP A 429 9.78 -32.35 -11.55
C ASP A 429 8.89 -31.44 -10.70
N GLN A 430 9.12 -30.12 -10.74
CA GLN A 430 8.32 -29.20 -9.93
C GLN A 430 7.53 -28.25 -10.80
N ASP A 431 6.38 -27.81 -10.29
CA ASP A 431 5.43 -27.07 -11.09
C ASP A 431 6.02 -25.78 -11.63
N THR A 432 5.79 -25.54 -12.91
CA THR A 432 5.84 -24.19 -13.43
C THR A 432 4.46 -23.58 -13.20
N VAL A 433 4.42 -22.45 -12.49
CA VAL A 433 3.18 -21.88 -11.99
C VAL A 433 2.98 -20.51 -12.60
N ILE A 434 1.74 -20.24 -12.97
CA ILE A 434 1.31 -18.96 -13.52
C ILE A 434 0.11 -18.57 -12.69
N ASP A 435 0.31 -17.61 -11.77
CA ASP A 435 -0.71 -17.23 -10.77
C ASP A 435 -0.98 -15.73 -10.84
N GLY A 436 -2.22 -15.38 -11.22
CA GLY A 436 -2.60 -13.98 -11.27
C GLY A 436 -2.21 -13.29 -12.55
N ALA A 437 -2.96 -13.51 -13.61
CA ALA A 437 -2.64 -12.87 -14.87
C ALA A 437 -3.90 -12.24 -15.43
N THR A 438 -3.75 -11.04 -15.99
CA THR A 438 -4.78 -10.47 -16.86
C THR A 438 -4.22 -10.39 -18.27
N LEU A 439 -4.95 -10.95 -19.23
CA LEU A 439 -4.55 -10.90 -20.64
C LEU A 439 -5.70 -10.30 -21.43
N ASP A 440 -5.46 -9.13 -22.03
CA ASP A 440 -6.48 -8.38 -22.76
C ASP A 440 -6.16 -8.41 -24.24
N ARG A 441 -7.13 -8.86 -25.05
CA ARG A 441 -6.99 -8.91 -26.50
C ARG A 441 -5.67 -9.57 -26.93
N THR A 442 -5.47 -10.80 -26.47
CA THR A 442 -4.26 -11.54 -26.79
C THR A 442 -4.57 -12.73 -27.68
N GLY A 443 -3.53 -13.25 -28.31
CA GLY A 443 -3.65 -14.19 -29.41
C GLY A 443 -3.44 -13.50 -30.74
N GLY A 444 -3.60 -14.27 -31.81
CA GLY A 444 -3.42 -13.69 -33.13
C GLY A 444 -3.13 -14.76 -34.16
N ASP A 445 -2.49 -14.32 -35.25
CA ASP A 445 -2.31 -15.14 -36.46
C ASP A 445 -0.84 -15.25 -36.77
N PHE A 446 -0.37 -16.47 -37.02
CA PHE A 446 1.02 -16.66 -37.41
C PHE A 446 1.15 -18.00 -38.11
N TRP A 447 2.22 -18.10 -38.92
CA TRP A 447 2.49 -19.25 -39.77
C TRP A 447 1.40 -19.47 -40.83
N THR A 448 1.37 -20.66 -41.44
CA THR A 448 0.42 -21.01 -42.47
C THR A 448 -0.39 -22.24 -42.06
N SER A 449 -1.67 -22.24 -42.45
CA SER A 449 -2.68 -23.22 -42.05
C SER A 449 -3.08 -24.15 -43.20
N VAL A 450 -2.12 -24.58 -44.02
CA VAL A 450 -2.38 -25.47 -45.14
C VAL A 450 -2.72 -26.86 -44.63
N GLY A 451 -3.89 -27.37 -45.00
CA GLY A 451 -4.33 -28.67 -44.55
C GLY A 451 -4.86 -28.69 -43.13
N ALA A 452 -5.21 -27.53 -42.59
CA ALA A 452 -5.62 -27.43 -41.20
C ALA A 452 -7.12 -27.63 -41.03
N ASP A 453 -7.49 -28.18 -39.88
CA ASP A 453 -8.88 -28.31 -39.45
C ASP A 453 -9.33 -27.01 -38.77
N ASP A 454 -10.65 -26.80 -38.71
CA ASP A 454 -11.21 -25.58 -38.11
C ASP A 454 -10.67 -24.34 -38.79
N LYS A 455 -10.43 -24.41 -40.11
CA LYS A 455 -9.71 -23.35 -40.81
C LYS A 455 -10.59 -22.14 -41.05
N ILE A 456 -10.11 -20.97 -40.63
CA ILE A 456 -10.84 -19.73 -40.81
C ILE A 456 -10.11 -18.71 -41.66
N ASN A 457 -8.79 -18.85 -41.84
CA ASN A 457 -8.04 -17.92 -42.67
C ASN A 457 -6.74 -18.56 -43.10
N GLU A 458 -5.86 -17.73 -43.68
CA GLU A 458 -4.55 -18.03 -44.24
C GLU A 458 -3.56 -18.57 -43.21
N TYR A 459 -3.84 -18.35 -41.93
CA TYR A 459 -2.87 -18.47 -40.85
C TYR A 459 -3.30 -19.52 -39.83
N GLN A 460 -2.36 -19.92 -38.97
CA GLN A 460 -2.73 -20.62 -37.75
C GLN A 460 -3.14 -19.60 -36.70
N ASN A 461 -4.15 -19.95 -35.91
CA ASN A 461 -4.75 -19.01 -34.98
C ASN A 461 -4.43 -19.43 -33.56
N PHE A 462 -4.11 -18.47 -32.70
CA PHE A 462 -3.52 -18.77 -31.39
C PHE A 462 -4.35 -18.15 -30.28
N GLY A 463 -4.66 -18.97 -29.26
CA GLY A 463 -5.46 -18.50 -28.13
C GLY A 463 -4.66 -17.67 -27.16
N ALA A 464 -5.36 -17.11 -26.16
CA ALA A 464 -4.67 -16.30 -25.16
C ALA A 464 -3.55 -17.07 -24.48
N ILE A 465 -3.78 -18.35 -24.17
CA ILE A 465 -2.78 -19.19 -23.52
C ILE A 465 -2.63 -20.47 -24.33
N TRP A 466 -1.38 -20.79 -24.68
CA TRP A 466 -1.06 -21.89 -25.58
C TRP A 466 -0.22 -22.90 -24.83
N ILE A 467 -0.73 -24.12 -24.70
CA ILE A 467 -0.01 -25.20 -24.06
C ILE A 467 0.45 -26.14 -25.18
N TYR A 468 1.72 -26.00 -25.57
CA TYR A 468 2.29 -26.70 -26.73
C TYR A 468 3.24 -27.79 -26.28
N GLY A 469 2.83 -29.05 -26.46
CA GLY A 469 3.76 -30.16 -26.37
C GLY A 469 4.67 -30.16 -27.58
N GLY A 470 5.97 -30.07 -27.36
CA GLY A 470 6.89 -30.09 -28.49
C GLY A 470 7.58 -31.42 -28.63
N ASP A 471 8.91 -31.41 -28.70
CA ASP A 471 9.72 -32.61 -28.72
C ASP A 471 10.33 -32.94 -27.36
N ARG A 472 9.85 -32.31 -26.28
CA ARG A 472 10.38 -32.47 -24.93
C ARG A 472 9.21 -32.70 -23.98
N ALA A 473 9.49 -33.27 -22.82
CA ALA A 473 8.43 -33.55 -21.84
C ALA A 473 7.69 -32.28 -21.45
N ILE A 474 6.38 -32.41 -21.27
CA ILE A 474 5.50 -31.29 -20.92
C ILE A 474 4.64 -31.76 -19.74
N LYS A 475 4.98 -31.32 -18.53
CA LYS A 475 4.32 -31.82 -17.32
C LYS A 475 4.47 -30.80 -16.21
N ASN A 476 3.65 -30.97 -15.17
CA ASN A 476 3.71 -30.16 -13.95
C ASN A 476 3.54 -28.67 -14.26
N ILE A 477 2.34 -28.31 -14.71
CA ILE A 477 1.98 -26.93 -15.06
C ILE A 477 0.70 -26.58 -14.31
N LEU A 478 0.73 -25.46 -13.59
CA LEU A 478 -0.43 -24.95 -12.86
C LEU A 478 -0.73 -23.55 -13.35
N ILE A 479 -1.88 -23.35 -13.98
CA ILE A 479 -2.35 -22.05 -14.44
C ILE A 479 -3.51 -21.64 -13.55
N LYS A 480 -3.38 -20.52 -12.82
CA LYS A 480 -4.47 -20.19 -11.90
C LYS A 480 -4.63 -18.68 -11.76
N ASN A 481 -5.87 -18.26 -11.50
CA ASN A 481 -6.22 -16.87 -11.25
C ASN A 481 -5.95 -15.98 -12.46
N VAL A 482 -6.49 -16.37 -13.59
CA VAL A 482 -6.22 -15.72 -14.87
C VAL A 482 -7.52 -15.12 -15.35
N ASP A 483 -7.46 -13.87 -15.80
CA ASP A 483 -8.59 -13.21 -16.44
C ASP A 483 -8.25 -12.96 -17.90
N ILE A 484 -9.01 -13.58 -18.80
CA ILE A 484 -8.78 -13.49 -20.24
C ILE A 484 -9.94 -12.73 -20.84
N ASN A 485 -9.69 -11.47 -21.24
CA ASN A 485 -10.72 -10.55 -21.70
C ASN A 485 -10.59 -10.35 -23.20
N ASN A 486 -11.65 -10.70 -23.92
CA ASN A 486 -11.72 -10.48 -25.37
C ASN A 486 -10.50 -11.04 -26.10
N PRO A 487 -10.18 -12.32 -25.94
CA PRO A 487 -9.09 -12.90 -26.72
C PRO A 487 -9.45 -12.82 -28.20
N VAL A 488 -8.43 -12.86 -29.04
CA VAL A 488 -8.68 -12.78 -30.48
C VAL A 488 -9.50 -13.98 -30.92
N TYR A 489 -9.21 -15.16 -30.39
CA TYR A 489 -9.85 -16.39 -30.85
C TYR A 489 -10.32 -17.29 -29.72
N PHE A 490 -9.40 -17.66 -28.82
CA PHE A 490 -9.69 -18.60 -27.75
C PHE A 490 -9.06 -18.14 -26.46
N GLY A 491 -9.59 -18.63 -25.35
CA GLY A 491 -8.94 -18.40 -24.08
C GLY A 491 -7.77 -19.34 -23.90
N LEU A 492 -8.07 -20.65 -23.96
CA LEU A 492 -7.07 -21.70 -23.76
C LEU A 492 -6.99 -22.59 -24.99
N MET A 493 -5.76 -22.97 -25.35
CA MET A 493 -5.47 -23.71 -26.57
C MET A 493 -4.42 -24.78 -26.23
N PHE A 494 -4.81 -26.06 -26.37
CA PHE A 494 -3.93 -27.20 -26.14
C PHE A 494 -3.55 -27.83 -27.47
N GLN A 495 -2.25 -28.11 -27.64
CA GLN A 495 -1.74 -28.58 -28.92
C GLN A 495 -0.52 -29.45 -28.68
N SER A 496 -0.48 -30.60 -29.35
CA SER A 496 0.66 -31.50 -29.36
C SER A 496 1.28 -31.52 -30.77
N MET A 497 2.60 -31.42 -30.82
CA MET A 497 3.31 -31.54 -32.09
C MET A 497 3.41 -33.01 -32.49
N SER A 498 3.15 -33.25 -33.72
CA SER A 498 3.32 -34.56 -34.35
C SER A 498 4.70 -34.64 -34.99
N PRO A 499 5.35 -35.82 -34.98
CA PRO A 499 4.83 -37.11 -34.49
C PRO A 499 5.26 -37.48 -33.07
N ASN A 500 6.09 -36.65 -32.43
CA ASN A 500 6.61 -36.92 -31.10
C ASN A 500 5.50 -37.26 -30.10
N ASN A 501 4.37 -36.56 -30.18
CA ASN A 501 3.18 -36.79 -29.36
C ASN A 501 3.51 -36.94 -27.87
N MET A 502 4.29 -35.98 -27.36
CA MET A 502 4.63 -35.92 -25.94
C MET A 502 3.38 -35.71 -25.10
N VAL A 503 3.21 -36.57 -24.09
CA VAL A 503 1.94 -36.67 -23.36
C VAL A 503 1.92 -35.66 -22.22
N MET A 504 0.78 -34.97 -22.06
CA MET A 504 0.62 -33.92 -21.06
C MET A 504 0.17 -34.53 -19.75
N GLN A 505 1.00 -34.41 -18.71
CA GLN A 505 0.65 -34.90 -17.39
C GLN A 505 0.64 -33.73 -16.43
N ASN A 506 -0.34 -33.74 -15.51
CA ASN A 506 -0.36 -32.81 -14.37
C ASN A 506 -0.51 -31.36 -14.80
N ILE A 507 -1.45 -31.11 -15.71
CA ILE A 507 -1.79 -29.75 -16.10
C ILE A 507 -3.08 -29.39 -15.40
N ARG A 508 -3.10 -28.25 -14.72
CA ARG A 508 -4.24 -27.80 -13.94
C ARG A 508 -4.54 -26.33 -14.24
N VAL A 509 -5.83 -26.03 -14.37
CA VAL A 509 -6.31 -24.70 -14.70
C VAL A 509 -7.37 -24.36 -13.66
N GLU A 510 -7.08 -23.39 -12.79
CA GLU A 510 -7.94 -23.04 -11.65
C GLU A 510 -8.27 -21.55 -11.64
N ASN A 511 -9.56 -21.24 -11.49
CA ASN A 511 -10.08 -19.87 -11.40
C ASN A 511 -9.67 -19.05 -12.62
N VAL A 512 -10.29 -19.36 -13.75
CA VAL A 512 -9.95 -18.69 -15.00
C VAL A 512 -11.25 -18.24 -15.67
N ASN A 513 -11.29 -16.98 -16.08
CA ASN A 513 -12.44 -16.42 -16.76
C ASN A 513 -12.09 -16.06 -18.20
N ILE A 514 -12.88 -16.55 -19.14
CA ILE A 514 -12.65 -16.28 -20.55
C ILE A 514 -13.84 -15.51 -21.09
N ASN A 515 -13.63 -14.22 -21.37
CA ASN A 515 -14.69 -13.27 -21.64
C ASN A 515 -14.72 -12.93 -23.12
N ASN A 516 -15.84 -13.25 -23.77
CA ASN A 516 -16.06 -13.03 -25.19
C ASN A 516 -14.90 -13.47 -26.07
N PRO A 517 -14.51 -14.74 -26.04
CA PRO A 517 -13.61 -15.25 -27.08
C PRO A 517 -14.37 -15.35 -28.39
N SER A 518 -13.76 -14.89 -29.47
CA SER A 518 -14.51 -14.80 -30.72
C SER A 518 -14.89 -16.17 -31.27
N ARG A 519 -14.17 -17.23 -30.89
CA ARG A 519 -14.44 -18.54 -31.44
C ARG A 519 -14.82 -19.53 -30.34
N TYR A 520 -13.86 -20.00 -29.56
CA TYR A 520 -14.14 -20.90 -28.44
C TYR A 520 -13.41 -20.39 -27.22
N GLY A 521 -13.89 -20.80 -26.04
CA GLY A 521 -13.13 -20.51 -24.84
C GLY A 521 -11.95 -21.44 -24.72
N ILE A 522 -12.14 -22.68 -25.18
CA ILE A 522 -11.13 -23.74 -25.10
C ILE A 522 -11.04 -24.45 -26.44
N LYS A 523 -9.86 -24.44 -27.05
CA LYS A 523 -9.62 -25.10 -28.33
C LYS A 523 -8.56 -26.17 -28.15
N LEU A 524 -8.96 -27.42 -28.30
CA LEU A 524 -8.07 -28.58 -28.41
C LEU A 524 -7.68 -28.74 -29.88
N VAL A 525 -6.42 -28.44 -30.20
CA VAL A 525 -6.00 -28.35 -31.61
C VAL A 525 -6.00 -29.75 -32.23
N VAL A 526 -6.74 -29.89 -33.33
CA VAL A 526 -6.95 -31.20 -33.97
C VAL A 526 -6.06 -31.38 -35.20
N ARG A 527 -5.83 -30.31 -35.96
CA ARG A 527 -4.95 -30.37 -37.13
C ARG A 527 -4.53 -28.93 -37.43
N ALA A 528 -3.43 -28.49 -36.83
CA ALA A 528 -2.99 -27.12 -37.05
C ALA A 528 -2.55 -26.91 -38.48
N GLU A 529 -2.06 -27.97 -39.10
CA GLU A 529 -1.22 -27.88 -40.29
C GLU A 529 -1.26 -29.24 -40.95
N GLN A 530 -0.95 -29.27 -42.23
CA GLN A 530 -0.73 -30.53 -42.92
C GLN A 530 0.30 -31.37 -42.14
N GLY A 531 -0.09 -32.59 -41.78
CA GLY A 531 0.79 -33.49 -41.08
C GLY A 531 0.65 -33.52 -39.56
N GLN A 532 -0.23 -32.68 -39.00
CA GLN A 532 -0.35 -32.51 -37.56
C GLN A 532 -1.64 -33.16 -37.08
N GLY A 533 -1.60 -33.78 -35.91
CA GLY A 533 -2.74 -34.47 -35.35
C GLY A 533 -3.16 -33.86 -34.03
N PRO A 534 -4.14 -34.47 -33.36
CA PRO A 534 -4.67 -33.89 -32.11
C PRO A 534 -3.70 -34.02 -30.93
N ALA A 535 -4.07 -33.41 -29.80
CA ALA A 535 -3.18 -33.36 -28.63
C ALA A 535 -3.26 -34.63 -27.79
N TYR A 536 -2.15 -34.93 -27.13
CA TYR A 536 -1.97 -36.11 -26.30
C TYR A 536 -1.88 -35.71 -24.83
N GLY A 537 -2.55 -36.47 -23.97
CA GLY A 537 -2.48 -36.26 -22.54
C GLY A 537 -3.78 -35.83 -21.92
N GLY A 538 -3.76 -34.77 -21.11
CA GLY A 538 -4.99 -34.28 -20.51
C GLY A 538 -4.74 -33.04 -19.67
N ALA A 539 -5.83 -32.55 -19.08
CA ALA A 539 -5.77 -31.33 -18.31
C ALA A 539 -6.97 -31.26 -17.38
N SER A 540 -6.75 -30.75 -16.16
CA SER A 540 -7.82 -30.60 -15.18
C SER A 540 -8.29 -29.15 -15.10
N PHE A 541 -9.59 -28.99 -14.83
CA PHE A 541 -10.25 -27.69 -14.91
C PHE A 541 -11.10 -27.46 -13.68
N THR A 542 -10.82 -26.38 -12.96
CA THR A 542 -11.57 -25.98 -11.78
C THR A 542 -11.96 -24.52 -11.90
N ASN A 543 -13.24 -24.22 -11.69
CA ASN A 543 -13.74 -22.84 -11.71
C ASN A 543 -13.24 -22.11 -12.96
N VAL A 544 -13.38 -22.78 -14.09
CA VAL A 544 -12.97 -22.22 -15.38
C VAL A 544 -14.24 -21.83 -16.09
N LYS A 545 -14.47 -20.52 -16.19
CA LYS A 545 -15.71 -19.96 -16.72
C LYS A 545 -15.51 -19.45 -18.16
N VAL A 546 -16.37 -19.89 -19.07
CA VAL A 546 -16.37 -19.39 -20.44
C VAL A 546 -17.65 -18.59 -20.64
N ASN A 547 -17.52 -17.30 -20.90
CA ASN A 547 -18.65 -16.37 -20.98
C ASN A 547 -18.78 -15.81 -22.39
N ASN A 548 -19.89 -16.11 -23.04
CA ASN A 548 -20.25 -15.56 -24.35
C ASN A 548 -19.22 -15.90 -25.42
N PRO A 549 -18.98 -17.18 -25.69
CA PRO A 549 -18.15 -17.53 -26.84
C PRO A 549 -18.86 -17.17 -28.14
N GLY A 550 -18.06 -17.04 -29.19
CA GLY A 550 -18.63 -16.80 -30.50
C GLY A 550 -19.37 -18.01 -31.04
N ILE A 551 -18.74 -19.18 -30.98
CA ILE A 551 -19.35 -20.39 -31.51
C ILE A 551 -19.72 -21.33 -30.39
N SER A 552 -18.72 -21.93 -29.76
CA SER A 552 -18.97 -22.84 -28.66
C SER A 552 -18.04 -22.51 -27.52
N ALA A 553 -18.37 -23.02 -26.34
CA ALA A 553 -17.46 -22.90 -25.21
C ALA A 553 -16.15 -23.65 -25.47
N ILE A 554 -16.24 -24.91 -25.92
CA ILE A 554 -15.04 -25.73 -26.11
C ILE A 554 -15.09 -26.44 -27.46
N TYR A 555 -13.97 -26.46 -28.15
CA TYR A 555 -13.85 -27.14 -29.45
C TYR A 555 -12.80 -28.23 -29.39
N GLY A 556 -13.11 -29.37 -30.01
CA GLY A 556 -12.15 -30.41 -30.27
C GLY A 556 -12.22 -31.61 -29.36
N GLU A 557 -13.08 -31.59 -28.33
CA GLU A 557 -13.08 -32.68 -27.35
C GLU A 557 -13.38 -34.04 -28.01
N ALA A 558 -14.44 -34.09 -28.84
CA ALA A 558 -14.82 -35.34 -29.48
C ALA A 558 -13.81 -35.80 -30.54
N GLN A 559 -13.14 -34.87 -31.22
CA GLN A 559 -12.15 -35.28 -32.20
C GLN A 559 -10.74 -35.55 -31.59
N SER A 560 -10.58 -35.51 -30.25
CA SER A 560 -9.28 -35.69 -29.60
C SER A 560 -9.36 -36.92 -28.71
N PRO A 561 -9.13 -38.12 -29.28
CA PRO A 561 -9.25 -39.34 -28.46
C PRO A 561 -8.04 -39.58 -27.57
N ASN A 562 -6.92 -38.93 -27.85
CA ASN A 562 -5.71 -39.02 -27.03
C ASN A 562 -5.61 -37.90 -26.01
N PHE A 563 -6.70 -37.16 -25.75
CA PHE A 563 -6.68 -36.08 -24.79
C PHE A 563 -7.92 -36.16 -23.91
N THR A 564 -7.73 -36.00 -22.58
CA THR A 564 -8.80 -36.10 -21.60
C THR A 564 -9.02 -34.76 -20.91
N VAL A 565 -10.28 -34.33 -20.82
CA VAL A 565 -10.65 -33.10 -20.13
C VAL A 565 -11.29 -33.50 -18.82
N THR A 566 -10.65 -33.17 -17.72
CA THR A 566 -11.15 -33.46 -16.39
C THR A 566 -11.87 -32.22 -15.85
N ARG A 567 -13.21 -32.27 -15.77
CA ARG A 567 -13.98 -31.14 -15.27
C ARG A 567 -14.19 -31.33 -13.77
N VAL A 568 -13.17 -30.94 -13.00
CA VAL A 568 -13.23 -31.07 -11.54
C VAL A 568 -14.53 -30.48 -11.00
N SER A 569 -14.73 -29.18 -11.17
CA SER A 569 -15.87 -28.50 -10.59
C SER A 569 -15.87 -27.05 -11.04
N GLY A 570 -17.02 -26.40 -10.90
CA GLY A 570 -17.16 -24.98 -11.20
C GLY A 570 -17.22 -24.62 -12.66
N ASN A 571 -17.25 -25.59 -13.57
CA ASN A 571 -17.15 -25.29 -14.98
C ASN A 571 -18.54 -25.15 -15.58
N ASN A 572 -18.81 -24.01 -16.22
CA ASN A 572 -20.05 -23.77 -16.92
C ASN A 572 -20.03 -24.31 -18.35
N TRP A 573 -19.14 -25.25 -18.63
CA TRP A 573 -19.04 -25.87 -19.93
C TRP A 573 -18.80 -27.34 -19.62
N GLY B 12 -14.74 -2.35 -11.44
CA GLY B 12 -14.86 -2.37 -9.99
C GLY B 12 -16.00 -3.21 -9.45
N ARG B 13 -16.25 -3.11 -8.17
CA ARG B 13 -17.26 -3.92 -7.49
C ARG B 13 -18.56 -3.13 -7.36
N GLY B 14 -19.61 -3.82 -6.92
CA GLY B 14 -20.86 -3.14 -6.64
C GLY B 14 -21.83 -3.18 -7.80
N ALA B 15 -22.83 -2.29 -7.69
CA ALA B 15 -23.89 -2.17 -8.67
C ALA B 15 -23.35 -1.62 -9.98
N ASN B 16 -24.07 -1.91 -11.06
CA ASN B 16 -23.70 -1.43 -12.38
C ASN B 16 -24.83 -0.54 -12.87
N MET B 17 -24.70 0.76 -12.64
CA MET B 17 -25.73 1.72 -12.97
C MET B 17 -25.38 2.44 -14.25
N PRO B 18 -26.38 2.99 -14.96
CA PRO B 18 -26.09 3.74 -16.19
C PRO B 18 -25.43 5.10 -15.96
N PHE B 19 -25.26 5.53 -14.72
CA PHE B 19 -24.71 6.84 -14.47
C PHE B 19 -23.27 6.72 -13.96
N THR B 20 -22.51 7.80 -14.16
CA THR B 20 -21.10 7.89 -13.77
C THR B 20 -20.97 8.93 -12.66
N ILE B 21 -20.20 8.59 -11.62
CA ILE B 21 -19.92 9.46 -10.50
C ILE B 21 -18.52 10.03 -10.66
N MET B 22 -18.40 11.35 -10.60
CA MET B 22 -17.11 12.02 -10.69
C MET B 22 -16.93 12.93 -9.48
N GLU B 23 -15.80 12.82 -8.80
CA GLU B 23 -15.52 13.68 -7.65
C GLU B 23 -15.01 15.04 -8.11
N ALA B 24 -15.61 16.11 -7.59
CA ALA B 24 -15.18 17.43 -8.01
C ALA B 24 -13.71 17.69 -7.64
N GLU B 25 -13.31 17.28 -6.43
CA GLU B 25 -11.97 17.45 -5.88
C GLU B 25 -10.90 16.64 -6.61
N SER B 26 -11.28 15.94 -7.68
CA SER B 26 -10.34 15.10 -8.37
C SER B 26 -9.30 15.97 -9.07
N THR B 27 -8.04 15.55 -8.97
CA THR B 27 -6.96 16.37 -9.52
C THR B 27 -7.08 16.51 -11.04
N SER B 28 -7.71 15.53 -11.70
CA SER B 28 -7.95 15.63 -13.13
C SER B 28 -8.87 16.78 -13.51
N ASN B 29 -9.62 17.35 -12.57
CA ASN B 29 -10.53 18.45 -12.85
C ASN B 29 -9.84 19.79 -12.58
N ALA B 30 -9.96 20.72 -13.50
CA ALA B 30 -9.48 22.06 -13.26
C ALA B 30 -10.45 22.83 -12.35
N THR B 31 -9.89 23.64 -11.47
CA THR B 31 -10.68 24.46 -10.57
C THR B 31 -9.83 25.67 -10.14
N ASN B 32 -10.50 26.80 -9.90
CA ASN B 32 -9.93 27.92 -9.18
C ASN B 32 -10.58 28.06 -7.83
N GLY B 33 -11.34 27.04 -7.41
CA GLY B 33 -11.95 27.02 -6.10
C GLY B 33 -11.02 26.41 -5.08
N THR B 34 -11.57 26.16 -3.90
CA THR B 34 -10.81 25.62 -2.78
C THR B 34 -11.16 24.14 -2.59
N LYS B 35 -10.17 23.28 -2.81
CA LYS B 35 -10.29 21.85 -2.54
C LYS B 35 -10.01 21.58 -1.06
N LEU B 36 -11.00 21.01 -0.35
CA LEU B 36 -10.85 20.70 1.07
C LEU B 36 -9.88 19.55 1.32
N THR B 37 -9.05 19.69 2.35
CA THR B 37 -8.28 18.49 2.66
C THR B 37 -9.16 17.53 3.46
N PRO B 38 -8.99 16.24 3.24
CA PRO B 38 -9.91 15.26 3.81
C PRO B 38 -9.77 15.08 5.31
N ASN B 39 -10.82 14.52 5.89
CA ASN B 39 -10.87 14.06 7.27
C ASN B 39 -12.13 13.21 7.39
N PHE B 40 -12.29 12.56 8.54
CA PHE B 40 -13.36 11.61 8.78
C PHE B 40 -14.39 12.14 9.77
N LYS B 41 -14.55 13.46 9.82
CA LYS B 41 -15.25 14.16 10.89
C LYS B 41 -16.72 14.37 10.51
N PRO B 42 -17.68 13.80 11.26
CA PRO B 42 -19.09 14.24 11.16
C PRO B 42 -19.24 15.74 11.40
N GLY B 43 -20.23 16.33 10.74
CA GLY B 43 -20.52 17.76 10.90
C GLY B 43 -19.52 18.67 10.24
N ASP B 44 -18.68 18.11 9.37
CA ASP B 44 -17.60 18.79 8.71
C ASP B 44 -17.81 18.68 7.20
N TYR B 45 -17.48 19.73 6.45
CA TYR B 45 -17.81 19.71 5.04
C TYR B 45 -16.92 18.77 4.25
N ALA B 46 -15.76 18.43 4.77
CA ALA B 46 -14.95 17.40 4.12
C ALA B 46 -15.33 16.03 4.65
N GLY B 47 -15.52 15.91 5.96
CA GLY B 47 -15.84 14.61 6.55
C GLY B 47 -17.09 13.99 5.94
N GLU B 48 -18.08 14.82 5.61
CA GLU B 48 -19.37 14.33 5.11
C GLU B 48 -19.42 14.17 3.60
N ALA B 49 -18.43 14.67 2.88
CA ALA B 49 -18.43 14.59 1.43
C ALA B 49 -17.99 13.21 0.93
N SER B 50 -18.50 12.85 -0.23
CA SER B 50 -18.03 11.69 -0.98
C SER B 50 -16.54 11.78 -1.28
N GLY B 51 -15.82 10.70 -1.01
CA GLY B 51 -14.38 10.78 -1.09
C GLY B 51 -13.80 11.68 -0.01
N ARG B 52 -14.63 12.05 0.98
CA ARG B 52 -14.21 12.92 2.09
C ARG B 52 -13.62 14.23 1.60
N SER B 53 -14.04 14.70 0.44
CA SER B 53 -13.62 16.03 0.02
C SER B 53 -14.63 16.62 -0.94
N SER B 54 -14.57 17.93 -1.06
CA SER B 54 -15.31 18.65 -2.09
C SER B 54 -14.49 19.88 -2.44
N VAL B 55 -15.01 20.69 -3.37
CA VAL B 55 -14.41 21.95 -3.76
C VAL B 55 -15.34 23.08 -3.35
N TYR B 56 -14.82 24.02 -2.58
CA TYR B 56 -15.54 25.20 -2.13
C TYR B 56 -15.53 26.26 -3.24
N LEU B 57 -16.72 26.61 -3.74
CA LEU B 57 -16.89 27.77 -4.61
C LEU B 57 -17.45 28.91 -3.78
N ASP B 58 -16.73 30.02 -3.75
CA ASP B 58 -16.96 31.06 -2.76
C ASP B 58 -16.82 32.46 -3.34
N ALA B 59 -16.66 32.59 -4.66
CA ALA B 59 -16.54 33.89 -5.29
C ALA B 59 -17.02 33.74 -6.72
N THR B 60 -17.62 34.82 -7.24
CA THR B 60 -18.18 34.80 -8.59
C THR B 60 -17.09 34.48 -9.60
N GLY B 61 -17.38 33.53 -10.50
CA GLY B 61 -16.43 33.07 -11.49
C GLY B 61 -15.56 31.90 -11.07
N GLU B 62 -15.74 31.38 -9.86
CA GLU B 62 -15.02 30.19 -9.44
C GLU B 62 -15.78 28.95 -9.91
N TYR B 63 -15.03 27.99 -10.45
CA TYR B 63 -15.62 26.85 -11.13
C TYR B 63 -14.93 25.55 -10.75
N VAL B 64 -15.63 24.45 -10.98
CA VAL B 64 -15.01 23.14 -11.14
C VAL B 64 -15.32 22.66 -12.55
N GLU B 65 -14.31 22.14 -13.24
CA GLU B 65 -14.41 21.72 -14.63
C GLU B 65 -14.23 20.21 -14.75
N PHE B 66 -15.34 19.48 -14.95
CA PHE B 66 -15.30 18.04 -15.19
C PHE B 66 -15.07 17.75 -16.68
N THR B 67 -14.58 16.53 -16.96
CA THR B 67 -14.49 16.03 -18.33
C THR B 67 -15.36 14.80 -18.47
N LEU B 68 -16.28 14.81 -19.44
CA LEU B 68 -17.23 13.73 -19.62
C LEU B 68 -16.52 12.48 -20.11
N THR B 69 -16.61 11.40 -19.35
CA THR B 69 -16.05 10.12 -19.74
C THR B 69 -17.06 9.28 -20.51
N SER B 70 -18.28 9.78 -20.67
CA SER B 70 -19.37 9.06 -21.31
C SER B 70 -20.39 10.11 -21.73
N PRO B 71 -21.18 9.87 -22.77
CA PRO B 71 -22.17 10.87 -23.16
C PRO B 71 -23.18 11.07 -22.04
N ALA B 72 -23.67 12.32 -21.91
CA ALA B 72 -24.60 12.65 -20.84
C ALA B 72 -25.56 13.74 -21.29
N ASN B 73 -26.83 13.59 -20.91
CA ASN B 73 -27.82 14.64 -21.01
C ASN B 73 -28.44 15.00 -19.67
N ALA B 74 -28.06 14.29 -18.59
CA ALA B 74 -28.66 14.52 -17.29
C ALA B 74 -27.56 14.55 -16.23
N PHE B 75 -27.79 15.32 -15.18
CA PHE B 75 -26.75 15.60 -14.20
C PHE B 75 -27.31 15.70 -12.79
N VAL B 76 -26.59 15.12 -11.84
CA VAL B 76 -26.93 15.25 -10.43
C VAL B 76 -25.72 15.83 -9.72
N LEU B 77 -25.94 16.91 -8.96
CA LEU B 77 -24.90 17.63 -8.23
C LEU B 77 -25.10 17.38 -6.75
N ARG B 78 -24.16 16.69 -6.12
CA ARG B 78 -24.17 16.62 -4.65
C ARG B 78 -23.41 17.82 -4.12
N ASN B 79 -24.09 18.62 -3.30
CA ASN B 79 -23.57 19.92 -2.90
C ASN B 79 -24.01 20.26 -1.49
N ALA B 80 -23.40 21.30 -0.94
CA ALA B 80 -23.81 21.84 0.35
C ALA B 80 -23.99 23.35 0.24
N VAL B 81 -25.11 23.85 0.75
CA VAL B 81 -25.33 25.28 0.85
C VAL B 81 -25.65 25.63 2.30
N ALA B 82 -25.76 26.92 2.57
CA ALA B 82 -26.17 27.39 3.88
C ALA B 82 -27.56 26.90 4.21
N GLU B 83 -27.81 26.70 5.49
CA GLU B 83 -29.12 26.34 5.98
C GLU B 83 -30.18 27.38 5.59
N ASN B 84 -31.39 26.88 5.35
CA ASN B 84 -32.56 27.67 5.01
C ASN B 84 -32.31 28.54 3.78
N THR B 85 -31.56 28.01 2.84
CA THR B 85 -31.20 28.70 1.62
C THR B 85 -31.57 27.86 0.41
N THR B 86 -32.11 28.52 -0.61
CA THR B 86 -32.15 27.95 -1.96
C THR B 86 -31.55 28.94 -2.94
N GLY B 87 -31.34 28.45 -4.16
CA GLY B 87 -30.67 29.26 -5.16
C GLY B 87 -30.21 28.40 -6.31
N THR B 88 -29.25 28.96 -7.05
CA THR B 88 -28.79 28.32 -8.27
C THR B 88 -27.28 28.23 -8.28
N VAL B 89 -26.79 27.43 -9.20
CA VAL B 89 -25.41 27.36 -9.59
C VAL B 89 -25.41 26.96 -11.05
N SER B 90 -24.46 27.48 -11.81
CA SER B 90 -24.55 27.45 -13.26
C SER B 90 -23.72 26.31 -13.83
N ILE B 91 -24.21 25.71 -14.92
CA ILE B 91 -23.53 24.61 -15.59
C ILE B 91 -23.17 25.07 -17.00
N TYR B 92 -21.98 24.68 -17.47
CA TYR B 92 -21.44 25.06 -18.77
C TYR B 92 -21.01 23.84 -19.55
N ALA B 93 -21.31 23.81 -20.84
CA ALA B 93 -20.74 22.80 -21.73
C ALA B 93 -19.77 23.51 -22.64
N ASP B 94 -18.48 23.19 -22.50
CA ASP B 94 -17.43 23.70 -23.38
C ASP B 94 -17.42 25.23 -23.39
N GLY B 95 -17.42 25.83 -22.19
CA GLY B 95 -17.35 27.26 -22.06
C GLY B 95 -18.63 28.02 -22.35
N VAL B 96 -19.66 27.36 -22.85
CA VAL B 96 -20.96 27.99 -23.12
C VAL B 96 -21.87 27.68 -21.94
N SER B 97 -22.49 28.71 -21.37
CA SER B 97 -23.45 28.45 -20.29
C SER B 97 -24.70 27.74 -20.83
N LYS B 98 -25.19 26.78 -20.04
CA LYS B 98 -26.25 25.89 -20.48
C LYS B 98 -27.39 25.74 -19.48
N GLY B 99 -27.23 26.17 -18.23
CA GLY B 99 -28.33 26.07 -17.30
C GLY B 99 -27.91 26.38 -15.88
N LYS B 100 -28.92 26.28 -15.00
CA LYS B 100 -28.76 26.53 -13.58
C LYS B 100 -29.32 25.35 -12.83
N PHE B 101 -28.51 24.74 -11.99
CA PHE B 101 -29.02 23.81 -11.00
C PHE B 101 -29.93 24.55 -10.03
N ASN B 102 -30.88 23.84 -9.48
CA ASN B 102 -31.71 24.37 -8.42
C ASN B 102 -31.21 23.74 -7.12
N VAL B 103 -30.43 24.48 -6.34
CA VAL B 103 -29.77 23.95 -5.15
C VAL B 103 -30.52 24.44 -3.93
N SER B 104 -30.50 23.63 -2.88
CA SER B 104 -31.36 23.82 -1.70
C SER B 104 -30.79 23.08 -0.49
N SER B 105 -31.06 23.62 0.69
CA SER B 105 -30.80 22.91 1.93
C SER B 105 -32.09 22.42 2.59
N LYS B 106 -33.20 22.40 1.85
CA LYS B 106 -34.49 22.03 2.43
C LYS B 106 -34.47 20.69 3.17
N PHE B 107 -33.73 19.71 2.65
CA PHE B 107 -33.67 18.39 3.26
C PHE B 107 -32.39 18.13 4.06
N SER B 108 -31.52 19.12 4.19
CA SER B 108 -30.26 18.92 4.88
C SER B 108 -30.28 19.66 6.21
N TYR B 109 -29.22 19.46 6.98
CA TYR B 109 -29.00 20.12 8.27
C TYR B 109 -29.91 19.55 9.35
N LEU B 110 -29.48 18.44 9.93
CA LEU B 110 -30.08 17.81 11.09
C LEU B 110 -29.11 18.01 12.26
N TYR B 111 -29.63 18.32 13.44
CA TYR B 111 -28.78 18.82 14.52
C TYR B 111 -28.72 17.85 15.70
N ALA B 112 -27.54 17.77 16.30
CA ALA B 112 -27.39 16.96 17.50
C ALA B 112 -26.19 17.49 18.30
N THR B 113 -25.50 16.60 18.99
CA THR B 113 -24.48 16.93 19.94
C THR B 113 -23.51 15.77 19.91
N PRO B 114 -22.20 16.03 19.98
CA PRO B 114 -21.22 14.93 19.90
C PRO B 114 -21.52 13.76 20.83
N SER B 115 -22.20 13.99 21.95
CA SER B 115 -22.54 12.94 22.89
C SER B 115 -24.03 12.62 22.93
N THR B 116 -24.81 13.20 22.01
CA THR B 116 -26.19 12.78 21.77
C THR B 116 -26.38 12.36 20.31
N LEU B 117 -25.34 11.75 19.71
CA LEU B 117 -25.42 11.37 18.29
C LEU B 117 -26.53 10.37 18.03
N GLY B 118 -27.06 9.71 19.05
CA GLY B 118 -28.21 8.84 18.88
C GLY B 118 -29.46 9.55 18.37
N ARG B 119 -29.49 10.87 18.42
CA ARG B 119 -30.55 11.67 17.80
C ARG B 119 -30.24 12.04 16.35
N LEU B 120 -29.11 11.58 15.80
CA LEU B 120 -28.71 11.94 14.45
C LEU B 120 -29.76 11.51 13.43
N GLY B 121 -30.34 12.49 12.75
CA GLY B 121 -31.41 12.26 11.81
C GLY B 121 -32.79 12.59 12.33
N TYR B 122 -32.96 12.76 13.64
CA TYR B 122 -34.29 12.88 14.20
C TYR B 122 -34.78 14.31 14.35
N ASP B 123 -33.89 15.28 14.51
CA ASP B 123 -34.25 16.65 14.79
CA ASP B 123 -34.25 16.66 14.80
C ASP B 123 -33.72 17.55 13.68
N ASN B 124 -34.61 18.31 13.07
CA ASN B 124 -34.17 19.24 12.03
C ASN B 124 -34.30 20.69 12.46
N ALA B 125 -34.53 20.93 13.72
CA ALA B 125 -34.58 22.30 14.20
C ALA B 125 -33.20 22.74 14.66
N PRO B 126 -32.71 23.90 14.22
CA PRO B 126 -31.47 24.43 14.80
C PRO B 126 -31.71 24.97 16.20
N GLY B 127 -30.68 24.88 17.03
CA GLY B 127 -30.81 25.31 18.42
C GLY B 127 -29.46 25.59 19.04
N ALA B 128 -29.51 26.29 20.19
CA ALA B 128 -28.32 26.55 20.99
C ALA B 128 -27.60 25.25 21.33
N GLY B 129 -26.29 25.22 21.10
CA GLY B 129 -25.48 24.07 21.45
C GLY B 129 -25.48 22.93 20.44
N LEU B 130 -26.35 22.95 19.44
CA LEU B 130 -26.47 21.84 18.51
C LEU B 130 -25.51 22.03 17.34
N THR B 131 -24.83 20.94 16.96
CA THR B 131 -24.04 20.92 15.75
C THR B 131 -24.90 20.46 14.59
N ALA B 132 -24.70 21.06 13.42
CA ALA B 132 -25.38 20.60 12.22
C ALA B 132 -24.67 19.38 11.63
N TYR B 133 -25.45 18.38 11.22
CA TYR B 133 -24.93 17.25 10.48
C TYR B 133 -25.75 17.08 9.22
N TRP B 134 -25.40 16.05 8.44
CA TRP B 134 -26.11 15.71 7.20
C TRP B 134 -26.20 16.94 6.30
N LEU B 135 -25.02 17.43 5.89
CA LEU B 135 -24.90 18.76 5.30
C LEU B 135 -25.12 18.77 3.79
N TYR B 136 -25.07 17.63 3.13
CA TYR B 136 -25.06 17.57 1.67
C TYR B 136 -26.39 17.10 1.15
N GLU B 137 -26.76 17.61 -0.02
CA GLU B 137 -27.99 17.27 -0.71
C GLU B 137 -27.71 17.35 -2.21
N ASP B 138 -28.72 17.01 -3.02
CA ASP B 138 -28.53 16.85 -4.45
C ASP B 138 -29.46 17.78 -5.22
N ALA B 139 -28.94 18.32 -6.32
CA ALA B 139 -29.76 18.98 -7.33
C ALA B 139 -29.72 18.12 -8.58
N GLN B 140 -30.82 18.08 -9.30
CA GLN B 140 -30.92 17.28 -10.49
C GLN B 140 -31.28 18.17 -11.67
N LEU B 141 -30.62 17.94 -12.80
CA LEU B 141 -30.78 18.82 -13.94
C LEU B 141 -30.64 17.98 -15.20
N MET B 142 -31.51 18.25 -16.16
CA MET B 142 -31.50 17.58 -17.45
C MET B 142 -31.37 18.66 -18.52
N LEU B 143 -30.45 18.45 -19.46
CA LEU B 143 -30.13 19.40 -20.51
C LEU B 143 -30.71 18.96 -21.85
N ASP B 144 -30.91 19.91 -22.75
CA ASP B 144 -31.57 19.63 -24.03
C ASP B 144 -30.60 19.21 -25.13
N GLN B 145 -29.44 18.66 -24.77
CA GLN B 145 -28.60 17.97 -25.72
C GLN B 145 -27.96 16.77 -25.03
N VAL B 146 -27.69 15.74 -25.81
CA VAL B 146 -26.77 14.69 -25.39
C VAL B 146 -25.36 15.16 -25.76
N TYR B 147 -24.56 15.50 -24.75
CA TYR B 147 -23.17 15.91 -24.89
C TYR B 147 -22.28 14.68 -24.88
N PRO B 148 -21.27 14.69 -25.75
CA PRO B 148 -20.43 13.49 -25.90
C PRO B 148 -19.34 13.45 -24.85
N ALA B 149 -18.79 12.24 -24.68
CA ALA B 149 -17.58 12.11 -23.89
C ALA B 149 -16.55 13.10 -24.42
N GLY B 150 -15.74 13.65 -23.52
CA GLY B 150 -14.77 14.65 -23.90
C GLY B 150 -15.19 16.08 -23.68
N THR B 151 -16.51 16.34 -23.70
CA THR B 151 -17.04 17.63 -23.29
C THR B 151 -16.47 18.07 -21.94
N LYS B 152 -16.17 19.36 -21.84
CA LYS B 152 -15.86 19.97 -20.56
C LYS B 152 -17.18 20.45 -19.97
N ILE B 153 -17.61 19.80 -18.89
CA ILE B 153 -18.79 20.23 -18.12
C ILE B 153 -18.31 21.05 -16.93
N LYS B 154 -18.65 22.34 -16.91
CA LYS B 154 -18.18 23.28 -15.91
C LYS B 154 -19.31 23.65 -14.95
N ILE B 155 -19.10 23.43 -13.65
CA ILE B 155 -19.99 23.91 -12.60
C ILE B 155 -19.39 25.21 -12.07
N GLN B 156 -20.16 26.29 -12.13
CA GLN B 156 -19.60 27.63 -11.95
C GLN B 156 -20.52 28.53 -11.15
N LYS B 157 -19.93 29.37 -10.30
CA LYS B 157 -20.69 30.34 -9.52
C LYS B 157 -20.73 31.66 -10.29
N ASP B 158 -21.83 31.89 -11.00
CA ASP B 158 -22.04 33.16 -11.69
C ASP B 158 -22.69 34.16 -10.74
N ALA B 159 -22.83 35.39 -11.21
CA ALA B 159 -23.58 36.39 -10.45
C ALA B 159 -25.05 35.98 -10.44
N GLY B 160 -25.69 36.14 -9.28
CA GLY B 160 -27.03 35.64 -9.08
C GLY B 160 -27.11 34.22 -8.55
N ASP B 161 -26.00 33.48 -8.55
CA ASP B 161 -25.97 32.15 -7.95
C ASP B 161 -25.84 32.27 -6.43
N VAL B 162 -25.95 31.13 -5.75
CA VAL B 162 -25.79 31.12 -4.28
C VAL B 162 -24.45 31.75 -3.88
N SER B 163 -24.39 32.21 -2.61
CA SER B 163 -23.25 32.99 -2.13
C SER B 163 -22.03 32.08 -1.96
N TRP B 164 -22.26 30.82 -1.58
CA TRP B 164 -21.22 29.80 -1.57
C TRP B 164 -21.84 28.42 -1.67
N ILE B 165 -21.00 27.47 -2.07
CA ILE B 165 -21.45 26.11 -2.30
C ILE B 165 -20.23 25.20 -2.25
N TYR B 166 -20.38 24.06 -1.57
CA TYR B 166 -19.41 22.99 -1.60
C TYR B 166 -19.86 21.99 -2.64
N VAL B 167 -19.06 21.80 -3.67
CA VAL B 167 -19.40 20.85 -4.73
C VAL B 167 -18.67 19.54 -4.46
N ASP B 168 -19.46 18.48 -4.23
CA ASP B 168 -18.96 17.18 -3.81
C ASP B 168 -18.69 16.27 -5.00
N LEU B 169 -19.71 16.00 -5.80
CA LEU B 169 -19.56 15.13 -6.95
C LEU B 169 -20.58 15.52 -8.00
N LEU B 170 -20.27 15.15 -9.23
CA LEU B 170 -21.22 15.26 -10.32
C LEU B 170 -21.54 13.86 -10.81
N GLU B 171 -22.82 13.52 -10.74
CA GLU B 171 -23.38 12.32 -11.37
C GLU B 171 -23.79 12.67 -12.79
N THR B 172 -23.42 11.83 -13.76
CA THR B 172 -23.72 12.13 -15.16
C THR B 172 -24.37 10.92 -15.84
N GLU B 173 -25.34 11.16 -16.71
CA GLU B 173 -26.08 10.08 -17.34
C GLU B 173 -26.56 10.46 -18.74
N ASN B 174 -26.57 9.49 -19.65
CA ASN B 174 -27.28 9.60 -20.92
C ASN B 174 -28.63 8.92 -20.77
N VAL B 175 -29.67 9.69 -20.47
CA VAL B 175 -31.01 9.15 -20.23
C VAL B 175 -31.76 8.96 -21.54
N ALA B 176 -32.37 7.77 -21.69
CA ALA B 176 -33.18 7.44 -22.83
C ALA B 176 -34.41 8.33 -22.87
N PRO B 177 -34.99 8.53 -24.04
CA PRO B 177 -36.25 9.26 -24.10
C PRO B 177 -37.29 8.51 -23.29
N PRO B 178 -38.34 9.20 -22.85
CA PRO B 178 -39.40 8.54 -22.08
C PRO B 178 -40.01 7.33 -22.81
N GLN B 179 -40.39 6.36 -21.98
CA GLN B 179 -41.12 5.17 -22.40
C GLN B 179 -42.63 5.47 -22.39
N ALA B 180 -43.31 5.11 -23.47
CA ALA B 180 -44.75 5.34 -23.56
C ALA B 180 -45.51 4.18 -22.96
N ASN B 181 -46.80 4.40 -22.76
CA ASN B 181 -47.72 3.36 -22.29
C ASN B 181 -47.48 2.08 -23.06
N PRO B 182 -47.04 1.00 -22.40
CA PRO B 182 -46.77 -0.23 -23.15
C PRO B 182 -47.93 -0.66 -24.04
N ASP B 183 -49.18 -0.43 -23.59
CA ASP B 183 -50.39 -0.93 -24.26
C ASP B 183 -51.63 -0.27 -23.67
N PRO B 184 -52.19 0.75 -24.31
CA PRO B 184 -53.30 1.47 -23.69
C PRO B 184 -54.51 0.60 -23.40
N THR B 185 -54.69 -0.49 -24.15
CA THR B 185 -55.78 -1.41 -23.88
C THR B 185 -55.55 -2.28 -22.65
N LYS B 186 -54.30 -2.35 -22.15
CA LYS B 186 -53.99 -3.14 -20.98
C LYS B 186 -53.43 -2.36 -19.79
N TYR B 187 -53.09 -1.07 -19.97
CA TYR B 187 -52.64 -0.21 -18.88
C TYR B 187 -53.50 1.03 -18.82
N VAL B 188 -54.25 1.19 -17.72
CA VAL B 188 -55.01 2.43 -17.51
C VAL B 188 -54.01 3.54 -17.27
N ALA B 189 -53.98 4.54 -18.15
CA ALA B 189 -53.03 5.63 -18.01
C ALA B 189 -53.53 6.67 -17.01
N VAL B 190 -52.66 7.04 -16.07
CA VAL B 190 -52.84 8.30 -15.37
C VAL B 190 -52.76 9.44 -16.39
N SER B 191 -53.38 10.57 -16.07
CA SER B 191 -53.51 11.67 -17.03
C SER B 191 -53.85 12.94 -16.25
N ALA B 192 -53.99 14.05 -16.98
CA ALA B 192 -54.35 15.31 -16.36
C ALA B 192 -55.69 15.22 -15.64
N SER B 193 -56.54 14.32 -16.07
CA SER B 193 -57.89 14.20 -15.53
C SER B 193 -58.07 12.99 -14.64
N LYS B 194 -57.16 12.01 -14.71
CA LYS B 194 -57.32 10.75 -13.99
C LYS B 194 -56.13 10.53 -13.06
N SER B 195 -56.38 10.56 -11.76
CA SER B 195 -55.35 10.37 -10.76
C SER B 195 -54.97 8.89 -10.64
N ILE B 196 -53.83 8.64 -9.98
CA ILE B 196 -53.37 7.27 -9.72
C ILE B 196 -54.47 6.44 -9.07
N ASP B 197 -55.10 6.99 -8.02
CA ASP B 197 -56.21 6.29 -7.38
C ASP B 197 -57.27 5.90 -8.39
N GLN B 198 -57.70 6.85 -9.21
CA GLN B 198 -58.77 6.56 -10.16
C GLN B 198 -58.32 5.56 -11.21
N ALA B 199 -57.07 5.68 -11.67
CA ALA B 199 -56.54 4.71 -12.63
C ALA B 199 -56.49 3.30 -12.03
N LEU B 200 -56.09 3.20 -10.76
CA LEU B 200 -56.03 1.91 -10.08
C LEU B 200 -57.42 1.33 -9.82
N THR B 201 -58.42 2.19 -9.64
CA THR B 201 -59.79 1.70 -9.51
C THR B 201 -60.27 1.14 -10.85
N GLU B 202 -60.05 1.89 -11.92
CA GLU B 202 -60.38 1.38 -13.24
C GLU B 202 -59.64 0.09 -13.54
N PHE B 203 -58.36 0.01 -13.16
CA PHE B 203 -57.64 -1.24 -13.39
C PHE B 203 -58.32 -2.40 -12.67
N ARG B 204 -58.68 -2.21 -11.40
CA ARG B 204 -59.29 -3.28 -10.62
C ARG B 204 -60.57 -3.78 -11.28
N GLN B 205 -61.43 -2.86 -11.72
CA GLN B 205 -62.76 -3.24 -12.17
C GLN B 205 -62.81 -3.68 -13.63
N ASP B 206 -61.72 -3.56 -14.37
CA ASP B 206 -61.63 -4.11 -15.71
C ASP B 206 -60.58 -5.21 -15.69
N ASN B 207 -61.01 -6.44 -15.96
CA ASN B 207 -60.14 -7.58 -15.74
C ASN B 207 -59.23 -7.86 -16.92
N THR B 208 -59.40 -7.13 -18.02
CA THR B 208 -58.46 -7.20 -19.13
C THR B 208 -57.25 -6.31 -18.90
N LYS B 209 -57.34 -5.36 -17.98
CA LYS B 209 -56.22 -4.49 -17.66
C LYS B 209 -55.20 -5.26 -16.81
N LYS B 210 -53.90 -5.00 -17.07
CA LYS B 210 -52.78 -5.58 -16.33
C LYS B 210 -52.23 -4.63 -15.27
N GLY B 211 -52.75 -3.42 -15.17
CA GLY B 211 -52.22 -2.41 -14.28
C GLY B 211 -52.36 -1.03 -14.89
N ILE B 212 -51.51 -0.11 -14.43
CA ILE B 212 -51.59 1.30 -14.80
C ILE B 212 -50.27 1.78 -15.35
N TYR B 213 -50.37 2.81 -16.21
CA TYR B 213 -49.24 3.54 -16.77
C TYR B 213 -49.27 4.96 -16.25
N ILE B 214 -48.15 5.42 -15.68
CA ILE B 214 -48.03 6.78 -15.17
C ILE B 214 -47.12 7.54 -16.13
N PRO B 215 -47.64 8.47 -16.91
CA PRO B 215 -46.84 9.13 -17.93
C PRO B 215 -45.78 10.04 -17.34
N ALA B 216 -44.95 10.60 -18.22
CA ALA B 216 -44.00 11.62 -17.80
C ALA B 216 -44.76 12.80 -17.17
N GLY B 217 -44.27 13.26 -16.04
CA GLY B 217 -44.89 14.39 -15.38
C GLY B 217 -44.67 14.31 -13.88
N GLU B 218 -45.33 15.22 -13.17
CA GLU B 218 -45.29 15.29 -11.72
C GLU B 218 -46.68 14.97 -11.18
N TRP B 219 -46.77 13.90 -10.42
CA TRP B 219 -48.05 13.37 -9.96
C TRP B 219 -48.02 13.30 -8.44
N THR B 220 -49.09 13.79 -7.82
CA THR B 220 -49.17 13.83 -6.36
C THR B 220 -49.44 12.45 -5.79
N ILE B 221 -48.70 12.10 -4.75
CA ILE B 221 -49.05 11.00 -3.87
C ILE B 221 -49.22 11.63 -2.49
N ASN B 222 -50.47 11.88 -2.10
CA ASN B 222 -50.77 12.31 -0.75
C ASN B 222 -51.33 11.19 0.11
N SER B 223 -51.26 9.94 -0.36
CA SER B 223 -51.88 8.84 0.35
C SER B 223 -50.97 7.61 0.34
N LYS B 224 -51.18 6.73 1.30
CA LYS B 224 -50.57 5.40 1.25
C LYS B 224 -51.51 4.50 0.47
N ILE B 225 -51.16 4.22 -0.79
CA ILE B 225 -52.02 3.45 -1.67
C ILE B 225 -51.87 1.97 -1.33
N PHE B 226 -52.99 1.31 -1.05
CA PHE B 226 -52.99 -0.13 -0.85
C PHE B 226 -53.23 -0.82 -2.18
N LEU B 227 -52.44 -1.84 -2.46
CA LEU B 227 -52.64 -2.67 -3.62
C LEU B 227 -53.31 -3.96 -3.18
N TYR B 228 -54.40 -4.30 -3.85
CA TYR B 228 -55.20 -5.46 -3.49
C TYR B 228 -55.96 -5.95 -4.73
N GLY B 229 -56.72 -7.02 -4.55
CA GLY B 229 -57.47 -7.62 -5.63
C GLY B 229 -56.65 -8.65 -6.36
N ARG B 230 -55.67 -8.20 -7.13
CA ARG B 230 -54.89 -9.08 -7.99
C ARG B 230 -53.50 -8.50 -8.10
N ALA B 231 -52.58 -9.30 -8.65
CA ALA B 231 -51.28 -8.76 -9.03
C ALA B 231 -51.48 -7.55 -9.95
N THR B 232 -50.81 -6.46 -9.60
CA THR B 232 -50.98 -5.17 -10.26
C THR B 232 -49.64 -4.70 -10.79
N GLU B 233 -49.62 -4.13 -11.98
CA GLU B 233 -48.41 -3.55 -12.56
C GLU B 233 -48.52 -2.02 -12.57
N ILE B 234 -47.51 -1.35 -12.06
CA ILE B 234 -47.45 0.11 -12.07
C ILE B 234 -46.22 0.47 -12.88
N VAL B 235 -46.44 0.94 -14.10
CA VAL B 235 -45.37 1.25 -15.05
C VAL B 235 -45.30 2.76 -15.22
N GLY B 236 -44.09 3.31 -15.14
CA GLY B 236 -43.85 4.70 -15.43
C GLY B 236 -43.08 4.89 -16.71
N ALA B 237 -42.65 6.13 -16.95
CA ALA B 237 -41.96 6.48 -18.19
C ALA B 237 -40.44 6.47 -18.05
N GLY B 238 -39.91 6.14 -16.88
CA GLY B 238 -38.51 6.32 -16.59
C GLY B 238 -38.37 7.20 -15.37
N PRO B 239 -37.51 6.81 -14.44
CA PRO B 239 -37.39 7.61 -13.20
C PRO B 239 -37.02 9.08 -13.45
N TRP B 240 -36.40 9.43 -14.59
CA TRP B 240 -36.16 10.83 -14.87
C TRP B 240 -37.40 11.56 -15.35
N TYR B 241 -38.45 10.87 -15.75
CA TYR B 241 -39.62 11.50 -16.36
C TYR B 241 -40.90 11.38 -15.54
N THR B 242 -41.19 10.22 -14.98
CA THR B 242 -42.35 10.01 -14.13
C THR B 242 -41.95 10.26 -12.67
N LYS B 243 -42.52 11.32 -12.10
CA LYS B 243 -42.20 11.73 -10.72
C LYS B 243 -43.47 11.72 -9.89
N LEU B 244 -43.52 10.82 -8.91
CA LEU B 244 -44.52 10.84 -7.86
C LEU B 244 -44.02 11.75 -6.73
N VAL B 245 -44.76 12.81 -6.44
CA VAL B 245 -44.31 13.89 -5.58
C VAL B 245 -45.23 13.97 -4.36
N ALA B 246 -44.69 13.62 -3.19
CA ALA B 246 -45.39 13.92 -1.95
C ALA B 246 -45.52 15.43 -1.82
N PRO B 247 -46.64 15.93 -1.27
CA PRO B 247 -46.89 17.39 -1.32
C PRO B 247 -45.78 18.17 -0.64
N GLN B 248 -45.01 18.92 -1.43
CA GLN B 248 -43.78 19.52 -0.93
C GLN B 248 -44.03 20.56 0.16
N SER B 249 -45.24 21.11 0.24
CA SER B 249 -45.52 22.09 1.28
C SER B 249 -45.84 21.41 2.62
N GLN B 250 -46.15 20.12 2.60
CA GLN B 250 -46.28 19.41 3.86
C GLN B 250 -44.94 18.83 4.28
N SER B 251 -44.89 18.32 5.49
CA SER B 251 -43.69 17.67 5.99
C SER B 251 -44.04 16.31 6.59
N ASN B 252 -43.15 15.33 6.37
CA ASN B 252 -43.24 14.02 7.01
C ASN B 252 -44.59 13.33 6.77
N THR B 253 -45.11 13.38 5.54
CA THR B 253 -46.35 12.73 5.17
C THR B 253 -46.07 11.28 4.73
N ASP B 254 -46.81 10.33 5.30
CA ASP B 254 -46.62 8.93 4.94
C ASP B 254 -47.38 8.63 3.66
N VAL B 255 -46.66 8.37 2.58
CA VAL B 255 -47.27 8.12 1.29
C VAL B 255 -46.61 6.92 0.65
N GLY B 256 -47.14 6.49 -0.50
CA GLY B 256 -46.58 5.39 -1.24
C GLY B 256 -47.52 4.20 -1.32
N PHE B 257 -46.94 3.01 -1.41
CA PHE B 257 -47.70 1.82 -1.68
C PHE B 257 -47.60 0.80 -0.55
N ASN B 258 -48.70 0.10 -0.30
CA ASN B 258 -48.75 -0.97 0.69
C ASN B 258 -49.17 -2.23 -0.05
N ILE B 259 -48.28 -3.22 -0.06
CA ILE B 259 -48.48 -4.42 -0.86
C ILE B 259 -48.71 -5.59 0.09
N SER B 260 -49.94 -6.07 0.10
CA SER B 260 -50.41 -7.21 0.85
C SER B 260 -50.21 -8.49 0.04
N ALA B 261 -50.69 -9.61 0.60
CA ALA B 261 -50.66 -10.87 -0.14
C ALA B 261 -51.73 -10.93 -1.23
N ALA B 262 -52.76 -10.06 -1.19
CA ALA B 262 -53.72 -10.02 -2.29
C ALA B 262 -53.09 -9.55 -3.59
N ALA B 263 -51.96 -8.85 -3.51
CA ALA B 263 -51.28 -8.33 -4.68
C ALA B 263 -49.93 -9.00 -4.87
N ASN B 264 -49.80 -10.23 -4.41
CA ASN B 264 -48.60 -11.00 -4.70
C ASN B 264 -48.30 -10.93 -6.19
N GLY B 265 -47.00 -10.90 -6.51
CA GLY B 265 -46.60 -10.84 -7.90
C GLY B 265 -46.88 -9.53 -8.60
N SER B 266 -47.01 -8.44 -7.84
CA SER B 266 -47.13 -7.11 -8.43
C SER B 266 -45.78 -6.66 -8.99
N THR B 267 -45.82 -5.58 -9.77
CA THR B 267 -44.62 -4.92 -10.27
C THR B 267 -44.80 -3.42 -10.19
N ILE B 268 -43.79 -2.73 -9.69
CA ILE B 268 -43.65 -1.29 -9.82
C ILE B 268 -42.32 -1.03 -10.50
N ARG B 269 -42.33 -0.21 -11.57
CA ARG B 269 -41.08 0.01 -12.29
C ARG B 269 -41.07 1.38 -12.97
N ASP B 270 -39.84 1.88 -13.18
CA ASP B 270 -39.51 2.95 -14.14
C ASP B 270 -40.12 4.31 -13.74
N LEU B 271 -39.87 4.72 -12.51
CA LEU B 271 -40.41 5.95 -11.98
C LEU B 271 -39.56 6.38 -10.80
N SER B 272 -39.75 7.62 -10.38
CA SER B 272 -39.09 8.12 -9.19
C SER B 272 -40.15 8.56 -8.19
N ALA B 273 -39.77 8.62 -6.91
CA ALA B 273 -40.70 9.00 -5.84
C ALA B 273 -40.02 10.00 -4.91
N TRP B 274 -40.59 11.18 -4.78
CA TRP B 274 -39.93 12.32 -4.11
C TRP B 274 -40.69 12.65 -2.84
N GLY B 275 -40.11 12.21 -1.70
CA GLY B 275 -40.78 12.34 -0.42
C GLY B 275 -40.76 13.76 0.09
N ASN B 276 -41.53 13.99 1.16
CA ASN B 276 -41.49 15.27 1.85
C ASN B 276 -41.00 15.15 3.30
N TYR B 277 -40.25 14.09 3.62
CA TYR B 277 -39.74 13.95 4.96
C TYR B 277 -38.55 14.87 5.15
N ILE B 278 -38.51 15.55 6.28
CA ILE B 278 -37.38 16.39 6.64
C ILE B 278 -36.70 15.90 7.91
N ASN B 279 -37.19 14.82 8.51
CA ASN B 279 -36.47 14.14 9.58
C ASN B 279 -36.95 12.69 9.68
N ARG B 280 -36.11 11.86 10.27
CA ARG B 280 -36.50 10.48 10.51
C ARG B 280 -37.67 10.39 11.47
N VAL B 281 -38.59 9.50 11.16
CA VAL B 281 -39.71 9.11 12.01
C VAL B 281 -39.79 7.60 11.98
N ASP B 282 -39.85 6.98 13.15
CA ASP B 282 -39.88 5.51 13.21
C ASP B 282 -41.33 5.04 13.17
N GLY B 283 -41.66 4.23 12.17
CA GLY B 283 -43.02 3.82 11.93
C GLY B 283 -43.44 4.08 10.49
N PRO B 284 -43.87 5.30 10.21
CA PRO B 284 -44.27 5.67 8.84
C PRO B 284 -43.05 5.89 7.95
N GLY B 285 -43.34 6.32 6.72
CA GLY B 285 -42.34 6.87 5.82
C GLY B 285 -41.62 5.90 4.93
N LYS B 286 -42.13 4.68 4.77
CA LYS B 286 -41.61 3.76 3.78
C LYS B 286 -42.40 3.95 2.49
N PHE B 287 -41.68 4.10 1.37
CA PHE B 287 -42.40 4.28 0.10
C PHE B 287 -43.19 3.02 -0.24
N ILE B 288 -42.59 1.86 -0.05
CA ILE B 288 -43.27 0.58 -0.26
C ILE B 288 -43.19 -0.21 1.04
N ASP B 289 -44.35 -0.69 1.51
CA ASP B 289 -44.46 -1.52 2.70
C ASP B 289 -44.84 -2.94 2.29
N GLY B 290 -43.88 -3.86 2.36
CA GLY B 290 -44.14 -5.27 2.16
C GLY B 290 -44.80 -5.97 3.34
N ASN B 291 -46.13 -6.11 3.32
CA ASN B 291 -46.83 -6.83 4.38
C ASN B 291 -47.18 -8.22 3.87
N GLY B 292 -46.27 -9.17 4.09
CA GLY B 292 -46.47 -10.52 3.62
C GLY B 292 -46.48 -10.66 2.12
N MET B 293 -45.90 -9.72 1.38
CA MET B 293 -45.98 -9.80 -0.06
C MET B 293 -45.06 -10.89 -0.60
N GLN B 294 -45.44 -11.44 -1.75
CA GLN B 294 -44.68 -12.54 -2.34
C GLN B 294 -44.54 -12.30 -3.83
N ASN B 295 -43.34 -12.55 -4.33
CA ASN B 295 -43.07 -12.54 -5.77
C ASN B 295 -43.27 -11.17 -6.40
N VAL B 296 -43.10 -10.11 -5.62
CA VAL B 296 -43.26 -8.76 -6.14
C VAL B 296 -41.95 -8.30 -6.76
N THR B 297 -42.01 -7.51 -7.82
CA THR B 297 -40.83 -6.96 -8.45
C THR B 297 -40.88 -5.45 -8.32
N VAL B 298 -39.82 -4.89 -7.72
CA VAL B 298 -39.58 -3.46 -7.69
C VAL B 298 -38.33 -3.21 -8.52
N GLN B 299 -38.46 -2.45 -9.59
CA GLN B 299 -37.42 -2.39 -10.59
C GLN B 299 -37.26 -0.97 -11.12
N ASN B 300 -36.02 -0.53 -11.24
CA ASN B 300 -35.72 0.74 -11.91
C ASN B 300 -36.54 1.89 -11.35
N ILE B 301 -36.62 1.97 -10.02
CA ILE B 301 -37.23 3.13 -9.38
C ILE B 301 -36.15 3.87 -8.59
N TRP B 302 -36.43 5.16 -8.36
CA TRP B 302 -35.50 6.11 -7.78
C TRP B 302 -36.28 6.86 -6.68
N VAL B 303 -35.84 6.74 -5.44
CA VAL B 303 -36.63 7.21 -4.31
C VAL B 303 -35.79 8.10 -3.41
N GLU B 304 -36.34 9.26 -3.02
CA GLU B 304 -35.62 10.23 -2.20
C GLU B 304 -36.53 10.82 -1.12
N HIS B 305 -35.90 11.14 0.01
CA HIS B 305 -36.52 11.92 1.10
C HIS B 305 -37.74 11.21 1.69
N PHE B 306 -37.66 9.88 1.75
CA PHE B 306 -38.52 9.03 2.56
C PHE B 306 -37.71 8.51 3.75
N VAL B 307 -38.38 7.82 4.68
CA VAL B 307 -37.58 7.19 5.72
C VAL B 307 -36.90 5.95 5.19
N CYS B 308 -37.57 5.22 4.30
CA CYS B 308 -37.01 4.01 3.75
C CYS B 308 -37.53 3.85 2.33
N LEU B 309 -36.79 3.12 1.52
CA LEU B 309 -37.35 2.63 0.27
C LEU B 309 -38.36 1.53 0.52
N TYR B 310 -37.97 0.52 1.29
CA TYR B 310 -38.78 -0.67 1.45
C TYR B 310 -38.54 -1.28 2.83
N TRP B 311 -39.61 -1.70 3.47
CA TRP B 311 -39.51 -2.38 4.76
C TRP B 311 -40.45 -3.57 4.71
N GLY B 312 -39.88 -4.77 4.59
CA GLY B 312 -40.67 -5.97 4.44
C GLY B 312 -40.85 -6.73 5.75
N VAL B 313 -42.08 -7.17 5.98
CA VAL B 313 -42.40 -8.04 7.09
C VAL B 313 -42.89 -9.36 6.53
N ASN B 314 -42.15 -10.43 6.77
CA ASN B 314 -42.53 -11.76 6.33
C ASN B 314 -42.87 -11.76 4.84
N SER B 315 -41.98 -11.17 4.06
CA SER B 315 -42.14 -11.03 2.61
C SER B 315 -41.06 -11.82 1.88
N SER B 316 -41.48 -12.66 0.94
CA SER B 316 -40.56 -13.63 0.38
C SER B 316 -40.67 -13.69 -1.15
N TYR B 317 -39.59 -14.17 -1.76
CA TYR B 317 -39.52 -14.43 -3.20
C TYR B 317 -39.65 -13.16 -4.04
N ASN B 318 -39.48 -12.00 -3.42
CA ASN B 318 -39.54 -10.74 -4.13
C ASN B 318 -38.18 -10.38 -4.72
N THR B 319 -38.21 -9.41 -5.64
CA THR B 319 -37.04 -8.98 -6.40
C THR B 319 -36.98 -7.46 -6.43
N PHE B 320 -35.84 -6.91 -6.06
CA PHE B 320 -35.55 -5.48 -6.12
C PHE B 320 -34.32 -5.33 -6.98
N LYS B 321 -34.50 -4.77 -8.17
CA LYS B 321 -33.44 -4.72 -9.17
C LYS B 321 -33.31 -3.30 -9.68
N ASN B 322 -32.06 -2.84 -9.83
CA ASN B 322 -31.75 -1.63 -10.60
C ASN B 322 -32.36 -0.37 -9.98
N ASN B 323 -32.55 -0.34 -8.67
CA ASN B 323 -33.16 0.82 -8.03
C ASN B 323 -32.11 1.87 -7.63
N ARG B 324 -32.60 3.07 -7.33
CA ARG B 324 -31.77 4.15 -6.76
C ARG B 324 -32.39 4.64 -5.46
N ILE B 325 -31.66 4.47 -4.36
CA ILE B 325 -32.08 5.00 -3.05
C ILE B 325 -31.13 6.13 -2.67
N LYS B 326 -31.65 7.34 -2.56
CA LYS B 326 -30.84 8.51 -2.30
C LYS B 326 -31.49 9.38 -1.22
N ASN B 327 -30.70 9.73 -0.21
CA ASN B 327 -31.07 10.78 0.74
C ASN B 327 -32.35 10.42 1.51
N THR B 328 -32.29 9.28 2.21
CA THR B 328 -33.39 8.86 3.06
C THR B 328 -33.03 9.12 4.52
N PHE B 329 -34.03 9.04 5.38
CA PHE B 329 -33.77 9.34 6.77
C PHE B 329 -33.47 8.11 7.63
N ALA B 330 -33.69 6.90 7.09
CA ALA B 330 -33.21 5.70 7.76
C ALA B 330 -32.77 4.69 6.71
N ASP B 331 -33.15 3.41 6.87
CA ASP B 331 -32.58 2.36 6.04
C ASP B 331 -33.04 2.48 4.60
N GLY B 332 -32.16 2.13 3.67
CA GLY B 332 -32.56 2.02 2.30
C GLY B 332 -33.61 0.92 2.21
N ILE B 333 -33.15 -0.32 2.35
CA ILE B 333 -34.01 -1.48 2.29
C ILE B 333 -33.75 -2.33 3.54
N ASN B 334 -34.81 -2.79 4.17
CA ASN B 334 -34.70 -3.75 5.25
C ASN B 334 -35.85 -4.74 5.16
N MET B 335 -35.65 -5.89 5.79
CA MET B 335 -36.60 -7.00 5.78
C MET B 335 -36.55 -7.70 7.13
N THR B 336 -37.72 -8.06 7.66
CA THR B 336 -37.81 -8.70 8.98
C THR B 336 -38.74 -9.89 8.91
N ASN B 337 -38.76 -10.64 10.02
CA ASN B 337 -39.83 -11.58 10.36
C ASN B 337 -39.96 -12.71 9.36
N GLY B 338 -38.82 -13.34 9.05
CA GLY B 338 -38.82 -14.48 8.16
C GLY B 338 -38.86 -14.16 6.68
N SER B 339 -38.70 -12.88 6.30
CA SER B 339 -38.59 -12.51 4.90
C SER B 339 -37.43 -13.26 4.26
N SER B 340 -37.74 -14.09 3.26
CA SER B 340 -36.76 -15.06 2.75
C SER B 340 -36.79 -15.18 1.23
N TYR B 341 -35.68 -15.66 0.68
CA TYR B 341 -35.57 -15.94 -0.75
C TYR B 341 -35.92 -14.72 -1.60
N ASN B 342 -35.47 -13.54 -1.15
CA ASN B 342 -35.61 -12.34 -1.96
C ASN B 342 -34.29 -12.05 -2.66
N VAL B 343 -34.39 -11.32 -3.75
CA VAL B 343 -33.25 -10.96 -4.60
C VAL B 343 -33.10 -9.45 -4.53
N ILE B 344 -32.03 -8.98 -3.88
CA ILE B 344 -31.69 -7.57 -3.89
C ILE B 344 -30.47 -7.40 -4.77
N ASP B 345 -30.71 -7.11 -6.05
CA ASP B 345 -29.69 -7.22 -7.09
C ASP B 345 -29.56 -5.89 -7.80
N ASN B 346 -28.35 -5.33 -7.78
CA ASN B 346 -27.94 -4.22 -8.65
C ASN B 346 -28.61 -2.90 -8.27
N ASN B 347 -28.48 -2.53 -7.01
CA ASN B 347 -29.09 -1.33 -6.46
C ASN B 347 -28.03 -0.36 -5.96
N TYR B 348 -28.35 0.95 -6.10
CA TYR B 348 -27.46 2.04 -5.69
C TYR B 348 -28.09 2.82 -4.55
N ALA B 349 -27.31 3.07 -3.50
CA ALA B 349 -27.73 3.85 -2.34
C ALA B 349 -26.65 4.87 -2.02
N ARG B 350 -27.05 6.14 -1.92
CA ARG B 350 -26.17 7.23 -1.51
C ARG B 350 -26.92 8.11 -0.51
N GLY B 351 -26.33 8.28 0.67
CA GLY B 351 -26.90 9.20 1.63
C GLY B 351 -28.12 8.69 2.35
N THR B 352 -28.23 7.39 2.61
CA THR B 352 -29.34 6.90 3.43
C THR B 352 -29.11 7.30 4.89
N GLY B 353 -30.19 7.29 5.67
CA GLY B 353 -30.13 7.74 7.04
C GLY B 353 -29.88 6.66 8.06
N ASP B 354 -29.81 5.41 7.63
CA ASP B 354 -29.42 4.29 8.46
C ASP B 354 -28.74 3.28 7.54
N ALA B 355 -28.75 2.01 7.91
CA ALA B 355 -28.11 1.00 7.07
C ALA B 355 -28.78 0.95 5.69
N SER B 356 -27.95 1.00 4.65
CA SER B 356 -28.49 1.16 3.30
C SER B 356 -29.10 -0.13 2.80
N PHE B 357 -28.46 -1.25 3.11
CA PHE B 357 -28.98 -2.56 2.78
C PHE B 357 -28.84 -3.43 4.02
N ALA B 358 -29.97 -3.89 4.54
CA ALA B 358 -29.94 -4.59 5.82
C ALA B 358 -30.98 -5.71 5.82
N LEU B 359 -30.83 -6.60 6.79
CA LEU B 359 -31.65 -7.81 6.93
C LEU B 359 -31.69 -8.10 8.42
N PHE B 360 -32.87 -7.97 9.03
CA PHE B 360 -33.00 -7.98 10.48
C PHE B 360 -33.97 -9.10 10.83
N SER B 361 -33.45 -10.23 11.34
CA SER B 361 -34.29 -11.38 11.66
C SER B 361 -35.04 -11.17 12.98
N ALA B 362 -35.71 -10.03 13.09
CA ALA B 362 -36.66 -9.81 14.17
C ALA B 362 -37.86 -10.74 13.98
N THR B 363 -38.15 -11.57 14.98
CA THR B 363 -39.38 -12.36 15.02
C THR B 363 -40.52 -11.59 15.68
N ASP B 364 -40.33 -10.28 15.81
CA ASP B 364 -41.28 -9.23 16.15
C ASP B 364 -42.75 -9.51 15.80
N SER B 365 -43.02 -10.36 14.79
CA SER B 365 -44.39 -10.65 14.37
C SER B 365 -44.61 -12.13 14.06
N GLY B 366 -43.82 -13.02 14.69
CA GLY B 366 -43.77 -14.42 14.29
C GLY B 366 -42.74 -14.62 13.20
N GLY B 367 -41.57 -15.19 13.55
CA GLY B 367 -40.47 -15.29 12.61
C GLY B 367 -40.73 -16.20 11.41
N SER B 368 -39.84 -17.17 11.18
CA SER B 368 -38.65 -17.40 11.96
C SER B 368 -37.49 -16.59 11.36
N TYR B 369 -36.39 -17.26 10.99
CA TYR B 369 -35.25 -16.55 10.45
C TYR B 369 -35.56 -15.98 9.06
N ASN B 370 -34.84 -14.91 8.70
CA ASN B 370 -34.72 -14.51 7.31
C ASN B 370 -33.70 -15.42 6.63
N VAL B 371 -34.12 -16.21 5.65
CA VAL B 371 -33.20 -17.19 5.06
C VAL B 371 -33.17 -17.04 3.55
N GLY B 372 -32.04 -17.47 2.99
CA GLY B 372 -31.94 -17.66 1.55
C GLY B 372 -31.97 -16.39 0.73
N ASN B 373 -31.65 -15.25 1.31
CA ASN B 373 -31.66 -14.00 0.58
C ASN B 373 -30.33 -13.74 -0.11
N LYS B 374 -30.40 -13.07 -1.26
CA LYS B 374 -29.24 -12.80 -2.11
C LYS B 374 -29.14 -11.30 -2.36
N TYR B 375 -28.23 -10.65 -1.62
CA TYR B 375 -27.89 -9.23 -1.80
C TYR B 375 -26.63 -9.15 -2.67
N THR B 376 -26.81 -8.82 -3.95
CA THR B 376 -25.75 -8.97 -4.96
C THR B 376 -25.60 -7.71 -5.80
N ASN B 377 -24.35 -7.38 -6.12
CA ASN B 377 -24.03 -6.22 -6.95
C ASN B 377 -24.67 -4.95 -6.39
N LEU B 378 -24.28 -4.59 -5.17
CA LEU B 378 -24.86 -3.45 -4.47
C LEU B 378 -23.78 -2.39 -4.22
N THR B 379 -24.19 -1.13 -4.26
CA THR B 379 -23.30 -0.02 -3.93
C THR B 379 -23.98 0.85 -2.89
N ALA B 380 -23.23 1.27 -1.86
CA ALA B 380 -23.77 2.11 -0.79
C ALA B 380 -22.67 3.08 -0.36
N THR B 381 -22.88 4.37 -0.66
CA THR B 381 -21.93 5.42 -0.33
C THR B 381 -22.61 6.47 0.55
N ASN B 382 -21.79 7.18 1.32
CA ASN B 382 -22.25 8.28 2.16
C ASN B 382 -23.40 7.84 3.06
N VAL B 383 -23.20 6.71 3.71
CA VAL B 383 -24.13 6.31 4.77
C VAL B 383 -23.98 7.31 5.92
N ARG B 384 -25.02 8.13 6.14
CA ARG B 384 -25.00 9.20 7.12
C ARG B 384 -25.18 8.72 8.55
N ARG B 385 -25.74 7.52 8.73
CA ARG B 385 -25.77 6.83 10.01
C ARG B 385 -25.71 5.33 9.77
N ALA B 386 -25.16 4.61 10.74
CA ALA B 386 -25.07 3.15 10.70
C ALA B 386 -24.18 2.67 9.56
N ALA B 387 -24.33 1.41 9.16
CA ALA B 387 -23.44 0.76 8.21
C ALA B 387 -23.98 0.81 6.78
N ALA B 388 -23.07 0.66 5.83
CA ALA B 388 -23.49 0.46 4.44
C ALA B 388 -24.25 -0.85 4.31
N PHE B 389 -23.84 -1.85 5.09
CA PHE B 389 -24.33 -3.22 4.99
C PHE B 389 -24.46 -3.79 6.39
N ALA B 390 -25.67 -4.20 6.74
CA ALA B 390 -25.98 -4.73 8.06
C ALA B 390 -26.69 -6.06 7.89
N VAL B 391 -26.27 -7.06 8.65
CA VAL B 391 -27.05 -8.29 8.79
C VAL B 391 -27.10 -8.63 10.27
N TYR B 392 -28.32 -8.65 10.82
CA TYR B 392 -28.55 -9.03 12.21
C TYR B 392 -29.28 -10.37 12.23
N GLY B 393 -28.53 -11.43 12.52
CA GLY B 393 -29.13 -12.74 12.60
C GLY B 393 -29.45 -13.29 11.22
N GLY B 394 -30.40 -14.23 11.20
CA GLY B 394 -30.74 -14.97 9.99
C GLY B 394 -29.84 -16.17 9.79
N SER B 395 -30.12 -16.87 8.70
CA SER B 395 -29.40 -18.09 8.34
C SER B 395 -29.37 -18.21 6.82
N ASP B 396 -28.19 -18.54 6.29
CA ASP B 396 -28.05 -18.85 4.88
C ASP B 396 -28.39 -17.66 3.97
N ASN B 397 -27.85 -16.49 4.30
CA ASN B 397 -28.06 -15.30 3.47
C ASN B 397 -26.74 -14.92 2.82
N LEU B 398 -26.79 -14.49 1.57
CA LEU B 398 -25.61 -14.18 0.78
C LEU B 398 -25.53 -12.67 0.50
N PHE B 399 -24.38 -12.08 0.77
CA PHE B 399 -24.04 -10.73 0.33
C PHE B 399 -22.82 -10.82 -0.57
N GLN B 400 -22.95 -10.39 -1.82
CA GLN B 400 -21.97 -10.72 -2.83
C GLN B 400 -21.73 -9.54 -3.77
N ASN B 401 -20.45 -9.19 -3.96
CA ASN B 401 -20.00 -8.17 -4.89
C ASN B 401 -20.44 -6.77 -4.48
N LEU B 402 -20.11 -6.36 -3.26
CA LEU B 402 -20.53 -5.12 -2.66
C LEU B 402 -19.49 -4.02 -2.85
N TYR B 403 -19.96 -2.78 -2.78
CA TYR B 403 -19.08 -1.62 -2.68
C TYR B 403 -19.63 -0.69 -1.60
N GLY B 404 -18.84 -0.46 -0.57
CA GLY B 404 -19.21 0.44 0.50
C GLY B 404 -18.16 1.51 0.66
N ALA B 405 -18.57 2.78 0.75
CA ALA B 405 -17.59 3.85 0.85
C ALA B 405 -18.17 4.97 1.69
N ASP B 406 -17.36 5.50 2.61
CA ASP B 406 -17.63 6.77 3.29
C ASP B 406 -18.84 6.67 4.23
N THR B 407 -18.65 5.87 5.26
CA THR B 407 -19.59 5.84 6.38
C THR B 407 -19.26 6.99 7.32
N LEU B 408 -20.30 7.65 7.82
CA LEU B 408 -20.08 8.80 8.69
C LEU B 408 -19.78 8.40 10.12
N THR B 409 -20.29 7.25 10.57
CA THR B 409 -20.26 6.95 11.99
C THR B 409 -20.03 5.49 12.35
N TYR B 410 -19.98 4.57 11.41
CA TYR B 410 -20.22 3.17 11.75
C TYR B 410 -19.46 2.31 10.74
N PRO B 411 -19.37 1.01 10.98
CA PRO B 411 -18.63 0.14 10.05
C PRO B 411 -19.19 0.17 8.63
N GLY B 412 -18.34 -0.22 7.68
CA GLY B 412 -18.84 -0.51 6.35
C GLY B 412 -19.79 -1.69 6.36
N ILE B 413 -19.47 -2.73 7.12
CA ILE B 413 -20.31 -3.91 7.28
C ILE B 413 -20.48 -4.19 8.76
N THR B 414 -21.73 -4.37 9.18
CA THR B 414 -22.08 -4.79 10.53
C THR B 414 -22.67 -6.20 10.47
N ILE B 415 -22.07 -7.10 11.23
CA ILE B 415 -22.58 -8.46 11.41
C ILE B 415 -22.83 -8.60 12.90
N SER B 416 -24.08 -8.53 13.33
CA SER B 416 -24.32 -8.46 14.76
C SER B 416 -25.45 -9.40 15.17
N SER B 417 -25.29 -10.02 16.34
CA SER B 417 -26.34 -10.82 16.94
C SER B 417 -27.01 -10.09 18.09
N TYR B 418 -27.24 -8.80 17.92
CA TYR B 418 -27.87 -8.00 18.96
C TYR B 418 -29.37 -7.89 18.70
N SER B 419 -30.16 -8.01 19.76
CA SER B 419 -31.60 -8.01 19.59
C SER B 419 -32.18 -6.64 19.29
N PHE B 420 -31.48 -5.55 19.66
CA PHE B 420 -32.03 -4.18 19.66
C PHE B 420 -33.30 -4.09 20.48
N GLY B 421 -33.42 -4.95 21.47
CA GLY B 421 -34.55 -4.90 22.40
C GLY B 421 -35.74 -5.69 21.95
N TYR B 422 -35.81 -6.01 20.66
CA TYR B 422 -36.98 -6.74 20.11
C TYR B 422 -36.81 -8.25 20.33
N ASN B 423 -37.89 -9.00 20.15
CA ASN B 423 -37.78 -10.48 20.21
C ASN B 423 -37.17 -10.83 18.86
N THR B 424 -36.03 -11.50 18.86
CA THR B 424 -35.26 -11.64 17.61
C THR B 424 -34.46 -12.94 17.62
N LEU B 425 -34.19 -13.52 16.45
CA LEU B 425 -33.31 -14.69 16.40
C LEU B 425 -31.93 -14.18 16.02
N GLY B 426 -30.89 -14.91 16.43
CA GLY B 426 -29.52 -14.67 16.05
C GLY B 426 -29.23 -15.37 14.74
N PHE B 427 -27.97 -15.74 14.58
CA PHE B 427 -27.57 -16.42 13.38
C PHE B 427 -27.91 -17.90 13.47
N GLY B 428 -28.36 -18.47 12.34
CA GLY B 428 -28.73 -19.86 12.26
C GLY B 428 -27.57 -20.77 11.90
N ASP B 429 -27.93 -22.01 11.57
CA ASP B 429 -26.93 -23.03 11.36
C ASP B 429 -26.43 -23.09 9.94
N GLN B 430 -26.86 -22.16 9.09
CA GLN B 430 -26.25 -22.03 7.77
C GLN B 430 -25.49 -20.72 7.67
N ASP B 431 -24.46 -20.71 6.84
CA ASP B 431 -23.52 -19.61 6.78
C ASP B 431 -24.18 -18.32 6.31
N THR B 432 -23.88 -17.23 7.01
CA THR B 432 -24.03 -15.90 6.46
C THR B 432 -22.71 -15.49 5.80
N VAL B 433 -22.75 -15.25 4.50
CA VAL B 433 -21.55 -15.13 3.67
C VAL B 433 -21.46 -13.70 3.15
N ILE B 434 -20.26 -13.13 3.25
CA ILE B 434 -19.89 -11.84 2.67
C ILE B 434 -18.80 -12.14 1.65
N ASP B 435 -19.13 -12.04 0.35
CA ASP B 435 -18.25 -12.57 -0.69
C ASP B 435 -18.02 -11.53 -1.79
N GLY B 436 -16.79 -11.01 -1.86
CA GLY B 436 -16.44 -10.00 -2.83
C GLY B 436 -16.92 -8.64 -2.37
N ALA B 437 -16.08 -7.87 -1.69
CA ALA B 437 -16.47 -6.57 -1.18
C ALA B 437 -15.29 -5.62 -1.23
N THR B 438 -15.58 -4.35 -1.46
CA THR B 438 -14.58 -3.29 -1.35
C THR B 438 -15.11 -2.20 -0.43
N LEU B 439 -14.40 -1.93 0.67
CA LEU B 439 -14.83 -0.97 1.68
C LEU B 439 -13.82 0.18 1.74
N ASP B 440 -14.21 1.35 1.21
CA ASP B 440 -13.35 2.52 1.16
C ASP B 440 -13.70 3.49 2.29
N ARG B 441 -12.69 3.87 3.09
CA ARG B 441 -12.82 4.88 4.15
C ARG B 441 -14.07 4.66 5.00
N THR B 442 -14.29 3.41 5.42
CA THR B 442 -15.42 3.08 6.27
C THR B 442 -15.00 2.94 7.73
N GLY B 443 -16.02 2.89 8.59
CA GLY B 443 -15.81 3.06 10.02
C GLY B 443 -16.16 4.48 10.43
N GLY B 444 -15.99 4.74 11.72
CA GLY B 444 -16.34 6.05 12.23
C GLY B 444 -16.54 6.02 13.73
N ASP B 445 -17.06 7.13 14.24
CA ASP B 445 -17.25 7.34 15.66
C ASP B 445 -18.73 7.31 16.00
N PHE B 446 -19.04 6.66 17.13
CA PHE B 446 -20.41 6.60 17.62
C PHE B 446 -20.40 6.20 19.09
N TRP B 447 -21.50 6.52 19.77
CA TRP B 447 -21.68 6.22 21.18
C TRP B 447 -20.61 6.89 22.03
N THR B 448 -20.50 6.51 23.30
CA THR B 448 -19.46 7.04 24.17
C THR B 448 -18.69 5.89 24.79
N SER B 449 -17.42 6.13 25.07
CA SER B 449 -16.47 5.11 25.49
C SER B 449 -15.99 5.34 26.93
N VAL B 450 -16.91 5.64 27.85
CA VAL B 450 -16.50 6.02 29.20
C VAL B 450 -15.92 4.79 29.90
N GLY B 451 -14.67 4.89 30.33
CA GLY B 451 -14.03 3.75 30.95
C GLY B 451 -13.40 2.76 29.98
N ALA B 452 -13.26 3.14 28.71
CA ALA B 452 -12.89 2.20 27.68
C ALA B 452 -11.41 1.87 27.70
N ASP B 453 -11.09 0.72 27.13
CA ASP B 453 -9.74 0.37 26.77
C ASP B 453 -9.42 0.94 25.38
N ASP B 454 -8.14 1.27 25.17
CA ASP B 454 -7.69 1.81 23.89
C ASP B 454 -8.49 3.04 23.49
N LYS B 455 -8.61 3.99 24.42
CA LYS B 455 -9.46 5.15 24.21
C LYS B 455 -8.68 6.26 23.54
N ILE B 456 -9.26 6.84 22.49
CA ILE B 456 -8.58 7.83 21.67
C ILE B 456 -9.44 9.07 21.49
N ASN B 457 -10.69 9.02 21.94
CA ASN B 457 -11.54 10.21 21.96
C ASN B 457 -12.81 9.90 22.75
N GLU B 458 -13.80 10.79 22.62
CA GLU B 458 -15.04 10.69 23.39
C GLU B 458 -15.82 9.44 23.05
N TYR B 459 -15.74 8.97 21.81
CA TYR B 459 -16.63 7.94 21.29
C TYR B 459 -15.99 6.54 21.32
N GLN B 460 -16.85 5.55 21.04
CA GLN B 460 -16.38 4.24 20.57
C GLN B 460 -15.98 4.34 19.10
N ASN B 461 -14.95 3.62 18.73
CA ASN B 461 -14.41 3.68 17.38
C ASN B 461 -14.67 2.39 16.63
N PHE B 462 -14.97 2.51 15.33
CA PHE B 462 -15.49 1.37 14.60
C PHE B 462 -14.66 1.11 13.36
N GLY B 463 -14.27 -0.15 13.18
CA GLY B 463 -13.56 -0.56 11.99
C GLY B 463 -14.49 -0.78 10.79
N ALA B 464 -13.85 -1.09 9.65
CA ALA B 464 -14.60 -1.35 8.43
C ALA B 464 -15.63 -2.46 8.63
N ILE B 465 -15.25 -3.54 9.31
CA ILE B 465 -16.14 -4.68 9.52
C ILE B 465 -16.21 -4.95 11.02
N TRP B 466 -17.43 -5.02 11.54
CA TRP B 466 -17.70 -5.19 12.95
C TRP B 466 -18.45 -6.50 13.13
N ILE B 467 -17.81 -7.45 13.81
CA ILE B 467 -18.43 -8.70 14.20
C ILE B 467 -18.80 -8.55 15.66
N TYR B 468 -20.09 -8.40 15.94
CA TYR B 468 -20.57 -8.01 17.26
C TYR B 468 -21.45 -9.11 17.81
N GLY B 469 -20.93 -9.85 18.78
CA GLY B 469 -21.74 -10.78 19.53
C GLY B 469 -22.62 -10.03 20.52
N GLY B 470 -23.92 -10.23 20.43
CA GLY B 470 -24.86 -9.59 21.33
C GLY B 470 -25.52 -10.55 22.30
N ASP B 471 -26.84 -10.47 22.39
CA ASP B 471 -27.58 -11.37 23.28
C ASP B 471 -28.16 -12.58 22.56
N ARG B 472 -27.82 -12.79 21.29
CA ARG B 472 -28.32 -13.92 20.52
CA ARG B 472 -28.32 -13.89 20.49
C ARG B 472 -27.13 -14.69 19.93
N ALA B 473 -27.45 -15.84 19.33
CA ALA B 473 -26.39 -16.71 18.82
C ALA B 473 -25.60 -16.02 17.73
N ILE B 474 -24.28 -16.11 17.82
CA ILE B 474 -23.37 -15.53 16.84
C ILE B 474 -22.48 -16.65 16.32
N LYS B 475 -22.80 -17.14 15.12
CA LYS B 475 -22.16 -18.31 14.56
C LYS B 475 -22.34 -18.33 13.04
N ASN B 476 -21.46 -19.07 12.38
CA ASN B 476 -21.57 -19.40 10.96
C ASN B 476 -21.61 -18.13 10.11
N ILE B 477 -20.45 -17.49 10.04
CA ILE B 477 -20.17 -16.27 9.31
C ILE B 477 -18.91 -16.50 8.46
N LEU B 478 -18.99 -16.17 7.18
CA LEU B 478 -17.88 -16.35 6.26
C LEU B 478 -17.60 -15.02 5.58
N ILE B 479 -16.46 -14.41 5.87
CA ILE B 479 -16.04 -13.16 5.23
C ILE B 479 -14.92 -13.51 4.27
N LYS B 480 -15.19 -13.44 2.96
CA LYS B 480 -14.16 -13.77 1.98
C LYS B 480 -14.12 -12.76 0.84
N ASN B 481 -12.91 -12.59 0.29
CA ASN B 481 -12.60 -11.68 -0.82
C ASN B 481 -13.05 -10.25 -0.53
N VAL B 482 -12.50 -9.66 0.54
CA VAL B 482 -12.74 -8.27 0.90
C VAL B 482 -11.45 -7.45 0.78
N ASP B 483 -11.56 -6.26 0.19
CA ASP B 483 -10.48 -5.27 0.19
C ASP B 483 -10.91 -4.04 0.97
N ILE B 484 -10.27 -3.81 2.10
CA ILE B 484 -10.61 -2.70 2.97
C ILE B 484 -9.54 -1.61 2.80
N ASN B 485 -9.95 -0.48 2.23
CA ASN B 485 -9.07 0.60 1.83
C ASN B 485 -9.29 1.80 2.73
N ASN B 486 -8.19 2.28 3.32
CA ASN B 486 -8.17 3.42 4.24
C ASN B 486 -9.39 3.47 5.19
N PRO B 487 -9.66 2.41 5.95
CA PRO B 487 -10.70 2.51 6.98
C PRO B 487 -10.32 3.58 7.99
N VAL B 488 -11.35 4.13 8.62
CA VAL B 488 -11.14 5.24 9.56
C VAL B 488 -10.17 4.84 10.66
N TYR B 489 -10.24 3.59 11.14
CA TYR B 489 -9.41 3.15 12.26
C TYR B 489 -8.83 1.74 12.07
N PHE B 490 -9.72 0.79 11.79
CA PHE B 490 -9.42 -0.64 11.79
C PHE B 490 -10.07 -1.32 10.60
N GLY B 491 -9.44 -2.40 10.14
CA GLY B 491 -10.07 -3.24 9.15
C GLY B 491 -11.16 -4.08 9.78
N LEU B 492 -10.79 -4.84 10.80
CA LEU B 492 -11.69 -5.80 11.42
C LEU B 492 -11.77 -5.56 12.91
N MET B 493 -12.98 -5.68 13.46
CA MET B 493 -13.26 -5.39 14.86
C MET B 493 -14.23 -6.44 15.39
N PHE B 494 -13.77 -7.30 16.32
CA PHE B 494 -14.59 -8.33 16.96
C PHE B 494 -14.89 -7.92 18.40
N GLN B 495 -16.13 -8.16 18.83
CA GLN B 495 -16.57 -7.69 20.13
C GLN B 495 -17.70 -8.55 20.67
N SER B 496 -17.57 -8.99 21.91
CA SER B 496 -18.63 -9.69 22.62
C SER B 496 -19.26 -8.78 23.66
N MET B 497 -20.59 -8.80 23.72
CA MET B 497 -21.35 -8.00 24.67
C MET B 497 -21.38 -8.71 26.02
N SER B 498 -20.91 -7.96 27.15
CA SER B 498 -21.04 -8.50 28.49
C SER B 498 -22.40 -8.14 29.09
N PRO B 499 -22.97 -9.00 29.95
CA PRO B 499 -22.39 -10.28 30.41
C PRO B 499 -22.79 -11.50 29.59
N ASN B 500 -23.54 -11.31 28.51
CA ASN B 500 -24.05 -12.44 27.73
C ASN B 500 -22.93 -13.37 27.24
N ASN B 501 -21.83 -12.81 26.72
CA ASN B 501 -20.64 -13.57 26.31
C ASN B 501 -20.98 -14.76 25.41
N MET B 502 -21.74 -14.49 24.35
CA MET B 502 -22.09 -15.53 23.39
C MET B 502 -20.85 -15.97 22.61
N VAL B 503 -20.56 -17.28 22.63
CA VAL B 503 -19.33 -17.78 22.01
C VAL B 503 -19.46 -17.69 20.50
N MET B 504 -18.55 -16.93 19.86
CA MET B 504 -18.51 -16.88 18.41
C MET B 504 -17.99 -18.19 17.85
N GLN B 505 -18.73 -18.83 16.95
CA GLN B 505 -18.32 -20.10 16.36
C GLN B 505 -18.41 -20.05 14.84
N ASN B 506 -17.47 -20.72 14.19
CA ASN B 506 -17.38 -20.80 12.73
C ASN B 506 -17.37 -19.42 12.09
N ILE B 507 -16.50 -18.57 12.59
CA ILE B 507 -16.30 -17.25 12.01
C ILE B 507 -14.97 -17.29 11.29
N ARG B 508 -15.00 -17.22 9.96
CA ARG B 508 -13.81 -17.38 9.13
C ARG B 508 -13.64 -16.18 8.23
N VAL B 509 -12.41 -15.68 8.17
CA VAL B 509 -12.05 -14.56 7.32
C VAL B 509 -11.01 -15.07 6.33
N GLU B 510 -11.29 -14.94 5.03
CA GLU B 510 -10.32 -15.42 4.05
C GLU B 510 -10.20 -14.45 2.88
N ASN B 511 -8.98 -14.31 2.34
CA ASN B 511 -8.71 -13.46 1.19
C ASN B 511 -9.13 -12.02 1.47
N VAL B 512 -8.58 -11.44 2.53
CA VAL B 512 -8.87 -10.06 2.90
C VAL B 512 -7.59 -9.25 2.93
N ASN B 513 -7.63 -8.06 2.30
CA ASN B 513 -6.53 -7.11 2.32
C ASN B 513 -6.98 -5.86 3.04
N ILE B 514 -6.24 -5.47 4.06
CA ILE B 514 -6.54 -4.30 4.88
C ILE B 514 -5.37 -3.32 4.72
N ASN B 515 -5.63 -2.17 4.11
CA ASN B 515 -4.56 -1.25 3.72
C ASN B 515 -4.71 0.08 4.47
N ASN B 516 -3.60 0.54 5.06
CA ASN B 516 -3.51 1.82 5.75
C ASN B 516 -4.60 2.08 6.80
N PRO B 517 -4.76 1.21 7.78
CA PRO B 517 -5.66 1.54 8.89
C PRO B 517 -4.95 2.47 9.86
N SER B 518 -5.68 3.48 10.35
CA SER B 518 -5.07 4.48 11.21
C SER B 518 -4.45 3.84 12.45
N ARG B 519 -5.10 2.82 12.98
CA ARG B 519 -4.62 2.21 14.21
C ARG B 519 -4.19 0.77 13.96
N TYR B 520 -5.16 -0.16 13.88
CA TYR B 520 -4.86 -1.58 13.77
C TYR B 520 -5.52 -2.20 12.55
N GLY B 521 -4.89 -3.25 12.02
CA GLY B 521 -5.60 -4.10 11.09
C GLY B 521 -6.73 -4.85 11.77
N ILE B 522 -6.47 -5.42 12.95
CA ILE B 522 -7.47 -6.22 13.63
C ILE B 522 -7.53 -5.74 15.08
N LYS B 523 -8.69 -5.29 15.50
CA LYS B 523 -8.95 -4.88 16.86
C LYS B 523 -9.89 -5.89 17.50
N LEU B 524 -9.44 -6.53 18.58
CA LEU B 524 -10.30 -7.30 19.45
C LEU B 524 -10.70 -6.40 20.60
N VAL B 525 -11.95 -5.94 20.58
CA VAL B 525 -12.40 -4.99 21.61
C VAL B 525 -12.22 -5.64 22.98
N VAL B 526 -11.43 -5.01 23.83
CA VAL B 526 -11.16 -5.53 25.17
C VAL B 526 -12.13 -4.95 26.19
N ARG B 527 -12.43 -3.66 26.09
CA ARG B 527 -13.34 -3.01 27.04
C ARG B 527 -13.84 -1.76 26.32
N ALA B 528 -15.05 -1.83 25.78
CA ALA B 528 -15.59 -0.68 25.05
C ALA B 528 -16.17 0.36 26.00
N GLU B 529 -16.65 -0.07 27.17
CA GLU B 529 -17.13 0.80 28.23
C GLU B 529 -16.88 0.09 29.57
N GLN B 530 -17.36 0.70 30.66
CA GLN B 530 -17.50 -0.05 31.89
C GLN B 530 -18.45 -1.22 31.70
N GLY B 531 -18.19 -2.28 32.45
CA GLY B 531 -18.97 -3.50 32.41
C GLY B 531 -18.85 -4.33 31.15
N GLN B 532 -18.04 -3.92 30.17
CA GLN B 532 -17.81 -4.69 28.96
C GLN B 532 -16.43 -5.33 29.00
N GLY B 533 -16.34 -6.58 28.54
CA GLY B 533 -15.10 -7.31 28.60
C GLY B 533 -14.59 -7.76 27.25
N PRO B 534 -13.73 -8.77 27.24
CA PRO B 534 -13.14 -9.25 25.98
C PRO B 534 -14.11 -10.12 25.18
N ALA B 535 -13.72 -10.39 23.95
CA ALA B 535 -14.51 -11.24 23.06
C ALA B 535 -14.37 -12.71 23.44
N TYR B 536 -15.45 -13.47 23.18
CA TYR B 536 -15.53 -14.90 23.45
C TYR B 536 -15.70 -15.66 22.14
N GLY B 537 -15.06 -16.82 22.07
CA GLY B 537 -15.11 -17.66 20.88
C GLY B 537 -13.81 -17.64 20.11
N GLY B 538 -13.87 -17.30 18.82
CA GLY B 538 -12.65 -17.29 18.03
C GLY B 538 -12.94 -16.98 16.58
N ALA B 539 -11.87 -16.91 15.80
CA ALA B 539 -11.95 -16.58 14.39
C ALA B 539 -10.77 -17.21 13.68
N SER B 540 -11.00 -17.67 12.45
CA SER B 540 -9.93 -18.23 11.65
C SER B 540 -9.65 -17.29 10.48
N PHE B 541 -8.38 -17.22 10.10
CA PHE B 541 -7.88 -16.20 9.19
C PHE B 541 -6.96 -16.85 8.17
N THR B 542 -7.29 -16.69 6.88
CA THR B 542 -6.52 -17.27 5.79
C THR B 542 -6.24 -16.15 4.80
N ASN B 543 -4.97 -15.97 4.46
CA ASN B 543 -4.54 -14.94 3.51
C ASN B 543 -5.21 -13.59 3.83
N VAL B 544 -5.08 -13.16 5.08
CA VAL B 544 -5.50 -11.85 5.53
C VAL B 544 -4.27 -10.97 5.71
N LYS B 545 -4.09 -9.99 4.82
CA LYS B 545 -2.91 -9.12 4.83
C LYS B 545 -3.27 -7.75 5.40
N VAL B 546 -2.42 -7.28 6.33
CA VAL B 546 -2.54 -5.96 6.95
C VAL B 546 -1.33 -5.15 6.50
N ASN B 547 -1.55 -4.13 5.68
CA ASN B 547 -0.45 -3.34 5.12
C ASN B 547 -0.48 -1.91 5.66
N ASN B 548 0.69 -1.44 6.08
CA ASN B 548 0.89 -0.16 6.76
C ASN B 548 -0.17 0.14 7.84
N PRO B 549 -0.26 -0.70 8.88
CA PRO B 549 -1.03 -0.30 10.06
C PRO B 549 -0.34 0.85 10.77
N GLY B 550 -1.14 1.76 11.32
CA GLY B 550 -0.58 2.95 11.94
C GLY B 550 0.14 2.65 13.23
N ILE B 551 -0.30 1.63 13.95
CA ILE B 551 0.31 1.29 15.23
C ILE B 551 0.84 -0.13 15.18
N SER B 552 -0.05 -1.10 14.98
CA SER B 552 0.35 -2.48 14.80
C SER B 552 -0.74 -3.19 14.01
N ALA B 553 -0.42 -4.40 13.54
CA ALA B 553 -1.34 -5.13 12.68
C ALA B 553 -2.58 -5.60 13.45
N ILE B 554 -2.42 -6.06 14.70
CA ILE B 554 -3.53 -6.56 15.49
C ILE B 554 -3.40 -6.09 16.92
N TYR B 555 -4.53 -5.72 17.53
CA TYR B 555 -4.57 -5.30 18.92
C TYR B 555 -5.48 -6.21 19.72
N GLY B 556 -5.04 -6.55 20.94
CA GLY B 556 -5.90 -7.11 21.95
C GLY B 556 -5.78 -8.61 22.15
N GLU B 557 -4.90 -9.27 21.39
CA GLU B 557 -4.81 -10.73 21.45
C GLU B 557 -4.48 -11.20 22.85
N ALA B 558 -3.45 -10.60 23.47
CA ALA B 558 -2.99 -11.04 24.80
C ALA B 558 -4.00 -10.72 25.89
N GLN B 559 -4.84 -9.72 25.68
CA GLN B 559 -5.85 -9.36 26.66
C GLN B 559 -7.18 -10.07 26.44
N SER B 560 -7.22 -11.09 25.59
CA SER B 560 -8.48 -11.77 25.24
C SER B 560 -8.35 -13.27 25.48
N PRO B 561 -8.37 -13.70 26.75
CA PRO B 561 -8.12 -15.13 27.04
C PRO B 561 -9.24 -16.06 26.64
N ASN B 562 -10.43 -15.55 26.33
CA ASN B 562 -11.57 -16.36 25.87
C ASN B 562 -11.78 -16.32 24.37
N PHE B 563 -10.84 -15.74 23.63
CA PHE B 563 -10.92 -15.64 22.18
C PHE B 563 -9.65 -16.21 21.59
N THR B 564 -9.78 -16.98 20.51
CA THR B 564 -8.65 -17.65 19.86
C THR B 564 -8.55 -17.22 18.40
N VAL B 565 -7.47 -16.49 18.09
CA VAL B 565 -7.13 -16.15 16.72
C VAL B 565 -6.45 -17.35 16.07
N THR B 566 -7.08 -17.90 15.04
CA THR B 566 -6.54 -19.03 14.28
C THR B 566 -5.91 -18.49 12.99
N ARG B 567 -4.58 -18.45 12.96
CA ARG B 567 -3.89 -18.12 11.70
C ARG B 567 -3.75 -19.42 10.91
N VAL B 568 -4.65 -19.62 9.95
CA VAL B 568 -4.59 -20.82 9.12
C VAL B 568 -3.36 -20.78 8.21
N SER B 569 -3.25 -19.75 7.38
CA SER B 569 -2.09 -19.58 6.51
C SER B 569 -2.12 -18.16 5.93
N GLY B 570 -1.02 -17.80 5.28
CA GLY B 570 -0.98 -16.61 4.43
C GLY B 570 -1.22 -15.29 5.13
N ASN B 571 -0.98 -15.21 6.42
CA ASN B 571 -1.13 -13.96 7.16
C ASN B 571 0.25 -13.37 7.43
N ASN B 572 0.46 -12.11 7.05
CA ASN B 572 1.67 -11.37 7.39
C ASN B 572 1.57 -10.72 8.77
N TRP B 573 0.86 -11.35 9.69
CA TRP B 573 0.73 -10.84 11.04
C TRP B 573 0.46 -12.01 11.99
N GLY C 12 15.01 45.03 -4.01
CA GLY C 12 14.84 44.82 -5.44
C GLY C 12 15.67 45.69 -6.37
N ARG C 13 16.93 45.93 -6.03
CA ARG C 13 17.84 46.60 -6.93
C ARG C 13 18.69 45.56 -7.63
N GLY C 14 19.14 45.89 -8.84
CA GLY C 14 19.94 44.96 -9.60
C GLY C 14 19.10 43.99 -10.41
N ALA C 15 19.72 42.85 -10.70
CA ALA C 15 19.11 41.89 -11.58
C ALA C 15 18.08 41.05 -10.83
N ASN C 16 17.01 40.70 -11.54
CA ASN C 16 15.98 39.81 -11.03
C ASN C 16 16.27 38.41 -11.55
N MET C 17 16.90 37.57 -10.70
CA MET C 17 17.30 36.22 -11.08
C MET C 17 16.39 35.18 -10.43
N PRO C 18 16.39 33.93 -10.93
CA PRO C 18 15.56 32.90 -10.27
C PRO C 18 16.20 32.31 -9.01
N PHE C 19 17.52 32.40 -8.87
CA PHE C 19 18.14 31.85 -7.68
C PHE C 19 18.04 32.84 -6.52
N THR C 20 18.06 32.30 -5.31
CA THR C 20 18.08 33.07 -4.06
C THR C 20 19.46 32.95 -3.43
N ILE C 21 19.98 34.06 -2.94
CA ILE C 21 21.28 34.09 -2.29
C ILE C 21 21.08 34.14 -0.79
N MET C 22 21.69 33.19 -0.07
CA MET C 22 21.61 33.11 1.38
C MET C 22 23.02 33.13 1.96
N GLU C 23 23.33 34.17 2.71
CA GLU C 23 24.62 34.22 3.40
C GLU C 23 24.66 33.17 4.49
N ALA C 24 25.79 32.46 4.58
CA ALA C 24 25.90 31.41 5.58
C ALA C 24 25.93 31.98 7.00
N GLU C 25 26.48 33.18 7.18
CA GLU C 25 26.61 33.86 8.48
C GLU C 25 25.29 34.36 9.03
N SER C 26 24.23 34.37 8.24
CA SER C 26 22.99 35.00 8.66
C SER C 26 22.52 34.45 10.00
N THR C 27 21.69 35.25 10.66
CA THR C 27 21.13 34.87 11.95
C THR C 27 20.10 33.77 11.82
N SER C 28 19.54 33.59 10.61
CA SER C 28 18.52 32.58 10.40
C SER C 28 19.07 31.17 10.33
N ASN C 29 20.39 31.00 10.36
CA ASN C 29 21.01 29.69 10.17
C ASN C 29 21.63 29.21 11.47
N ALA C 30 21.37 27.96 11.79
CA ALA C 30 22.02 27.32 12.92
C ALA C 30 23.37 26.80 12.46
N THR C 31 24.34 26.85 13.36
CA THR C 31 25.65 26.33 13.01
C THR C 31 26.39 26.02 14.30
N ASN C 32 27.21 24.99 14.25
CA ASN C 32 28.14 24.71 15.32
C ASN C 32 29.57 24.99 14.87
N GLY C 33 29.73 25.78 13.79
CA GLY C 33 31.01 26.23 13.34
C GLY C 33 31.27 27.66 13.79
N THR C 34 32.27 28.26 13.18
CA THR C 34 32.76 29.57 13.61
C THR C 34 32.36 30.64 12.60
N LYS C 35 31.56 31.60 13.04
CA LYS C 35 31.21 32.77 12.24
C LYS C 35 32.33 33.80 12.32
N LEU C 36 32.89 34.20 11.17
CA LEU C 36 34.00 35.16 11.19
C LEU C 36 33.49 36.58 11.48
N THR C 37 34.26 37.32 12.32
CA THR C 37 33.88 38.72 12.40
C THR C 37 34.41 39.47 11.16
N PRO C 38 33.63 40.39 10.61
CA PRO C 38 33.93 40.92 9.27
C PRO C 38 35.13 41.87 9.27
N ASN C 39 35.74 42.01 8.09
CA ASN C 39 36.78 43.00 7.82
C ASN C 39 36.84 43.23 6.31
N PHE C 40 37.65 44.20 5.90
CA PHE C 40 37.76 44.61 4.51
C PHE C 40 39.10 44.22 3.90
N LYS C 41 39.60 43.04 4.24
CA LYS C 41 41.00 42.73 4.02
C LYS C 41 41.15 41.78 2.84
N PRO C 42 41.81 42.16 1.75
CA PRO C 42 42.21 41.19 0.73
C PRO C 42 43.05 40.05 1.32
N GLY C 43 42.99 38.89 0.67
CA GLY C 43 43.66 37.70 1.17
C GLY C 43 43.23 37.29 2.57
N ASP C 44 42.01 37.59 2.95
CA ASP C 44 41.48 37.23 4.25
C ASP C 44 40.18 36.50 4.00
N TYR C 45 39.93 35.44 4.76
CA TYR C 45 38.73 34.65 4.49
C TYR C 45 37.46 35.40 4.88
N ALA C 46 37.53 36.28 5.86
CA ALA C 46 36.45 37.23 6.10
C ALA C 46 36.36 38.26 4.98
N GLY C 47 37.47 38.93 4.69
CA GLY C 47 37.42 40.07 3.79
C GLY C 47 37.10 39.72 2.35
N GLU C 48 37.38 38.49 1.94
CA GLU C 48 37.08 38.08 0.57
C GLU C 48 35.71 37.44 0.44
N ALA C 49 35.00 37.25 1.54
CA ALA C 49 33.72 36.60 1.49
C ALA C 49 32.63 37.58 1.07
N SER C 50 31.50 37.03 0.62
CA SER C 50 30.30 37.84 0.48
C SER C 50 29.81 38.30 1.85
N GLY C 51 29.40 39.57 1.91
CA GLY C 51 29.01 40.11 3.18
C GLY C 51 30.13 40.17 4.19
N ARG C 52 31.37 39.93 3.75
CA ARG C 52 32.57 40.05 4.56
C ARG C 52 32.59 39.06 5.73
N SER C 53 31.86 37.95 5.61
CA SER C 53 31.94 36.91 6.63
C SER C 53 31.52 35.58 5.99
N SER C 54 31.87 34.49 6.68
CA SER C 54 31.50 33.14 6.28
C SER C 54 31.70 32.25 7.50
N VAL C 55 31.18 31.01 7.43
CA VAL C 55 31.24 30.10 8.58
C VAL C 55 32.30 29.06 8.32
N TYR C 56 33.17 28.84 9.31
CA TYR C 56 34.29 27.92 9.20
C TYR C 56 33.88 26.55 9.73
N LEU C 57 33.82 25.55 8.83
CA LEU C 57 33.48 24.17 9.20
C LEU C 57 34.78 23.38 9.30
N ASP C 58 35.08 22.93 10.50
CA ASP C 58 36.44 22.60 10.89
C ASP C 58 36.62 21.17 11.33
N ALA C 59 35.53 20.46 11.62
CA ALA C 59 35.59 19.18 12.30
C ALA C 59 34.38 18.37 11.87
N THR C 60 34.58 17.05 11.81
CA THR C 60 33.50 16.13 11.53
C THR C 60 32.29 16.46 12.37
N GLY C 61 31.14 16.63 11.72
CA GLY C 61 29.90 16.94 12.38
C GLY C 61 29.48 18.39 12.31
N GLU C 62 30.39 19.30 11.98
CA GLU C 62 30.07 20.71 11.92
C GLU C 62 29.30 21.05 10.64
N TYR C 63 28.34 21.98 10.78
CA TYR C 63 27.37 22.25 9.74
C TYR C 63 26.91 23.71 9.79
N VAL C 64 26.36 24.17 8.66
CA VAL C 64 25.53 25.36 8.59
C VAL C 64 24.17 24.96 8.06
N GLU C 65 23.11 25.32 8.78
CA GLU C 65 21.76 24.90 8.44
C GLU C 65 21.00 26.10 7.88
N PHE C 66 20.75 26.08 6.57
CA PHE C 66 19.92 27.03 5.85
C PHE C 66 18.47 26.56 5.85
N THR C 67 17.55 27.51 5.65
CA THR C 67 16.14 27.17 5.45
C THR C 67 15.67 27.79 4.14
N LEU C 68 15.16 26.96 3.24
CA LEU C 68 14.69 27.48 1.97
C LEU C 68 13.54 28.45 2.18
N THR C 69 13.67 29.65 1.62
CA THR C 69 12.53 30.55 1.53
C THR C 69 11.72 30.36 0.25
N SER C 70 12.21 29.59 -0.72
CA SER C 70 11.46 29.22 -1.92
C SER C 70 11.89 27.81 -2.28
N PRO C 71 11.15 27.12 -3.16
CA PRO C 71 11.55 25.76 -3.55
C PRO C 71 12.88 25.78 -4.29
N ALA C 72 13.66 24.72 -4.12
CA ALA C 72 14.93 24.59 -4.83
C ALA C 72 15.25 23.13 -5.06
N ASN C 73 15.87 22.84 -6.22
CA ASN C 73 16.39 21.53 -6.53
C ASN C 73 17.87 21.62 -6.88
N ALA C 74 18.47 22.79 -6.78
CA ALA C 74 19.82 23.00 -7.28
C ALA C 74 20.48 24.08 -6.43
N PHE C 75 21.79 23.94 -6.25
CA PHE C 75 22.49 24.69 -5.22
C PHE C 75 23.88 25.08 -5.70
N VAL C 76 24.31 26.27 -5.30
CA VAL C 76 25.69 26.70 -5.49
C VAL C 76 26.25 27.08 -4.13
N LEU C 77 27.35 26.47 -3.76
CA LEU C 77 28.04 26.76 -2.52
C LEU C 77 29.29 27.60 -2.83
N ARG C 78 29.28 28.87 -2.46
CA ARG C 78 30.53 29.62 -2.45
C ARG C 78 31.30 29.31 -1.17
N ASN C 79 32.58 28.97 -1.32
CA ASN C 79 33.35 28.27 -0.30
C ASN C 79 34.81 28.47 -0.60
N ALA C 80 35.64 28.32 0.45
CA ALA C 80 37.09 28.30 0.31
C ALA C 80 37.63 27.08 1.01
N VAL C 81 38.47 26.31 0.32
CA VAL C 81 39.18 25.16 0.88
C VAL C 81 40.67 25.44 0.73
N ALA C 82 41.51 24.50 1.15
CA ALA C 82 42.96 24.73 1.19
C ALA C 82 43.56 24.68 -0.21
N GLU C 83 44.66 25.40 -0.39
CA GLU C 83 45.29 25.47 -1.69
C GLU C 83 45.64 24.07 -2.19
N ASN C 84 45.48 23.87 -3.50
CA ASN C 84 45.74 22.57 -4.14
C ASN C 84 45.01 21.44 -3.41
N THR C 85 43.68 21.47 -3.49
CA THR C 85 42.87 20.50 -2.75
C THR C 85 41.54 20.23 -3.46
N THR C 86 41.17 18.96 -3.53
CA THR C 86 39.86 18.54 -3.99
C THR C 86 39.23 17.59 -2.99
N GLY C 87 37.93 17.75 -2.79
CA GLY C 87 37.22 16.85 -1.91
C GLY C 87 35.76 17.16 -1.94
N THR C 88 35.06 16.74 -0.89
CA THR C 88 33.62 16.85 -0.85
C THR C 88 33.16 17.49 0.45
N VAL C 89 31.93 17.97 0.43
CA VAL C 89 31.24 18.42 1.63
C VAL C 89 29.79 17.98 1.46
N SER C 90 29.21 17.42 2.51
CA SER C 90 27.92 16.77 2.42
C SER C 90 26.79 17.79 2.49
N ILE C 91 25.68 17.48 1.82
CA ILE C 91 24.44 18.26 1.90
C ILE C 91 23.31 17.35 2.39
N TYR C 92 22.43 17.92 3.22
CA TYR C 92 21.32 17.23 3.86
C TYR C 92 20.04 18.00 3.59
N ALA C 93 18.95 17.27 3.33
CA ALA C 93 17.60 17.84 3.35
C ALA C 93 16.89 17.31 4.60
N ASP C 94 16.50 18.24 5.48
CA ASP C 94 15.81 17.96 6.75
C ASP C 94 16.35 16.72 7.47
N GLY C 95 17.64 16.78 7.81
CA GLY C 95 18.25 15.74 8.62
C GLY C 95 18.78 14.54 7.86
N VAL C 96 18.48 14.43 6.56
CA VAL C 96 18.79 13.23 5.78
C VAL C 96 19.79 13.57 4.69
N SER C 97 20.94 12.91 4.69
CA SER C 97 21.97 13.22 3.72
C SER C 97 21.48 12.94 2.31
N LYS C 98 21.69 13.91 1.42
CA LYS C 98 21.25 13.81 0.03
C LYS C 98 22.38 13.90 -0.99
N GLY C 99 23.60 14.21 -0.59
CA GLY C 99 24.68 14.19 -1.56
C GLY C 99 25.88 14.96 -1.10
N LYS C 100 26.77 15.20 -2.07
CA LYS C 100 28.08 15.76 -1.77
C LYS C 100 28.45 16.78 -2.83
N PHE C 101 28.62 18.04 -2.42
CA PHE C 101 29.24 19.01 -3.29
C PHE C 101 30.64 18.56 -3.63
N ASN C 102 31.06 18.89 -4.84
CA ASN C 102 32.41 18.64 -5.33
C ASN C 102 33.21 19.94 -5.22
N VAL C 103 34.02 20.06 -4.19
CA VAL C 103 34.67 21.33 -3.90
C VAL C 103 36.13 21.26 -4.33
N SER C 104 36.68 22.42 -4.69
CA SER C 104 38.04 22.45 -5.23
C SER C 104 38.62 23.84 -5.07
N SER C 105 39.96 23.90 -5.00
CA SER C 105 40.67 25.17 -5.09
C SER C 105 41.34 25.35 -6.45
N LYS C 106 40.99 24.52 -7.43
CA LYS C 106 41.62 24.55 -8.74
C LYS C 106 41.63 25.95 -9.36
N PHE C 107 40.54 26.70 -9.21
CA PHE C 107 40.44 28.02 -9.83
C PHE C 107 40.67 29.16 -8.85
N SER C 108 41.01 28.87 -7.61
CA SER C 108 41.31 29.92 -6.66
C SER C 108 42.80 29.96 -6.38
N TYR C 109 43.18 30.92 -5.54
CA TYR C 109 44.53 31.09 -5.02
C TYR C 109 45.41 31.72 -6.10
N LEU C 110 45.34 33.04 -6.17
CA LEU C 110 46.18 33.83 -7.04
C LEU C 110 47.08 34.64 -6.11
N TYR C 111 48.37 34.70 -6.43
CA TYR C 111 49.38 35.14 -5.49
C TYR C 111 49.95 36.50 -5.91
N ALA C 112 50.19 37.34 -4.91
CA ALA C 112 50.83 38.62 -5.15
C ALA C 112 51.43 39.10 -3.83
N THR C 113 51.66 40.40 -3.76
CA THR C 113 52.41 41.04 -2.73
C THR C 113 51.66 42.33 -2.44
N PRO C 114 51.53 42.69 -1.17
CA PRO C 114 50.74 43.86 -0.81
C PRO C 114 51.15 45.13 -1.53
N SER C 115 52.33 45.13 -2.18
CA SER C 115 52.79 46.24 -2.98
C SER C 115 52.81 45.94 -4.47
N THR C 116 52.43 44.73 -4.89
CA THR C 116 52.27 44.38 -6.29
C THR C 116 50.83 43.94 -6.60
N LEU C 117 49.84 44.64 -6.05
CA LEU C 117 48.47 44.23 -6.31
C LEU C 117 48.08 44.37 -7.78
N GLY C 118 48.85 45.13 -8.56
CA GLY C 118 48.70 45.18 -10.00
C GLY C 118 48.78 43.80 -10.63
N ARG C 119 49.32 42.83 -9.91
CA ARG C 119 49.48 41.48 -10.42
C ARG C 119 48.33 40.55 -10.05
N LEU C 120 47.32 41.04 -9.34
CA LEU C 120 46.21 40.18 -8.91
C LEU C 120 45.55 39.50 -10.09
N GLY C 121 45.39 38.18 -10.01
CA GLY C 121 44.79 37.43 -11.08
C GLY C 121 45.75 36.98 -12.14
N TYR C 122 47.00 37.45 -12.10
CA TYR C 122 47.98 37.06 -13.10
C TYR C 122 48.80 35.84 -12.70
N ASP C 123 49.09 35.64 -11.41
CA ASP C 123 50.09 34.65 -10.98
C ASP C 123 49.44 33.60 -10.08
N ASN C 124 49.37 32.36 -10.55
CA ASN C 124 48.74 31.29 -9.79
C ASN C 124 49.73 30.32 -9.16
N ALA C 125 51.04 30.53 -9.34
CA ALA C 125 52.03 29.71 -8.63
C ALA C 125 52.36 30.35 -7.28
N PRO C 126 52.36 29.57 -6.20
CA PRO C 126 52.79 30.12 -4.91
C PRO C 126 54.30 30.32 -4.86
N GLY C 127 54.75 31.10 -3.89
CA GLY C 127 56.18 31.27 -3.71
C GLY C 127 56.51 32.12 -2.50
N ALA C 128 57.81 32.20 -2.22
CA ALA C 128 58.28 32.90 -1.02
C ALA C 128 58.01 34.40 -1.13
N GLY C 129 57.44 34.97 -0.07
CA GLY C 129 57.05 36.36 -0.08
C GLY C 129 55.63 36.62 -0.53
N LEU C 130 54.99 35.62 -1.16
CA LEU C 130 53.73 35.79 -1.86
C LEU C 130 52.54 35.48 -0.96
N THR C 131 51.56 36.37 -0.95
CA THR C 131 50.31 36.16 -0.23
C THR C 131 49.30 35.54 -1.18
N ALA C 132 48.42 34.70 -0.65
CA ALA C 132 47.36 34.14 -1.47
C ALA C 132 46.16 35.07 -1.46
N TYR C 133 45.61 35.32 -2.65
CA TYR C 133 44.39 36.11 -2.81
C TYR C 133 43.40 35.31 -3.64
N TRP C 134 42.18 35.84 -3.75
CA TRP C 134 41.11 35.22 -4.54
C TRP C 134 40.78 33.83 -3.99
N LEU C 135 40.41 33.80 -2.72
CA LEU C 135 40.40 32.58 -1.92
C LEU C 135 39.18 31.69 -2.14
N TYR C 136 38.06 32.26 -2.60
CA TYR C 136 36.77 31.57 -2.66
C TYR C 136 36.48 31.07 -4.07
N GLU C 137 35.72 29.98 -4.15
CA GLU C 137 35.24 29.42 -5.42
C GLU C 137 33.88 28.78 -5.20
N ASP C 138 33.35 28.17 -6.27
CA ASP C 138 31.99 27.67 -6.28
C ASP C 138 31.93 26.18 -6.60
N ALA C 139 30.98 25.51 -5.96
CA ALA C 139 30.59 24.16 -6.28
C ALA C 139 29.12 24.19 -6.64
N GLN C 140 28.73 23.38 -7.62
CA GLN C 140 27.35 23.31 -8.06
C GLN C 140 26.82 21.89 -7.90
N LEU C 141 25.52 21.79 -7.58
CA LEU C 141 24.91 20.51 -7.24
C LEU C 141 23.41 20.60 -7.48
N MET C 142 22.89 19.62 -8.19
CA MET C 142 21.46 19.51 -8.45
C MET C 142 20.95 18.24 -7.80
N LEU C 143 19.92 18.36 -6.97
CA LEU C 143 19.34 17.23 -6.26
C LEU C 143 18.11 16.71 -6.98
N ASP C 144 17.76 15.44 -6.72
CA ASP C 144 16.73 14.73 -7.49
C ASP C 144 15.32 14.97 -6.97
N GLN C 145 15.08 16.11 -6.33
CA GLN C 145 13.82 16.40 -5.69
C GLN C 145 13.69 17.91 -5.59
N VAL C 146 12.49 18.41 -5.79
CA VAL C 146 12.23 19.83 -5.58
C VAL C 146 11.89 19.97 -4.10
N TYR C 147 12.74 20.66 -3.36
CA TYR C 147 12.33 20.75 -1.96
C TYR C 147 11.48 21.99 -1.75
N PRO C 148 10.38 21.85 -1.02
CA PRO C 148 9.53 23.01 -0.74
C PRO C 148 10.23 23.99 0.22
N ALA C 149 9.71 25.22 0.26
CA ALA C 149 10.27 26.20 1.17
C ALA C 149 10.06 25.74 2.61
N GLY C 150 10.86 26.29 3.52
CA GLY C 150 10.92 25.75 4.86
C GLY C 150 11.70 24.47 5.02
N THR C 151 12.18 23.85 3.93
CA THR C 151 13.15 22.77 4.09
C THR C 151 14.42 23.31 4.72
N LYS C 152 14.95 22.56 5.69
CA LYS C 152 16.27 22.86 6.20
C LYS C 152 17.29 22.19 5.31
N ILE C 153 18.14 23.00 4.66
CA ILE C 153 19.27 22.52 3.87
C ILE C 153 20.53 22.72 4.71
N LYS C 154 21.21 21.62 5.03
CA LYS C 154 22.38 21.61 5.88
C LYS C 154 23.62 21.34 5.05
N ILE C 155 24.64 22.19 5.21
CA ILE C 155 25.95 21.90 4.66
C ILE C 155 26.83 21.46 5.82
N GLN C 156 27.36 20.23 5.74
CA GLN C 156 27.98 19.54 6.86
C GLN C 156 29.23 18.78 6.41
N LYS C 157 30.30 18.89 7.20
CA LYS C 157 31.51 18.06 7.10
C LYS C 157 31.26 16.68 7.70
N ASP C 158 31.03 15.68 6.87
CA ASP C 158 30.95 14.32 7.39
C ASP C 158 32.31 13.65 7.26
N ALA C 159 32.41 12.46 7.84
CA ALA C 159 33.59 11.63 7.64
C ALA C 159 33.92 11.56 6.15
N GLY C 160 35.19 11.82 5.83
CA GLY C 160 35.66 11.74 4.46
C GLY C 160 35.63 13.05 3.70
N ASP C 161 35.07 14.12 4.26
CA ASP C 161 34.98 15.38 3.57
C ASP C 161 36.30 16.13 3.71
N VAL C 162 36.40 17.31 3.09
CA VAL C 162 37.63 18.09 3.15
C VAL C 162 37.96 18.46 4.59
N SER C 163 39.26 18.53 4.88
CA SER C 163 39.71 18.75 6.25
C SER C 163 39.08 20.01 6.86
N TRP C 164 38.95 21.07 6.06
CA TRP C 164 38.21 22.24 6.49
C TRP C 164 37.62 22.92 5.27
N ILE C 165 36.65 23.79 5.54
CA ILE C 165 35.97 24.55 4.50
C ILE C 165 35.39 25.80 5.15
N TYR C 166 35.57 26.93 4.46
CA TYR C 166 34.82 28.15 4.76
C TYR C 166 33.56 28.16 3.89
N VAL C 167 32.40 28.27 4.51
CA VAL C 167 31.12 28.29 3.81
C VAL C 167 30.64 29.73 3.76
N ASP C 168 30.61 30.31 2.55
CA ASP C 168 30.35 31.74 2.41
C ASP C 168 28.87 32.02 2.19
N LEU C 169 28.28 31.43 1.15
CA LEU C 169 26.87 31.61 0.85
C LEU C 169 26.36 30.40 0.08
N LEU C 170 25.04 30.22 0.11
CA LEU C 170 24.38 29.18 -0.66
C LEU C 170 23.40 29.85 -1.62
N GLU C 171 23.54 29.55 -2.93
CA GLU C 171 22.55 29.87 -3.96
C GLU C 171 21.55 28.73 -4.07
N THR C 172 20.26 29.06 -4.11
CA THR C 172 19.21 28.05 -4.25
C THR C 172 18.33 28.37 -5.45
N GLU C 173 17.96 27.35 -6.22
CA GLU C 173 17.20 27.57 -7.45
C GLU C 173 16.19 26.46 -7.65
N ASN C 174 15.01 26.85 -8.11
CA ASN C 174 14.05 25.87 -8.60
C ASN C 174 14.20 25.81 -10.11
N VAL C 175 15.04 24.89 -10.60
CA VAL C 175 15.40 24.87 -12.01
C VAL C 175 14.36 24.03 -12.75
N ALA C 176 13.85 24.59 -13.84
CA ALA C 176 12.90 23.94 -14.72
C ALA C 176 13.50 22.69 -15.35
N PRO C 177 12.65 21.76 -15.79
CA PRO C 177 13.15 20.64 -16.59
C PRO C 177 13.79 21.16 -17.85
N PRO C 178 14.77 20.44 -18.41
CA PRO C 178 15.46 20.91 -19.61
C PRO C 178 14.51 21.03 -20.77
N GLN C 179 14.73 22.06 -21.58
CA GLN C 179 13.90 22.28 -22.76
C GLN C 179 14.42 21.48 -23.94
N ALA C 180 13.49 20.95 -24.71
CA ALA C 180 13.80 20.16 -25.88
C ALA C 180 14.10 21.06 -27.07
N ASN C 181 14.65 20.42 -28.12
CA ASN C 181 14.79 21.02 -29.44
C ASN C 181 13.53 21.77 -29.80
N PRO C 182 13.60 23.10 -30.01
CA PRO C 182 12.39 23.85 -30.39
C PRO C 182 11.68 23.30 -31.61
N ASP C 183 12.40 22.63 -32.54
CA ASP C 183 11.88 22.07 -33.77
C ASP C 183 13.04 21.41 -34.53
N PRO C 184 13.14 20.10 -34.47
CA PRO C 184 14.27 19.40 -35.14
C PRO C 184 14.37 19.68 -36.63
N THR C 185 13.28 20.03 -37.31
CA THR C 185 13.37 20.39 -38.72
C THR C 185 14.11 21.72 -38.96
N LYS C 186 14.29 22.56 -37.92
CA LYS C 186 14.91 23.87 -38.06
C LYS C 186 16.21 24.02 -37.28
N TYR C 187 16.45 23.18 -36.27
CA TYR C 187 17.66 23.24 -35.46
C TYR C 187 18.38 21.90 -35.56
N VAL C 188 19.57 21.91 -36.17
CA VAL C 188 20.40 20.73 -36.19
C VAL C 188 20.85 20.41 -34.77
N ALA C 189 20.72 19.16 -34.39
CA ALA C 189 21.09 18.78 -33.04
C ALA C 189 22.56 18.39 -33.00
N VAL C 190 23.28 18.92 -32.02
CA VAL C 190 24.44 18.24 -31.53
C VAL C 190 24.01 16.90 -30.94
N SER C 191 24.91 15.93 -30.96
CA SER C 191 24.58 14.59 -30.49
C SER C 191 25.86 13.93 -30.02
N ALA C 192 25.72 12.72 -29.47
CA ALA C 192 26.90 11.97 -29.08
C ALA C 192 27.80 11.69 -30.28
N SER C 193 27.26 11.73 -31.51
CA SER C 193 28.03 11.50 -32.72
C SER C 193 28.20 12.74 -33.60
N LYS C 194 27.48 13.83 -33.33
CA LYS C 194 27.61 15.05 -34.11
C LYS C 194 28.14 16.18 -33.23
N SER C 195 29.23 16.79 -33.67
CA SER C 195 29.85 17.87 -32.93
C SER C 195 29.10 19.20 -33.13
N ILE C 196 29.43 20.15 -32.26
CA ILE C 196 28.97 21.53 -32.43
C ILE C 196 29.38 22.07 -33.80
N ASP C 197 30.65 21.86 -34.18
CA ASP C 197 31.11 22.27 -35.51
C ASP C 197 30.35 21.55 -36.62
N GLN C 198 30.20 20.24 -36.51
CA GLN C 198 29.50 19.49 -37.53
C GLN C 198 28.03 19.91 -37.64
N ALA C 199 27.40 20.22 -36.50
CA ALA C 199 26.05 20.77 -36.57
C ALA C 199 26.03 22.14 -37.24
N LEU C 200 27.06 22.95 -37.02
CA LEU C 200 27.09 24.27 -37.64
C LEU C 200 27.34 24.18 -39.13
N THR C 201 28.07 23.17 -39.57
CA THR C 201 28.28 23.00 -41.00
C THR C 201 27.00 22.59 -41.69
N GLU C 202 26.29 21.64 -41.08
CA GLU C 202 24.96 21.27 -41.56
C GLU C 202 24.03 22.49 -41.59
N PHE C 203 24.01 23.28 -40.51
CA PHE C 203 23.14 24.46 -40.50
C PHE C 203 23.47 25.41 -41.65
N ARG C 204 24.77 25.71 -41.86
CA ARG C 204 25.12 26.70 -42.87
C ARG C 204 24.74 26.25 -44.28
N GLN C 205 24.80 24.94 -44.55
CA GLN C 205 24.58 24.38 -45.87
C GLN C 205 23.12 24.13 -46.20
N ASP C 206 22.20 24.48 -45.31
CA ASP C 206 20.79 24.07 -45.44
C ASP C 206 19.93 25.25 -45.00
N ASN C 207 19.53 26.07 -45.95
CA ASN C 207 18.85 27.33 -45.70
C ASN C 207 17.47 27.18 -45.07
N THR C 208 16.96 25.97 -44.88
CA THR C 208 15.78 25.82 -44.03
C THR C 208 16.15 25.83 -42.55
N LYS C 209 17.42 25.61 -42.21
CA LYS C 209 17.83 25.57 -40.82
C LYS C 209 18.04 26.99 -40.28
N LYS C 210 17.53 27.20 -39.06
CA LYS C 210 17.72 28.43 -38.30
C LYS C 210 18.95 28.41 -37.40
N GLY C 211 19.53 27.25 -37.17
CA GLY C 211 20.60 27.16 -36.20
C GLY C 211 20.77 25.75 -35.68
N ILE C 212 21.22 25.65 -34.45
CA ILE C 212 21.61 24.37 -33.89
C ILE C 212 20.98 24.24 -32.52
N TYR C 213 20.78 22.99 -32.08
CA TYR C 213 20.30 22.70 -30.75
C TYR C 213 21.36 21.87 -30.04
N ILE C 214 21.77 22.33 -28.85
CA ILE C 214 22.78 21.62 -28.08
C ILE C 214 22.07 21.00 -26.88
N PRO C 215 21.85 19.69 -26.88
CA PRO C 215 21.04 19.05 -25.84
C PRO C 215 21.72 19.10 -24.48
N ALA C 216 20.96 18.68 -23.49
CA ALA C 216 21.48 18.53 -22.14
C ALA C 216 22.65 17.56 -22.17
N GLY C 217 23.71 17.91 -21.46
CA GLY C 217 24.90 17.09 -21.36
C GLY C 217 26.13 17.96 -21.35
N GLU C 218 27.28 17.31 -21.52
CA GLU C 218 28.60 17.90 -21.31
C GLU C 218 29.35 17.81 -22.62
N TRP C 219 29.65 18.96 -23.22
CA TRP C 219 30.13 19.03 -24.60
C TRP C 219 31.41 19.82 -24.65
N THR C 220 32.47 19.18 -25.16
CA THR C 220 33.75 19.84 -25.28
C THR C 220 33.67 21.05 -26.20
N ILE C 221 34.29 22.14 -25.77
CA ILE C 221 34.75 23.20 -26.65
C ILE C 221 36.27 23.22 -26.46
N ASN C 222 37.00 22.72 -27.45
CA ASN C 222 38.45 22.88 -27.42
C ASN C 222 38.92 23.87 -28.48
N SER C 223 38.03 24.71 -29.02
CA SER C 223 38.38 25.64 -30.07
C SER C 223 37.56 26.92 -29.94
N LYS C 224 37.98 27.94 -30.66
CA LYS C 224 37.13 29.11 -30.87
C LYS C 224 36.22 28.79 -32.05
N ILE C 225 34.91 28.71 -31.77
CA ILE C 225 33.94 28.26 -32.76
C ILE C 225 33.49 29.44 -33.61
N PHE C 226 33.71 29.34 -34.92
CA PHE C 226 33.45 30.46 -35.80
C PHE C 226 32.03 30.41 -36.36
N LEU C 227 31.33 31.52 -36.21
CA LEU C 227 29.98 31.71 -36.70
C LEU C 227 30.05 32.73 -37.81
N TYR C 228 29.64 32.32 -39.00
CA TYR C 228 29.66 33.14 -40.20
C TYR C 228 28.51 32.70 -41.10
N GLY C 229 28.51 33.19 -42.33
CA GLY C 229 27.52 32.78 -43.30
C GLY C 229 26.24 33.59 -43.20
N ARG C 230 25.39 33.25 -42.23
CA ARG C 230 24.19 34.03 -41.97
C ARG C 230 23.92 34.02 -40.47
N ALA C 231 22.94 34.85 -40.07
CA ALA C 231 22.51 34.89 -38.68
C ALA C 231 22.16 33.49 -38.19
N THR C 232 22.78 33.11 -37.07
CA THR C 232 22.79 31.76 -36.56
C THR C 232 22.22 31.74 -35.14
N GLU C 233 21.28 30.81 -34.90
CA GLU C 233 20.76 30.55 -33.56
C GLU C 233 21.46 29.36 -32.92
N ILE C 234 21.98 29.56 -31.71
CA ILE C 234 22.51 28.47 -30.89
C ILE C 234 21.66 28.38 -29.64
N VAL C 235 20.95 27.27 -29.48
CA VAL C 235 19.97 27.09 -28.42
C VAL C 235 20.37 25.87 -27.59
N GLY C 236 20.34 26.03 -26.27
CA GLY C 236 20.60 24.94 -25.35
C GLY C 236 19.34 24.47 -24.63
N ALA C 237 19.56 23.50 -23.75
CA ALA C 237 18.53 22.94 -22.90
C ALA C 237 18.28 23.75 -21.65
N GLY C 238 19.10 24.78 -21.41
CA GLY C 238 19.06 25.52 -20.17
C GLY C 238 20.41 25.44 -19.48
N PRO C 239 20.80 26.53 -18.82
CA PRO C 239 22.19 26.64 -18.31
C PRO C 239 22.59 25.56 -17.32
N TRP C 240 21.67 24.99 -16.57
CA TRP C 240 22.04 23.89 -15.68
C TRP C 240 22.14 22.56 -16.39
N TYR C 241 21.87 22.51 -17.69
CA TYR C 241 21.75 21.26 -18.43
C TYR C 241 22.73 21.17 -19.59
N THR C 242 22.72 22.16 -20.47
CA THR C 242 23.71 22.23 -21.55
C THR C 242 24.98 22.86 -21.01
N LYS C 243 26.03 22.05 -20.89
CA LYS C 243 27.31 22.53 -20.37
C LYS C 243 28.35 22.40 -21.48
N LEU C 244 28.86 23.55 -21.92
CA LEU C 244 30.03 23.58 -22.78
C LEU C 244 31.26 23.60 -21.87
N VAL C 245 32.15 22.63 -22.02
CA VAL C 245 33.24 22.39 -21.08
C VAL C 245 34.57 22.47 -21.83
N ALA C 246 35.33 23.53 -21.56
CA ALA C 246 36.72 23.56 -21.99
C ALA C 246 37.50 22.42 -21.31
N PRO C 247 38.44 21.75 -22.02
CA PRO C 247 39.10 20.55 -21.47
C PRO C 247 39.81 20.82 -20.16
N GLN C 248 39.32 20.21 -19.09
CA GLN C 248 39.79 20.58 -17.77
C GLN C 248 41.18 20.06 -17.48
N SER C 249 41.68 19.09 -18.27
CA SER C 249 43.08 18.67 -18.15
C SER C 249 44.04 19.67 -18.78
N GLN C 250 43.55 20.64 -19.54
CA GLN C 250 44.37 21.72 -20.06
C GLN C 250 44.10 22.99 -19.25
N SER C 251 44.91 24.03 -19.51
CA SER C 251 44.81 25.32 -18.84
C SER C 251 44.81 26.44 -19.87
N ASN C 252 43.91 27.41 -19.71
CA ASN C 252 44.05 28.72 -20.38
C ASN C 252 43.89 28.61 -21.89
N THR C 253 43.08 27.64 -22.33
CA THR C 253 42.84 27.46 -23.77
C THR C 253 41.71 28.38 -24.23
N ASP C 254 41.97 29.08 -25.32
CA ASP C 254 41.07 30.08 -25.86
C ASP C 254 39.95 29.36 -26.62
N VAL C 255 38.78 29.25 -25.99
CA VAL C 255 37.65 28.55 -26.60
C VAL C 255 36.42 29.46 -26.55
N GLY C 256 35.36 29.02 -27.22
CA GLY C 256 34.13 29.76 -27.27
C GLY C 256 33.71 30.07 -28.71
N PHE C 257 33.11 31.23 -28.88
CA PHE C 257 32.45 31.60 -30.11
C PHE C 257 33.07 32.87 -30.65
N ASN C 258 33.25 32.90 -31.96
CA ASN C 258 33.62 34.11 -32.69
C ASN C 258 32.51 34.38 -33.69
N ILE C 259 31.93 35.58 -33.62
CA ILE C 259 30.79 35.97 -34.44
C ILE C 259 31.32 36.96 -35.47
N SER C 260 31.64 36.47 -36.67
CA SER C 260 32.10 37.31 -37.77
C SER C 260 30.94 38.11 -38.37
N ALA C 261 31.29 39.07 -39.22
CA ALA C 261 30.33 40.05 -39.74
C ALA C 261 29.10 39.39 -40.32
N ALA C 262 29.30 38.31 -41.09
CA ALA C 262 28.21 37.63 -41.78
C ALA C 262 27.12 37.17 -40.82
N ALA C 263 27.46 36.94 -39.55
CA ALA C 263 26.52 36.40 -38.58
C ALA C 263 25.94 37.46 -37.65
N ASN C 264 25.86 38.71 -38.10
CA ASN C 264 25.10 39.69 -37.34
C ASN C 264 23.68 39.19 -37.16
N GLY C 265 23.04 39.64 -36.08
CA GLY C 265 21.69 39.19 -35.78
C GLY C 265 21.59 37.78 -35.24
N SER C 266 22.72 37.14 -34.94
CA SER C 266 22.78 35.79 -34.39
C SER C 266 22.24 35.74 -32.95
N THR C 267 22.00 34.52 -32.45
CA THR C 267 21.49 34.32 -31.10
C THR C 267 22.22 33.15 -30.43
N ILE C 268 22.70 33.37 -29.19
CA ILE C 268 23.22 32.31 -28.32
C ILE C 268 22.41 32.35 -27.03
N ARG C 269 21.89 31.20 -26.60
CA ARG C 269 21.00 31.24 -25.46
C ARG C 269 20.86 29.86 -24.81
N ASP C 270 20.62 29.90 -23.48
CA ASP C 270 20.13 28.77 -22.65
C ASP C 270 21.17 27.68 -22.45
N LEU C 271 22.41 28.08 -22.14
CA LEU C 271 23.49 27.14 -21.88
C LEU C 271 24.48 27.74 -20.89
N SER C 272 25.36 26.88 -20.40
CA SER C 272 26.49 27.32 -19.60
C SER C 272 27.77 26.96 -20.35
N ALA C 273 28.86 27.65 -20.00
CA ALA C 273 30.18 27.39 -20.56
C ALA C 273 31.19 27.38 -19.43
N TRP C 274 32.02 26.35 -19.39
CA TRP C 274 32.91 26.10 -18.27
C TRP C 274 34.35 26.18 -18.76
N GLY C 275 34.98 27.33 -18.55
CA GLY C 275 36.34 27.55 -19.02
C GLY C 275 37.36 26.72 -18.27
N ASN C 276 38.62 26.85 -18.69
CA ASN C 276 39.74 26.23 -17.99
C ASN C 276 40.85 27.24 -17.70
N TYR C 277 40.52 28.52 -17.61
CA TYR C 277 41.52 29.50 -17.22
C TYR C 277 41.81 29.42 -15.73
N ILE C 278 43.09 29.45 -15.36
CA ILE C 278 43.48 29.50 -13.97
C ILE C 278 44.20 30.79 -13.62
N ASN C 279 44.41 31.67 -14.58
CA ASN C 279 44.89 33.02 -14.33
C ASN C 279 44.56 33.91 -15.52
N ARG C 280 44.63 35.20 -15.29
CA ARG C 280 44.37 36.14 -16.36
C ARG C 280 45.46 36.07 -17.44
N VAL C 281 45.03 36.14 -18.69
CA VAL C 281 45.91 36.44 -19.82
C VAL C 281 45.24 37.55 -20.60
N ASP C 282 46.00 38.53 -21.07
CA ASP C 282 45.43 39.66 -21.78
C ASP C 282 45.53 39.36 -23.27
N GLY C 283 44.38 39.30 -23.94
CA GLY C 283 44.34 38.96 -25.34
C GLY C 283 43.28 37.90 -25.58
N PRO C 284 43.63 36.64 -25.35
CA PRO C 284 42.66 35.56 -25.47
C PRO C 284 41.68 35.54 -24.30
N GLY C 285 40.77 34.57 -24.29
CA GLY C 285 40.03 34.22 -23.09
C GLY C 285 38.68 34.87 -22.91
N LYS C 286 38.23 35.65 -23.89
CA LYS C 286 36.84 36.09 -23.96
C LYS C 286 35.99 34.95 -24.49
N PHE C 287 34.87 34.66 -23.81
CA PHE C 287 34.03 33.56 -24.25
C PHE C 287 33.42 33.85 -25.62
N ILE C 288 32.91 35.06 -25.83
CA ILE C 288 32.34 35.47 -27.11
C ILE C 288 33.22 36.57 -27.72
N ASP C 289 33.82 36.28 -28.87
CA ASP C 289 34.53 37.25 -29.70
C ASP C 289 33.58 37.76 -30.77
N GLY C 290 33.28 39.06 -30.74
CA GLY C 290 32.45 39.66 -31.76
C GLY C 290 32.96 41.02 -32.16
N ASN C 291 33.74 41.08 -33.21
CA ASN C 291 34.34 42.34 -33.61
C ASN C 291 33.41 43.00 -34.63
N GLY C 292 32.88 44.16 -34.26
CA GLY C 292 31.89 44.87 -35.04
C GLY C 292 30.54 44.19 -35.12
N MET C 293 30.31 43.15 -34.32
CA MET C 293 29.05 42.41 -34.41
C MET C 293 27.87 43.30 -34.06
N GLN C 294 26.77 43.11 -34.77
CA GLN C 294 25.59 43.94 -34.62
C GLN C 294 24.38 43.06 -34.47
N ASN C 295 23.46 43.50 -33.62
CA ASN C 295 22.15 42.88 -33.42
C ASN C 295 22.27 41.45 -32.90
N VAL C 296 23.39 41.09 -32.31
CA VAL C 296 23.53 39.76 -31.73
C VAL C 296 22.88 39.75 -30.35
N THR C 297 22.28 38.61 -29.99
CA THR C 297 21.63 38.47 -28.70
C THR C 297 22.26 37.31 -27.93
N VAL C 298 22.72 37.59 -26.71
CA VAL C 298 23.24 36.60 -25.78
C VAL C 298 22.35 36.61 -24.56
N GLN C 299 21.67 35.49 -24.30
CA GLN C 299 20.58 35.45 -23.34
C GLN C 299 20.67 34.19 -22.50
N ASN C 300 20.54 34.33 -21.17
CA ASN C 300 20.39 33.18 -20.29
C ASN C 300 21.53 32.18 -20.45
N ILE C 301 22.74 32.69 -20.62
CA ILE C 301 23.91 31.86 -20.52
C ILE C 301 24.60 32.15 -19.18
N TRP C 302 25.54 31.26 -18.83
CA TRP C 302 26.16 31.16 -17.52
C TRP C 302 27.62 30.79 -17.78
N VAL C 303 28.53 31.69 -17.47
CA VAL C 303 29.90 31.59 -17.94
C VAL C 303 30.82 31.65 -16.73
N GLU C 304 31.85 30.81 -16.73
CA GLU C 304 32.76 30.72 -15.61
C GLU C 304 34.18 30.43 -16.06
N HIS C 305 35.15 31.04 -15.36
CA HIS C 305 36.56 30.73 -15.49
C HIS C 305 37.09 31.01 -16.88
N PHE C 306 36.52 32.01 -17.54
CA PHE C 306 37.13 32.65 -18.70
C PHE C 306 37.80 33.94 -18.24
N VAL C 307 38.53 34.57 -19.16
CA VAL C 307 39.03 35.90 -18.89
C VAL C 307 37.87 36.89 -18.83
N CYS C 308 37.06 36.94 -19.90
CA CYS C 308 35.86 37.77 -19.97
C CYS C 308 34.71 36.95 -20.55
N LEU C 309 33.49 37.45 -20.34
CA LEU C 309 32.37 36.93 -21.12
C LEU C 309 32.36 37.55 -22.51
N TYR C 310 32.32 38.88 -22.57
CA TYR C 310 32.32 39.57 -23.85
C TYR C 310 33.21 40.80 -23.81
N TRP C 311 33.92 41.03 -24.89
CA TRP C 311 34.64 42.28 -25.10
C TRP C 311 34.25 42.81 -26.48
N GLY C 312 33.44 43.86 -26.50
CA GLY C 312 33.01 44.47 -27.75
C GLY C 312 34.01 45.48 -28.27
N VAL C 313 34.20 45.48 -29.59
CA VAL C 313 34.99 46.47 -30.31
C VAL C 313 34.11 46.98 -31.43
N ASN C 314 33.68 48.24 -31.33
CA ASN C 314 32.83 48.84 -32.34
C ASN C 314 31.66 47.92 -32.69
N SER C 315 31.03 47.34 -31.66
CA SER C 315 29.91 46.44 -31.82
C SER C 315 28.68 47.07 -31.22
N SER C 316 27.58 47.09 -31.97
CA SER C 316 26.45 47.94 -31.63
C SER C 316 25.14 47.17 -31.76
N TYR C 317 24.12 47.66 -31.04
CA TYR C 317 22.75 47.16 -31.13
C TYR C 317 22.60 45.71 -30.67
N ASN C 318 23.50 45.23 -29.82
CA ASN C 318 23.42 43.87 -29.34
C ASN C 318 22.61 43.82 -28.04
N THR C 319 22.39 42.62 -27.53
CA THR C 319 21.56 42.45 -26.33
C THR C 319 22.13 41.30 -25.51
N PHE C 320 22.45 41.60 -24.24
CA PHE C 320 22.97 40.65 -23.27
C PHE C 320 21.99 40.64 -22.10
N LYS C 321 21.21 39.58 -22.01
CA LYS C 321 19.99 39.53 -21.21
C LYS C 321 20.02 38.28 -20.34
N ASN C 322 19.78 38.47 -19.04
CA ASN C 322 19.54 37.34 -18.11
C ASN C 322 20.76 36.44 -17.96
N ASN C 323 21.96 36.96 -18.12
CA ASN C 323 23.15 36.13 -18.05
C ASN C 323 23.76 36.10 -16.63
N ARG C 324 24.62 35.11 -16.43
CA ARG C 324 25.35 34.90 -15.19
C ARG C 324 26.83 34.87 -15.52
N ILE C 325 27.59 35.79 -14.92
CA ILE C 325 29.03 35.89 -15.10
C ILE C 325 29.68 35.66 -13.75
N LYS C 326 30.35 34.52 -13.60
CA LYS C 326 30.91 34.15 -12.30
C LYS C 326 32.35 33.70 -12.44
N ASN C 327 33.22 34.30 -11.62
CA ASN C 327 34.59 33.81 -11.40
C ASN C 327 35.42 33.88 -12.69
N THR C 328 35.47 35.07 -13.25
CA THR C 328 36.31 35.26 -14.41
C THR C 328 37.58 35.96 -13.96
N PHE C 329 38.59 35.91 -14.82
CA PHE C 329 39.87 36.49 -14.43
C PHE C 329 40.04 37.92 -14.88
N ALA C 330 39.06 38.47 -15.61
CA ALA C 330 39.07 39.90 -15.89
C ALA C 330 37.64 40.40 -15.97
N ASP C 331 37.39 41.34 -16.89
CA ASP C 331 36.09 41.98 -17.01
C ASP C 331 34.99 40.96 -17.25
N GLY C 332 33.77 41.29 -16.82
CA GLY C 332 32.62 40.49 -17.19
C GLY C 332 32.21 40.80 -18.62
N ILE C 333 31.58 41.97 -18.80
CA ILE C 333 31.27 42.56 -20.10
C ILE C 333 31.94 43.93 -20.16
N ASN C 334 32.68 44.18 -21.25
CA ASN C 334 33.24 45.50 -21.51
C ASN C 334 33.15 45.76 -23.01
N MET C 335 32.95 47.01 -23.40
CA MET C 335 33.00 47.30 -24.83
C MET C 335 33.60 48.68 -25.09
N THR C 336 34.18 48.83 -26.27
CA THR C 336 35.08 49.92 -26.64
C THR C 336 34.78 50.36 -28.07
N ASN C 337 35.50 51.42 -28.49
CA ASN C 337 35.59 51.84 -29.90
C ASN C 337 34.21 52.08 -30.52
N GLY C 338 33.43 52.93 -29.88
CA GLY C 338 32.16 53.26 -30.47
C GLY C 338 31.09 52.20 -30.35
N SER C 339 31.28 51.20 -29.49
CA SER C 339 30.25 50.20 -29.22
C SER C 339 29.00 50.90 -28.72
N SER C 340 27.98 50.97 -29.55
CA SER C 340 26.90 51.90 -29.23
C SER C 340 25.54 51.24 -29.24
N TYR C 341 24.63 51.82 -28.48
CA TYR C 341 23.23 51.40 -28.50
C TYR C 341 23.06 49.92 -28.17
N ASN C 342 23.91 49.39 -27.29
CA ASN C 342 23.70 48.02 -26.85
C ASN C 342 22.82 48.03 -25.60
N VAL C 343 22.27 46.86 -25.28
CA VAL C 343 21.42 46.67 -24.12
C VAL C 343 22.00 45.58 -23.25
N ILE C 344 22.51 45.97 -22.07
CA ILE C 344 22.98 45.07 -21.04
C ILE C 344 21.91 45.12 -19.95
N ASP C 345 20.92 44.24 -20.03
CA ASP C 345 19.80 44.23 -19.10
C ASP C 345 19.75 42.91 -18.33
N ASN C 346 19.72 43.03 -16.99
CA ASN C 346 19.35 41.96 -16.07
C ASN C 346 20.37 40.84 -16.03
N ASN C 347 21.60 41.21 -15.72
CA ASN C 347 22.69 40.25 -15.62
C ASN C 347 23.23 40.24 -14.20
N TYR C 348 23.76 39.08 -13.80
CA TYR C 348 24.34 38.88 -12.49
C TYR C 348 25.81 38.52 -12.67
N ALA C 349 26.68 39.22 -11.92
CA ALA C 349 28.11 38.94 -11.94
C ALA C 349 28.59 38.78 -10.50
N ARG C 350 29.34 37.71 -10.25
CA ARG C 350 29.98 37.52 -8.95
C ARG C 350 31.40 37.01 -9.17
N GLY C 351 32.37 37.65 -8.53
CA GLY C 351 33.73 37.17 -8.65
C GLY C 351 34.43 37.46 -9.97
N THR C 352 34.11 38.55 -10.65
CA THR C 352 34.91 38.89 -11.83
C THR C 352 36.31 39.31 -11.40
N GLY C 353 37.28 39.08 -12.29
CA GLY C 353 38.69 39.38 -12.05
C GLY C 353 39.10 40.79 -12.40
N ASP C 354 38.17 41.57 -12.94
CA ASP C 354 38.35 43.00 -13.14
C ASP C 354 36.95 43.63 -13.07
N ALA C 355 36.80 44.80 -13.69
CA ALA C 355 35.50 45.47 -13.65
C ALA C 355 34.41 44.56 -14.21
N SER C 356 33.26 44.50 -13.50
CA SER C 356 32.25 43.50 -13.86
C SER C 356 31.44 43.93 -15.08
N PHE C 357 31.02 45.18 -15.12
CA PHE C 357 30.36 45.79 -16.26
C PHE C 357 31.07 47.11 -16.55
N ALA C 358 31.56 47.25 -17.77
CA ALA C 358 32.40 48.39 -18.09
C ALA C 358 32.10 48.90 -19.49
N LEU C 359 32.15 50.23 -19.61
CA LEU C 359 32.06 50.95 -20.88
C LEU C 359 33.34 51.76 -21.00
N PHE C 360 34.21 51.40 -21.94
CA PHE C 360 35.51 52.07 -22.11
C PHE C 360 35.55 52.70 -23.50
N SER C 361 35.39 54.03 -23.56
CA SER C 361 35.41 54.70 -24.87
C SER C 361 36.82 54.81 -25.44
N ALA C 362 37.50 53.66 -25.54
CA ALA C 362 38.79 53.63 -26.24
C ALA C 362 38.56 53.75 -27.73
N THR C 363 39.48 54.42 -28.43
CA THR C 363 39.35 54.61 -29.87
C THR C 363 40.51 54.01 -30.65
N ASP C 364 41.27 53.08 -30.04
CA ASP C 364 42.50 52.56 -30.65
C ASP C 364 42.22 51.62 -31.88
N SER C 365 40.97 51.50 -32.31
CA SER C 365 40.64 50.79 -33.54
C SER C 365 39.72 51.65 -34.40
N GLY C 366 39.81 52.97 -34.24
CA GLY C 366 39.00 53.89 -35.01
C GLY C 366 37.52 53.73 -34.77
N GLY C 367 37.10 54.04 -33.55
CA GLY C 367 35.70 54.29 -33.27
C GLY C 367 35.60 55.57 -32.46
N SER C 368 34.43 56.19 -32.49
CA SER C 368 34.27 57.40 -31.69
C SER C 368 33.80 57.02 -30.29
N TYR C 369 32.91 57.81 -29.72
CA TYR C 369 32.40 57.53 -28.39
C TYR C 369 31.51 56.29 -28.39
N ASN C 370 31.55 55.54 -27.28
CA ASN C 370 30.45 54.65 -26.94
C ASN C 370 29.24 55.51 -26.63
N VAL C 371 28.22 55.46 -27.48
CA VAL C 371 27.06 56.30 -27.27
C VAL C 371 25.84 55.41 -27.09
N GLY C 372 24.87 55.92 -26.34
CA GLY C 372 23.55 55.34 -26.34
C GLY C 372 23.43 53.97 -25.75
N ASN C 373 24.31 53.59 -24.82
CA ASN C 373 24.21 52.27 -24.25
C ASN C 373 23.35 52.26 -23.00
N LYS C 374 22.75 51.11 -22.71
CA LYS C 374 21.90 50.91 -21.55
C LYS C 374 22.40 49.73 -20.72
N TYR C 375 22.87 50.01 -19.50
CA TYR C 375 23.26 49.00 -18.52
C TYR C 375 22.22 49.03 -17.40
N THR C 376 21.24 48.12 -17.45
CA THR C 376 20.09 48.21 -16.56
C THR C 376 19.89 46.90 -15.81
N ASN C 377 19.36 47.01 -14.60
CA ASN C 377 19.06 45.85 -13.76
C ASN C 377 20.27 44.91 -13.65
N LEU C 378 21.37 45.46 -13.14
CA LEU C 378 22.64 44.74 -13.03
C LEU C 378 23.01 44.49 -11.57
N THR C 379 23.53 43.31 -11.29
CA THR C 379 24.09 42.98 -9.99
C THR C 379 25.54 42.56 -10.15
N ALA C 380 26.42 43.15 -9.35
CA ALA C 380 27.83 42.76 -9.36
C ALA C 380 28.30 42.66 -7.93
N THR C 381 28.77 41.48 -7.53
CA THR C 381 29.23 41.27 -6.16
C THR C 381 30.60 40.58 -6.19
N ASN C 382 31.38 40.81 -5.13
CA ASN C 382 32.67 40.16 -4.92
C ASN C 382 33.63 40.45 -6.05
N VAL C 383 33.72 41.71 -6.45
CA VAL C 383 34.65 42.08 -7.51
C VAL C 383 36.07 41.96 -6.97
N ARG C 384 36.80 40.96 -7.43
CA ARG C 384 38.10 40.62 -6.88
C ARG C 384 39.20 41.59 -7.32
N ARG C 385 38.97 42.38 -8.37
CA ARG C 385 39.81 43.53 -8.66
C ARG C 385 38.99 44.59 -9.38
N ALA C 386 39.39 45.84 -9.25
CA ALA C 386 38.69 46.98 -9.85
C ALA C 386 37.23 47.08 -9.43
N ALA C 387 36.44 47.88 -10.14
CA ALA C 387 35.12 48.28 -9.70
C ALA C 387 34.03 47.30 -10.15
N ALA C 388 32.88 47.36 -9.46
CA ALA C 388 31.70 46.64 -9.93
C ALA C 388 31.18 47.21 -11.25
N PHE C 389 31.20 48.55 -11.39
CA PHE C 389 30.76 49.30 -12.56
C PHE C 389 31.82 50.35 -12.91
N ALA C 390 32.24 50.36 -14.18
CA ALA C 390 33.26 51.28 -14.65
C ALA C 390 32.79 51.93 -15.93
N VAL C 391 32.83 53.26 -15.97
CA VAL C 391 32.56 54.02 -17.18
C VAL C 391 33.75 54.93 -17.44
N TYR C 392 34.42 54.73 -18.56
CA TYR C 392 35.54 55.58 -18.98
C TYR C 392 35.11 56.28 -20.25
N GLY C 393 34.66 57.52 -20.10
CA GLY C 393 34.35 58.25 -21.30
C GLY C 393 33.00 57.84 -21.81
N GLY C 394 32.74 58.20 -23.05
CA GLY C 394 31.45 57.97 -23.66
C GLY C 394 30.50 59.14 -23.49
N SER C 395 29.42 59.09 -24.26
CA SER C 395 28.38 60.10 -24.25
C SER C 395 27.03 59.40 -24.22
N ASP C 396 26.11 59.92 -23.40
CA ASP C 396 24.70 59.51 -23.46
C ASP C 396 24.54 58.02 -23.18
N ASN C 397 25.10 57.59 -22.05
CA ASN C 397 25.06 56.21 -21.61
C ASN C 397 24.34 56.13 -20.28
N LEU C 398 23.45 55.17 -20.14
CA LEU C 398 22.62 55.02 -18.96
C LEU C 398 23.06 53.79 -18.17
N PHE C 399 23.20 53.95 -16.86
CA PHE C 399 23.35 52.83 -15.94
C PHE C 399 22.22 52.98 -14.95
N GLN C 400 21.35 51.99 -14.89
CA GLN C 400 20.14 52.11 -14.10
C GLN C 400 19.91 50.86 -13.26
N ASN C 401 19.34 51.06 -12.08
CA ASN C 401 19.01 50.00 -11.12
C ASN C 401 20.17 49.01 -10.95
N LEU C 402 21.20 49.50 -10.26
CA LEU C 402 22.40 48.73 -10.04
C LEU C 402 22.46 48.26 -8.59
N TYR C 403 23.09 47.11 -8.40
CA TYR C 403 23.46 46.62 -7.08
C TYR C 403 24.91 46.20 -7.14
N GLY C 404 25.74 46.83 -6.33
CA GLY C 404 27.14 46.43 -6.19
C GLY C 404 27.45 46.13 -4.73
N ALA C 405 28.29 45.13 -4.51
CA ALA C 405 28.60 44.79 -3.13
C ALA C 405 29.96 44.09 -3.07
N ASP C 406 30.76 44.50 -2.06
CA ASP C 406 31.97 43.80 -1.59
C ASP C 406 33.12 43.79 -2.61
N THR C 407 33.48 44.97 -3.10
CA THR C 407 34.69 45.10 -3.92
C THR C 407 35.93 44.92 -3.04
N LEU C 408 36.92 44.21 -3.57
CA LEU C 408 38.14 43.92 -2.81
C LEU C 408 39.11 45.10 -2.77
N THR C 409 39.17 45.94 -3.81
CA THR C 409 40.29 46.87 -3.94
C THR C 409 39.93 48.26 -4.44
N TYR C 410 38.67 48.54 -4.74
CA TYR C 410 38.36 49.60 -5.70
C TYR C 410 36.93 50.05 -5.47
N PRO C 411 36.52 51.19 -6.07
CA PRO C 411 35.15 51.67 -5.88
C PRO C 411 34.10 50.66 -6.30
N GLY C 412 32.85 50.91 -5.88
CA GLY C 412 31.73 50.25 -6.51
C GLY C 412 31.54 50.71 -7.95
N ILE C 413 31.63 52.01 -8.19
CA ILE C 413 31.42 52.61 -9.51
C ILE C 413 32.60 53.51 -9.80
N THR C 414 33.21 53.34 -10.97
CA THR C 414 34.33 54.19 -11.38
C THR C 414 33.90 55.01 -12.58
N ILE C 415 34.01 56.33 -12.43
CA ILE C 415 33.66 57.31 -13.44
C ILE C 415 34.96 58.06 -13.72
N SER C 416 35.64 57.71 -14.81
CA SER C 416 36.97 58.22 -15.03
C SER C 416 37.16 58.68 -16.47
N SER C 417 37.91 59.77 -16.65
CA SER C 417 38.32 60.19 -17.99
C SER C 417 39.80 59.94 -18.21
N TYR C 418 40.34 58.92 -17.56
CA TYR C 418 41.74 58.59 -17.72
C TYR C 418 41.94 57.71 -18.94
N SER C 419 42.93 58.07 -19.76
CA SER C 419 43.12 57.41 -21.04
C SER C 419 43.72 56.00 -20.91
N PHE C 420 44.46 55.73 -19.84
CA PHE C 420 45.27 54.51 -19.67
C PHE C 420 46.36 54.40 -20.71
N GLY C 421 46.75 55.51 -21.32
CA GLY C 421 47.71 55.50 -22.40
C GLY C 421 47.13 55.19 -23.75
N TYR C 422 45.99 54.48 -23.82
CA TYR C 422 45.33 54.26 -25.09
C TYR C 422 44.85 55.60 -25.66
N ASN C 423 44.61 55.61 -26.96
CA ASN C 423 43.89 56.72 -27.54
C ASN C 423 42.43 56.51 -27.19
N THR C 424 41.85 57.48 -26.48
CA THR C 424 40.52 57.34 -25.94
C THR C 424 39.82 58.68 -26.04
N LEU C 425 38.53 58.66 -25.80
CA LEU C 425 37.74 59.86 -25.69
C LEU C 425 37.36 60.04 -24.23
N GLY C 426 37.37 61.30 -23.77
CA GLY C 426 36.79 61.58 -22.48
C GLY C 426 35.29 61.43 -22.54
N PHE C 427 34.59 62.18 -21.74
CA PHE C 427 33.14 62.12 -21.77
C PHE C 427 32.64 63.11 -22.82
N GLY C 428 31.49 62.78 -23.40
CA GLY C 428 30.92 63.56 -24.47
C GLY C 428 29.97 64.63 -23.96
N ASP C 429 29.21 65.18 -24.90
CA ASP C 429 28.38 66.34 -24.61
C ASP C 429 26.99 65.97 -24.09
N GLN C 430 26.70 64.67 -23.94
CA GLN C 430 25.45 64.20 -23.38
C GLN C 430 25.69 63.45 -22.08
N ASP C 431 24.75 63.58 -21.16
CA ASP C 431 24.90 63.01 -19.84
C ASP C 431 25.19 61.52 -19.88
N THR C 432 26.25 61.13 -19.19
CA THR C 432 26.40 59.79 -18.64
C THR C 432 25.66 59.75 -17.31
N VAL C 433 24.70 58.82 -17.17
CA VAL C 433 23.73 58.86 -16.09
C VAL C 433 23.77 57.56 -15.29
N ILE C 434 24.01 57.69 -13.99
CA ILE C 434 23.82 56.61 -13.02
C ILE C 434 22.59 56.94 -12.19
N ASP C 435 21.61 56.05 -12.19
CA ASP C 435 20.28 56.36 -11.63
C ASP C 435 19.71 55.09 -10.99
N GLY C 436 19.64 55.08 -9.66
CA GLY C 436 19.16 53.92 -8.95
C GLY C 436 20.27 52.92 -8.70
N ALA C 437 20.92 53.00 -7.56
CA ALA C 437 22.05 52.12 -7.29
C ALA C 437 22.18 51.92 -5.79
N THR C 438 22.46 50.69 -5.40
CA THR C 438 22.83 50.35 -4.04
C THR C 438 24.21 49.74 -4.08
N LEU C 439 25.12 50.34 -3.32
CA LEU C 439 26.50 49.86 -3.19
C LEU C 439 26.73 49.54 -1.71
N ASP C 440 27.01 48.27 -1.43
CA ASP C 440 27.11 47.76 -0.06
C ASP C 440 28.54 47.34 0.18
N ARG C 441 29.20 48.01 1.13
CA ARG C 441 30.57 47.67 1.56
C ARG C 441 31.59 47.76 0.41
N THR C 442 31.57 48.87 -0.33
CA THR C 442 32.45 48.98 -1.48
C THR C 442 33.53 50.04 -1.23
N GLY C 443 34.52 50.03 -2.09
CA GLY C 443 35.78 50.73 -1.85
C GLY C 443 36.88 49.74 -1.48
N GLY C 444 38.10 50.26 -1.44
CA GLY C 444 39.22 49.44 -1.04
C GLY C 444 40.54 50.17 -1.17
N ASP C 445 41.61 49.39 -1.15
CA ASP C 445 42.98 49.87 -1.16
C ASP C 445 43.67 49.46 -2.44
N PHE C 446 44.48 50.35 -3.00
CA PHE C 446 45.15 50.08 -4.26
C PHE C 446 46.15 51.19 -4.54
N TRP C 447 47.15 50.88 -5.37
CA TRP C 447 48.25 51.77 -5.76
C TRP C 447 49.18 52.05 -4.58
N THR C 448 49.85 53.21 -4.59
CA THR C 448 50.78 53.58 -3.54
C THR C 448 50.59 55.05 -3.18
N SER C 449 50.86 55.37 -1.89
CA SER C 449 50.49 56.64 -1.27
C SER C 449 51.69 57.49 -0.90
N VAL C 450 52.82 57.30 -1.57
CA VAL C 450 54.04 57.98 -1.14
C VAL C 450 53.85 59.48 -1.31
N GLY C 451 53.89 60.22 -0.20
CA GLY C 451 53.70 61.65 -0.25
C GLY C 451 52.28 62.12 -0.05
N ALA C 452 51.36 61.22 0.27
CA ALA C 452 49.94 61.53 0.20
C ALA C 452 49.49 62.35 1.40
N ASP C 453 48.58 63.28 1.14
CA ASP C 453 47.78 63.88 2.19
C ASP C 453 46.79 62.86 2.75
N ASP C 454 46.32 63.11 3.97
CA ASP C 454 45.29 62.28 4.59
C ASP C 454 45.65 60.79 4.55
N LYS C 455 46.96 60.51 4.61
CA LYS C 455 47.43 59.14 4.53
C LYS C 455 46.91 58.31 5.70
N ILE C 456 46.49 57.08 5.40
CA ILE C 456 46.17 56.12 6.45
C ILE C 456 46.91 54.78 6.30
N ASN C 457 47.51 54.47 5.16
CA ASN C 457 48.30 53.23 5.03
C ASN C 457 49.16 53.38 3.78
N GLU C 458 49.77 52.28 3.36
CA GLU C 458 50.67 52.31 2.21
C GLU C 458 49.93 52.54 0.88
N TYR C 459 48.61 52.49 0.85
CA TYR C 459 47.82 52.55 -0.38
C TYR C 459 47.11 53.90 -0.53
N GLN C 460 46.70 54.17 -1.77
CA GLN C 460 45.55 55.04 -2.01
C GLN C 460 44.29 54.31 -1.58
N ASN C 461 43.31 55.07 -1.12
CA ASN C 461 42.09 54.52 -0.53
C ASN C 461 40.91 55.03 -1.33
N PHE C 462 39.88 54.19 -1.49
CA PHE C 462 38.88 54.45 -2.53
C PHE C 462 37.47 54.40 -1.97
N GLY C 463 36.67 55.39 -2.34
CA GLY C 463 35.30 55.47 -1.87
C GLY C 463 34.39 54.62 -2.73
N ALA C 464 33.10 54.63 -2.36
CA ALA C 464 32.13 53.84 -3.10
C ALA C 464 32.06 54.27 -4.56
N ILE C 465 31.95 55.58 -4.79
CA ILE C 465 31.95 56.16 -6.11
C ILE C 465 33.17 57.07 -6.24
N TRP C 466 33.94 56.86 -7.31
CA TRP C 466 35.18 57.59 -7.58
C TRP C 466 35.03 58.36 -8.90
N ILE C 467 34.98 59.69 -8.81
CA ILE C 467 34.87 60.55 -9.99
C ILE C 467 36.27 61.08 -10.28
N TYR C 468 36.95 60.46 -11.24
CA TYR C 468 38.37 60.71 -11.51
C TYR C 468 38.47 61.45 -12.83
N GLY C 469 38.70 62.76 -12.76
CA GLY C 469 39.08 63.49 -13.95
C GLY C 469 40.49 63.08 -14.35
N GLY C 470 40.65 62.65 -15.60
CA GLY C 470 41.94 62.16 -16.05
C GLY C 470 42.67 63.11 -16.97
N ASP C 471 43.15 62.60 -18.10
CA ASP C 471 43.78 63.42 -19.12
C ASP C 471 42.81 63.84 -20.22
N ARG C 472 41.64 63.23 -20.28
CA ARG C 472 40.61 63.64 -21.21
C ARG C 472 39.49 64.32 -20.43
N ALA C 473 38.54 64.90 -21.17
CA ALA C 473 37.50 65.70 -20.54
C ALA C 473 36.62 64.87 -19.63
N ILE C 474 36.25 65.46 -18.49
CA ILE C 474 35.34 64.86 -17.52
C ILE C 474 34.17 65.81 -17.36
N LYS C 475 32.97 65.38 -17.80
CA LYS C 475 31.82 66.28 -17.90
C LYS C 475 30.54 65.49 -18.12
N ASN C 476 29.43 66.15 -17.81
CA ASN C 476 28.06 65.67 -18.03
C ASN C 476 27.82 64.31 -17.38
N ILE C 477 28.00 64.30 -16.05
CA ILE C 477 27.77 63.14 -15.19
C ILE C 477 26.60 63.46 -14.27
N LEU C 478 25.57 62.62 -14.28
CA LEU C 478 24.46 62.75 -13.36
C LEU C 478 24.35 61.46 -12.54
N ILE C 479 24.59 61.59 -11.24
CA ILE C 479 24.53 60.52 -10.28
C ILE C 479 23.29 60.78 -9.43
N LYS C 480 22.29 59.90 -9.52
CA LYS C 480 21.09 60.12 -8.72
C LYS C 480 20.54 58.79 -8.23
N ASN C 481 19.95 58.84 -7.03
CA ASN C 481 19.15 57.75 -6.47
C ASN C 481 20.03 56.58 -6.02
N VAL C 482 21.07 56.91 -5.27
CA VAL C 482 22.07 55.94 -4.83
C VAL C 482 22.04 55.86 -3.31
N ASP C 483 22.17 54.64 -2.80
CA ASP C 483 22.31 54.36 -1.37
C ASP C 483 23.64 53.66 -1.17
N ILE C 484 24.51 54.25 -0.36
CA ILE C 484 25.86 53.76 -0.16
C ILE C 484 25.96 53.30 1.30
N ASN C 485 25.92 51.99 1.51
CA ASN C 485 25.87 51.44 2.86
C ASN C 485 27.23 50.90 3.26
N ASN C 486 27.73 51.37 4.40
CA ASN C 486 28.97 50.93 5.02
C ASN C 486 30.17 50.84 4.06
N PRO C 487 30.41 51.89 3.27
CA PRO C 487 31.57 51.84 2.37
C PRO C 487 32.82 51.69 3.20
N VAL C 488 33.86 51.16 2.56
CA VAL C 488 35.10 50.90 3.28
C VAL C 488 35.67 52.20 3.84
N TYR C 489 35.56 53.29 3.07
CA TYR C 489 36.23 54.54 3.43
C TYR C 489 35.33 55.74 3.27
N PHE C 490 34.90 56.01 2.05
CA PHE C 490 34.15 57.21 1.75
C PHE C 490 32.94 56.84 0.90
N GLY C 491 31.96 57.74 0.88
CA GLY C 491 30.87 57.65 -0.07
C GLY C 491 31.31 58.06 -1.47
N LEU C 492 31.46 59.36 -1.70
CA LEU C 492 31.86 59.89 -2.99
C LEU C 492 33.26 60.47 -2.90
N MET C 493 34.03 60.35 -3.97
CA MET C 493 35.43 60.76 -3.93
C MET C 493 35.79 61.40 -5.26
N PHE C 494 36.17 62.67 -5.19
CA PHE C 494 36.43 63.50 -6.36
C PHE C 494 37.92 63.75 -6.45
N GLN C 495 38.49 63.50 -7.62
CA GLN C 495 39.94 63.62 -7.79
C GLN C 495 40.24 64.07 -9.20
N SER C 496 41.10 65.08 -9.32
CA SER C 496 41.64 65.55 -10.59
C SER C 496 43.08 65.10 -10.72
N MET C 497 43.46 64.69 -11.93
CA MET C 497 44.84 64.29 -12.21
C MET C 497 45.73 65.50 -12.49
N SER C 498 46.92 65.52 -11.84
CA SER C 498 47.86 66.57 -12.22
C SER C 498 48.84 66.05 -13.28
N PRO C 499 49.37 66.94 -14.14
CA PRO C 499 49.13 68.38 -14.15
C PRO C 499 48.04 68.81 -15.11
N ASN C 500 47.37 67.85 -15.76
CA ASN C 500 46.31 68.21 -16.71
C ASN C 500 45.29 69.12 -16.04
N ASN C 501 44.73 68.66 -14.93
CA ASN C 501 43.79 69.47 -14.17
C ASN C 501 42.57 69.87 -15.00
N MET C 502 42.02 68.87 -15.71
CA MET C 502 40.75 69.01 -16.42
C MET C 502 39.64 69.45 -15.49
N VAL C 503 38.95 70.52 -15.89
CA VAL C 503 37.86 71.13 -15.14
C VAL C 503 36.64 70.21 -15.26
N MET C 504 36.20 69.63 -14.14
CA MET C 504 34.95 68.86 -14.18
C MET C 504 33.79 69.82 -14.32
N GLN C 505 32.94 69.62 -15.33
CA GLN C 505 31.77 70.45 -15.52
C GLN C 505 30.52 69.59 -15.63
N ASN C 506 29.38 70.17 -15.28
CA ASN C 506 28.09 69.47 -15.30
C ASN C 506 28.17 68.13 -14.57
N ILE C 507 28.71 68.14 -13.36
CA ILE C 507 28.74 66.99 -12.46
C ILE C 507 27.66 67.21 -11.40
N ARG C 508 26.55 66.48 -11.45
CA ARG C 508 25.48 66.65 -10.46
C ARG C 508 25.28 65.36 -9.67
N VAL C 509 25.03 65.51 -8.36
CA VAL C 509 24.72 64.39 -7.47
C VAL C 509 23.39 64.70 -6.78
N GLU C 510 22.42 63.79 -6.90
CA GLU C 510 21.07 64.01 -6.40
C GLU C 510 20.54 62.74 -5.73
N ASN C 511 19.86 62.90 -4.60
CA ASN C 511 19.15 61.81 -3.94
C ASN C 511 20.09 60.66 -3.57
N VAL C 512 21.12 60.99 -2.81
CA VAL C 512 22.13 60.03 -2.41
C VAL C 512 22.16 59.98 -0.90
N ASN C 513 22.13 58.76 -0.35
CA ASN C 513 22.30 58.55 1.09
C ASN C 513 23.58 57.78 1.34
N ILE C 514 24.44 58.32 2.20
CA ILE C 514 25.72 57.72 2.53
C ILE C 514 25.69 57.34 4.00
N ASN C 515 25.63 56.03 4.28
CA ASN C 515 25.41 55.51 5.63
C ASN C 515 26.67 54.88 6.20
N ASN C 516 27.13 55.43 7.33
CA ASN C 516 28.22 54.86 8.13
C ASN C 516 29.56 54.68 7.41
N PRO C 517 30.04 55.67 6.66
CA PRO C 517 31.39 55.54 6.08
C PRO C 517 32.46 55.65 7.16
N SER C 518 33.51 54.84 7.03
CA SER C 518 34.49 54.81 8.10
C SER C 518 35.23 56.14 8.23
N ARG C 519 35.40 56.88 7.14
CA ARG C 519 36.09 58.16 7.22
C ARG C 519 35.12 59.30 6.92
N TYR C 520 34.86 59.56 5.63
CA TYR C 520 34.04 60.70 5.25
C TYR C 520 32.89 60.27 4.35
N GLY C 521 31.88 61.11 4.27
CA GLY C 521 30.87 60.91 3.25
C GLY C 521 31.40 61.33 1.89
N ILE C 522 32.03 62.49 1.83
CA ILE C 522 32.57 63.02 0.58
C ILE C 522 34.03 63.39 0.83
N LYS C 523 34.92 62.89 -0.03
CA LYS C 523 36.34 63.24 0.04
C LYS C 523 36.74 63.93 -1.25
N LEU C 524 37.24 65.15 -1.14
CA LEU C 524 37.93 65.79 -2.27
C LEU C 524 39.40 65.45 -2.12
N VAL C 525 39.93 64.66 -3.05
CA VAL C 525 41.34 64.28 -2.98
C VAL C 525 42.20 65.53 -3.15
N VAL C 526 43.11 65.74 -2.19
CA VAL C 526 43.96 66.92 -2.16
C VAL C 526 45.35 66.61 -2.71
N ARG C 527 45.93 65.49 -2.28
CA ARG C 527 47.24 65.07 -2.76
C ARG C 527 47.27 63.55 -2.60
N ALA C 528 46.96 62.85 -3.69
CA ALA C 528 46.87 61.40 -3.60
C ALA C 528 48.24 60.76 -3.45
N GLU C 529 49.27 61.46 -3.91
CA GLU C 529 50.66 61.01 -3.96
C GLU C 529 51.50 62.21 -4.35
N GLN C 530 52.83 62.07 -4.24
CA GLN C 530 53.71 63.19 -4.55
C GLN C 530 53.52 63.65 -5.99
N GLY C 531 53.32 64.96 -6.17
CA GLY C 531 53.09 65.51 -7.47
C GLY C 531 51.64 65.76 -7.82
N GLN C 532 50.70 65.30 -7.00
CA GLN C 532 49.28 65.41 -7.27
C GLN C 532 48.63 66.53 -6.46
N GLY C 533 47.63 67.17 -7.04
CA GLY C 533 46.93 68.27 -6.41
C GLY C 533 45.44 68.03 -6.30
N PRO C 534 44.70 69.05 -5.87
CA PRO C 534 43.26 68.88 -5.61
C PRO C 534 42.47 68.95 -6.91
N ALA C 535 41.16 68.79 -6.77
CA ALA C 535 40.28 68.70 -7.91
C ALA C 535 40.07 70.05 -8.57
N TYR C 536 39.71 70.02 -9.85
CA TYR C 536 39.35 71.22 -10.60
C TYR C 536 37.93 71.10 -11.13
N GLY C 537 37.17 72.17 -11.01
CA GLY C 537 35.80 72.14 -11.47
C GLY C 537 34.82 72.27 -10.34
N GLY C 538 33.83 71.38 -10.27
CA GLY C 538 32.79 71.51 -9.26
C GLY C 538 31.73 70.44 -9.39
N ALA C 539 30.86 70.40 -8.38
CA ALA C 539 29.78 69.43 -8.35
C ALA C 539 28.61 70.04 -7.61
N SER C 540 27.41 69.68 -8.03
CA SER C 540 26.18 70.05 -7.35
C SER C 540 25.70 68.87 -6.51
N PHE C 541 25.12 69.19 -5.35
CA PHE C 541 24.58 68.19 -4.44
C PHE C 541 23.17 68.61 -4.05
N THR C 542 22.20 67.76 -4.38
CA THR C 542 20.80 67.95 -4.04
C THR C 542 20.36 66.73 -3.23
N ASN C 543 19.94 66.97 -2.00
CA ASN C 543 19.35 65.91 -1.18
C ASN C 543 20.33 64.76 -1.02
N VAL C 544 21.58 65.12 -0.70
CA VAL C 544 22.64 64.19 -0.35
C VAL C 544 22.79 64.16 1.16
N LYS C 545 22.66 62.97 1.76
CA LYS C 545 22.73 62.81 3.21
C LYS C 545 23.94 61.96 3.59
N VAL C 546 24.79 62.49 4.44
CA VAL C 546 25.87 61.71 5.04
C VAL C 546 25.44 61.39 6.46
N ASN C 547 25.34 60.10 6.78
CA ASN C 547 24.83 59.65 8.07
C ASN C 547 25.89 58.88 8.83
N ASN C 548 26.11 59.30 10.09
CA ASN C 548 27.12 58.89 11.05
C ASN C 548 28.46 58.59 10.41
N PRO C 549 29.10 59.61 9.84
CA PRO C 549 30.45 59.42 9.29
C PRO C 549 31.47 59.09 10.38
N GLY C 550 32.50 58.36 9.97
CA GLY C 550 33.55 58.02 10.91
C GLY C 550 34.25 59.24 11.48
N ILE C 551 34.66 60.17 10.61
CA ILE C 551 35.38 61.37 11.01
C ILE C 551 34.54 62.63 10.81
N SER C 552 34.09 62.87 9.60
CA SER C 552 33.25 64.02 9.30
C SER C 552 32.55 63.77 7.97
N ALA C 553 31.60 64.65 7.67
CA ALA C 553 30.80 64.52 6.44
C ALA C 553 31.67 64.67 5.21
N ILE C 554 32.46 65.75 5.14
CA ILE C 554 33.18 66.09 3.93
C ILE C 554 34.61 66.49 4.30
N TYR C 555 35.56 65.95 3.55
CA TYR C 555 36.97 66.28 3.71
C TYR C 555 37.49 66.98 2.46
N GLY C 556 38.35 67.98 2.65
CA GLY C 556 39.13 68.54 1.57
C GLY C 556 38.54 69.77 0.92
N GLU C 557 37.34 70.19 1.32
CA GLU C 557 36.70 71.34 0.66
C GLU C 557 37.55 72.60 0.76
N ALA C 558 38.11 72.87 1.95
CA ALA C 558 38.86 74.10 2.13
C ALA C 558 40.22 74.05 1.44
N GLN C 559 40.78 72.87 1.23
CA GLN C 559 42.09 72.74 0.61
C GLN C 559 42.02 72.57 -0.91
N SER C 560 40.81 72.64 -1.49
CA SER C 560 40.61 72.60 -2.94
C SER C 560 40.03 73.93 -3.39
N PRO C 561 40.87 74.96 -3.53
CA PRO C 561 40.33 76.27 -3.95
C PRO C 561 39.84 76.29 -5.38
N ASN C 562 40.15 75.28 -6.20
CA ASN C 562 39.68 75.23 -7.58
C ASN C 562 38.41 74.40 -7.76
N PHE C 563 37.85 73.86 -6.69
CA PHE C 563 36.68 73.01 -6.76
C PHE C 563 35.55 73.65 -5.97
N THR C 564 34.39 73.80 -6.58
CA THR C 564 33.23 74.42 -5.95
C THR C 564 32.18 73.36 -5.61
N VAL C 565 31.94 73.16 -4.33
CA VAL C 565 30.85 72.32 -3.86
C VAL C 565 29.59 73.17 -3.78
N THR C 566 28.60 72.85 -4.59
CA THR C 566 27.34 73.58 -4.63
C THR C 566 26.29 72.75 -3.90
N ARG C 567 25.98 73.14 -2.67
CA ARG C 567 24.88 72.52 -1.93
C ARG C 567 23.59 73.15 -2.41
N VAL C 568 22.91 72.48 -3.34
CA VAL C 568 21.69 73.03 -3.92
C VAL C 568 20.59 73.09 -2.85
N SER C 569 20.30 71.96 -2.23
CA SER C 569 19.32 71.86 -1.16
C SER C 569 19.36 70.45 -0.60
N GLY C 570 18.94 70.33 0.66
CA GLY C 570 18.64 69.02 1.21
C GLY C 570 19.85 68.24 1.63
N ASN C 571 20.97 68.92 1.85
CA ASN C 571 22.19 68.29 2.33
C ASN C 571 22.34 68.57 3.81
N ASN C 572 22.69 67.54 4.59
CA ASN C 572 22.91 67.69 6.02
C ASN C 572 24.38 67.88 6.35
N TRP C 573 25.12 68.56 5.49
CA TRP C 573 26.56 68.80 5.64
C TRP C 573 26.89 70.06 4.85
N GLY D 12 -14.00 -55.70 40.35
CA GLY D 12 -13.71 -54.28 40.46
C GLY D 12 -14.85 -53.30 40.21
N ARG D 13 -14.67 -52.09 40.73
CA ARG D 13 -15.61 -51.00 40.52
C ARG D 13 -15.25 -50.19 39.28
N GLY D 14 -16.20 -49.37 38.84
CA GLY D 14 -15.96 -48.45 37.76
C GLY D 14 -16.47 -48.95 36.41
N ALA D 15 -15.85 -48.43 35.36
CA ALA D 15 -16.28 -48.73 34.01
C ALA D 15 -15.76 -50.11 33.61
N ASN D 16 -16.60 -50.88 32.94
CA ASN D 16 -16.14 -52.12 32.31
C ASN D 16 -15.74 -51.81 30.87
N MET D 17 -14.34 -51.50 30.67
CA MET D 17 -13.73 -51.14 29.39
C MET D 17 -13.07 -52.36 28.73
N PRO D 18 -13.00 -52.38 27.40
CA PRO D 18 -12.32 -53.50 26.73
C PRO D 18 -10.81 -53.51 26.91
N PHE D 19 -10.20 -52.39 27.27
CA PHE D 19 -8.76 -52.39 27.44
C PHE D 19 -8.37 -52.81 28.85
N THR D 20 -7.11 -53.17 28.99
CA THR D 20 -6.50 -53.54 30.26
C THR D 20 -5.39 -52.53 30.57
N ILE D 21 -5.41 -51.97 31.77
CA ILE D 21 -4.36 -51.06 32.20
C ILE D 21 -3.35 -51.86 33.01
N MET D 22 -2.09 -51.80 32.58
CA MET D 22 -0.97 -52.43 33.28
C MET D 22 0.00 -51.33 33.70
N GLU D 23 0.28 -51.26 35.00
CA GLU D 23 1.25 -50.31 35.52
C GLU D 23 2.65 -50.83 35.22
N ALA D 24 3.52 -49.96 34.72
CA ALA D 24 4.86 -50.40 34.37
C ALA D 24 5.61 -50.88 35.60
N GLU D 25 5.34 -50.30 36.76
CA GLU D 25 6.09 -50.57 37.97
C GLU D 25 5.67 -51.87 38.66
N SER D 26 4.68 -52.59 38.10
CA SER D 26 4.09 -53.75 38.76
C SER D 26 5.10 -54.85 39.01
N THR D 27 4.85 -55.61 40.09
CA THR D 27 5.65 -56.78 40.45
C THR D 27 5.79 -57.75 39.29
N SER D 28 4.73 -57.90 38.50
CA SER D 28 4.72 -58.88 37.43
C SER D 28 5.65 -58.54 36.28
N ASN D 29 6.15 -57.30 36.23
CA ASN D 29 6.92 -56.83 35.07
C ASN D 29 8.41 -56.82 35.38
N ALA D 30 9.21 -57.15 34.38
CA ALA D 30 10.65 -57.11 34.49
C ALA D 30 11.18 -55.84 33.82
N THR D 31 12.26 -55.32 34.38
CA THR D 31 12.81 -54.06 33.89
C THR D 31 14.28 -54.04 34.26
N ASN D 32 15.04 -53.27 33.49
CA ASN D 32 16.38 -52.88 33.90
C ASN D 32 16.49 -51.37 34.01
N GLY D 33 15.35 -50.70 34.14
CA GLY D 33 15.30 -49.28 34.41
C GLY D 33 14.95 -49.05 35.87
N THR D 34 14.52 -47.82 36.17
CA THR D 34 14.36 -47.37 37.55
C THR D 34 12.88 -47.14 37.89
N LYS D 35 12.39 -47.88 38.88
CA LYS D 35 11.09 -47.54 39.47
C LYS D 35 11.26 -46.36 40.44
N LEU D 36 10.47 -45.29 40.23
CA LEU D 36 10.41 -44.21 41.21
C LEU D 36 9.68 -44.67 42.47
N THR D 37 10.22 -44.30 43.62
CA THR D 37 9.47 -44.58 44.84
C THR D 37 8.32 -43.57 44.95
N PRO D 38 7.15 -44.01 45.36
CA PRO D 38 5.95 -43.16 45.26
C PRO D 38 5.96 -41.93 46.17
N ASN D 39 5.32 -40.87 45.67
CA ASN D 39 5.04 -39.66 46.44
C ASN D 39 3.77 -39.05 45.84
N PHE D 40 3.21 -38.08 46.55
CA PHE D 40 1.98 -37.40 46.16
C PHE D 40 2.23 -36.00 45.60
N LYS D 41 3.36 -35.80 44.91
CA LYS D 41 3.83 -34.45 44.61
C LYS D 41 3.36 -34.04 43.23
N PRO D 42 2.58 -32.97 43.09
CA PRO D 42 2.35 -32.38 41.77
C PRO D 42 3.66 -31.88 41.17
N GLY D 43 3.70 -31.83 39.84
CA GLY D 43 4.89 -31.38 39.14
C GLY D 43 6.08 -32.29 39.28
N ASP D 44 5.87 -33.57 39.58
CA ASP D 44 6.92 -34.50 39.91
C ASP D 44 6.62 -35.81 39.21
N TYR D 45 7.67 -36.41 38.63
CA TYR D 45 7.45 -37.54 37.73
C TYR D 45 6.88 -38.77 38.45
N ALA D 46 6.98 -38.85 39.77
CA ALA D 46 6.32 -39.92 40.49
C ALA D 46 4.92 -39.49 40.97
N GLY D 47 4.78 -38.27 41.48
CA GLY D 47 3.51 -37.86 42.01
C GLY D 47 2.40 -37.74 40.98
N GLU D 48 2.75 -37.55 39.70
CA GLU D 48 1.78 -37.41 38.62
C GLU D 48 1.52 -38.71 37.88
N ALA D 49 2.24 -39.77 38.21
CA ALA D 49 2.06 -41.06 37.54
C ALA D 49 0.86 -41.81 38.13
N SER D 50 0.34 -42.74 37.34
CA SER D 50 -0.71 -43.65 37.82
C SER D 50 -0.12 -44.63 38.83
N GLY D 51 -0.78 -44.80 39.96
CA GLY D 51 -0.11 -45.49 41.04
C GLY D 51 1.03 -44.71 41.66
N ARG D 52 1.16 -43.43 41.34
CA ARG D 52 2.20 -42.57 41.87
C ARG D 52 3.60 -43.09 41.56
N SER D 53 3.74 -43.95 40.55
CA SER D 53 5.06 -44.47 40.21
C SER D 53 5.13 -44.77 38.72
N SER D 54 6.35 -44.88 38.21
CA SER D 54 6.62 -45.27 36.84
C SER D 54 8.07 -45.73 36.76
N VAL D 55 8.44 -46.30 35.63
CA VAL D 55 9.79 -46.82 35.40
C VAL D 55 10.53 -45.90 34.43
N TYR D 56 11.71 -45.44 34.84
CA TYR D 56 12.54 -44.52 34.08
C TYR D 56 13.45 -45.31 33.14
N LEU D 57 13.26 -45.13 31.83
CA LEU D 57 14.11 -45.73 30.81
C LEU D 57 15.08 -44.67 30.32
N ASP D 58 16.37 -44.97 30.40
CA ASP D 58 17.36 -43.93 30.57
C ASP D 58 18.53 -44.08 29.61
N ALA D 59 18.83 -45.31 29.24
CA ALA D 59 19.97 -45.63 28.39
C ALA D 59 19.50 -46.61 27.34
N THR D 60 20.27 -46.71 26.25
CA THR D 60 19.93 -47.67 25.21
C THR D 60 19.89 -49.08 25.77
N GLY D 61 18.87 -49.86 25.35
CA GLY D 61 18.67 -51.21 25.79
C GLY D 61 17.78 -51.36 27.00
N GLU D 62 17.41 -50.27 27.66
CA GLU D 62 16.58 -50.37 28.85
C GLU D 62 15.13 -50.54 28.44
N TYR D 63 14.40 -51.29 29.27
CA TYR D 63 13.10 -51.79 28.87
C TYR D 63 12.22 -51.98 30.09
N VAL D 64 10.91 -51.94 29.86
CA VAL D 64 9.95 -52.57 30.74
C VAL D 64 9.25 -53.68 29.94
N GLU D 65 9.15 -54.85 30.52
CA GLU D 65 8.59 -56.05 29.90
C GLU D 65 7.23 -56.35 30.54
N PHE D 66 6.17 -56.22 29.75
CA PHE D 66 4.81 -56.53 30.17
C PHE D 66 4.43 -57.93 29.71
N THR D 67 3.43 -58.52 30.37
CA THR D 67 2.90 -59.82 30.00
C THR D 67 1.40 -59.67 29.78
N LEU D 68 0.95 -59.99 28.57
CA LEU D 68 -0.45 -59.81 28.23
C LEU D 68 -1.32 -60.77 29.04
N THR D 69 -2.33 -60.22 29.73
CA THR D 69 -3.32 -61.05 30.42
C THR D 69 -4.58 -61.29 29.61
N SER D 70 -4.75 -60.62 28.47
CA SER D 70 -5.74 -60.95 27.46
C SER D 70 -5.11 -60.64 26.12
N PRO D 71 -5.68 -61.14 25.02
CA PRO D 71 -5.08 -60.85 23.71
C PRO D 71 -5.21 -59.36 23.38
N ALA D 72 -4.24 -58.86 22.60
CA ALA D 72 -4.15 -57.44 22.34
C ALA D 72 -3.52 -57.21 20.98
N ASN D 73 -4.06 -56.25 20.25
CA ASN D 73 -3.47 -55.82 18.98
C ASN D 73 -3.25 -54.31 18.97
N ALA D 74 -3.52 -53.64 20.09
CA ALA D 74 -3.47 -52.19 20.16
C ALA D 74 -3.01 -51.80 21.56
N PHE D 75 -2.20 -50.74 21.63
CA PHE D 75 -1.53 -50.36 22.87
C PHE D 75 -1.56 -48.86 23.04
N VAL D 76 -1.70 -48.41 24.28
CA VAL D 76 -1.62 -47.01 24.63
C VAL D 76 -0.59 -46.88 25.73
N LEU D 77 0.39 -45.99 25.52
CA LEU D 77 1.56 -45.84 26.39
C LEU D 77 1.48 -44.49 27.09
N ARG D 78 1.11 -44.49 28.37
CA ARG D 78 1.21 -43.28 29.16
C ARG D 78 2.65 -43.11 29.58
N ASN D 79 3.19 -41.93 29.30
CA ASN D 79 4.63 -41.72 29.37
C ASN D 79 4.91 -40.24 29.56
N ALA D 80 6.12 -39.93 30.01
CA ALA D 80 6.60 -38.56 30.07
C ALA D 80 7.95 -38.48 29.39
N VAL D 81 8.12 -37.53 28.48
CA VAL D 81 9.41 -37.27 27.85
C VAL D 81 9.74 -35.80 28.10
N ALA D 82 10.92 -35.36 27.63
CA ALA D 82 11.36 -33.99 27.87
C ALA D 82 10.46 -32.97 27.21
N GLU D 83 10.31 -31.81 27.85
CA GLU D 83 9.52 -30.73 27.29
C GLU D 83 9.98 -30.40 25.88
N ASN D 84 9.02 -30.06 25.02
CA ASN D 84 9.34 -29.57 23.68
C ASN D 84 10.15 -30.62 22.90
N THR D 85 9.61 -31.84 22.83
CA THR D 85 10.35 -32.99 22.30
C THR D 85 9.40 -33.94 21.61
N THR D 86 9.82 -34.43 20.45
CA THR D 86 9.20 -35.56 19.78
C THR D 86 10.24 -36.63 19.51
N GLY D 87 9.78 -37.87 19.41
CA GLY D 87 10.68 -38.97 19.16
C GLY D 87 9.95 -40.29 19.26
N THR D 88 10.72 -41.36 19.40
CA THR D 88 10.18 -42.71 19.39
C THR D 88 10.57 -43.45 20.66
N VAL D 89 9.90 -44.58 20.85
CA VAL D 89 10.31 -45.63 21.78
C VAL D 89 9.80 -46.94 21.18
N SER D 90 10.62 -47.99 21.25
CA SER D 90 10.34 -49.25 20.56
C SER D 90 9.40 -50.15 21.36
N ILE D 91 8.67 -51.00 20.63
CA ILE D 91 7.88 -52.09 21.20
C ILE D 91 8.32 -53.40 20.59
N TYR D 92 8.37 -54.44 21.41
CA TYR D 92 8.71 -55.81 21.00
C TYR D 92 7.62 -56.74 21.47
N ALA D 93 7.36 -57.77 20.67
CA ALA D 93 6.49 -58.88 21.04
C ALA D 93 7.34 -60.14 21.08
N ASP D 94 7.49 -60.71 22.27
CA ASP D 94 8.32 -61.89 22.49
C ASP D 94 9.72 -61.74 21.90
N GLY D 95 10.40 -60.67 22.33
CA GLY D 95 11.78 -60.45 21.97
C GLY D 95 12.04 -59.93 20.57
N VAL D 96 11.01 -59.77 19.74
CA VAL D 96 11.19 -59.36 18.35
C VAL D 96 10.66 -57.94 18.18
N SER D 97 11.48 -57.08 17.58
CA SER D 97 11.06 -55.72 17.26
C SER D 97 9.74 -55.73 16.52
N LYS D 98 8.79 -54.90 16.95
CA LYS D 98 7.50 -54.88 16.27
C LYS D 98 7.03 -53.51 15.84
N GLY D 99 7.64 -52.42 16.28
CA GLY D 99 7.16 -51.10 15.95
C GLY D 99 7.78 -50.05 16.86
N LYS D 100 7.35 -48.81 16.64
CA LYS D 100 7.80 -47.65 17.41
C LYS D 100 6.61 -46.81 17.84
N PHE D 101 6.47 -46.60 19.14
CA PHE D 101 5.51 -45.61 19.60
C PHE D 101 5.96 -44.23 19.17
N ASN D 102 4.99 -43.40 18.86
CA ASN D 102 5.21 -42.00 18.52
C ASN D 102 4.91 -41.18 19.77
N VAL D 103 5.96 -40.70 20.41
CA VAL D 103 5.82 -40.02 21.69
C VAL D 103 6.17 -38.55 21.50
N SER D 104 5.53 -37.70 22.29
CA SER D 104 5.61 -36.26 22.08
C SER D 104 5.21 -35.58 23.37
N SER D 105 5.85 -34.45 23.66
CA SER D 105 5.45 -33.64 24.80
C SER D 105 4.54 -32.49 24.37
N LYS D 106 4.00 -32.56 23.15
CA LYS D 106 3.22 -31.47 22.56
C LYS D 106 2.09 -31.01 23.45
N PHE D 107 1.31 -31.94 24.01
CA PHE D 107 0.14 -31.62 24.83
C PHE D 107 0.44 -31.58 26.32
N SER D 108 1.67 -31.86 26.74
CA SER D 108 2.02 -31.93 28.14
C SER D 108 2.76 -30.66 28.54
N TYR D 109 3.08 -30.57 29.84
CA TYR D 109 3.83 -29.48 30.44
C TYR D 109 3.03 -28.17 30.46
N LEU D 110 2.30 -27.98 31.55
CA LEU D 110 1.57 -26.75 31.82
C LEU D 110 2.23 -26.09 33.03
N TYR D 111 2.48 -24.79 32.94
CA TYR D 111 3.36 -24.09 33.86
C TYR D 111 2.56 -23.28 34.86
N ALA D 112 2.93 -23.39 36.13
CA ALA D 112 2.35 -22.55 37.19
C ALA D 112 3.38 -22.37 38.30
N THR D 113 2.93 -21.84 39.43
CA THR D 113 3.77 -21.68 40.59
C THR D 113 3.06 -22.28 41.78
N PRO D 114 3.79 -22.73 42.80
CA PRO D 114 3.14 -23.35 43.96
C PRO D 114 2.11 -22.47 44.62
N SER D 115 2.16 -21.14 44.44
CA SER D 115 1.17 -20.26 45.04
C SER D 115 0.11 -19.78 44.06
N THR D 116 0.27 -20.09 42.77
CA THR D 116 -0.70 -19.77 41.74
C THR D 116 -1.28 -21.03 41.11
N LEU D 117 -1.48 -22.09 41.90
CA LEU D 117 -2.04 -23.33 41.36
C LEU D 117 -3.38 -23.14 40.66
N GLY D 118 -4.13 -22.07 41.00
CA GLY D 118 -5.38 -21.75 40.33
C GLY D 118 -5.25 -21.62 38.81
N ARG D 119 -4.01 -21.52 38.34
CA ARG D 119 -3.72 -21.41 36.92
C ARG D 119 -3.49 -22.75 36.22
N LEU D 120 -3.53 -23.86 36.96
CA LEU D 120 -3.23 -25.18 36.39
C LEU D 120 -3.99 -25.43 35.10
N GLY D 121 -3.24 -25.68 34.03
CA GLY D 121 -3.84 -25.93 32.73
C GLY D 121 -4.06 -24.72 31.87
N TYR D 122 -3.79 -23.52 32.36
CA TYR D 122 -4.03 -22.31 31.58
C TYR D 122 -2.82 -21.83 30.79
N ASP D 123 -1.60 -22.10 31.24
CA ASP D 123 -0.40 -21.49 30.69
C ASP D 123 0.56 -22.57 30.21
N ASN D 124 0.78 -22.63 28.90
CA ASN D 124 1.61 -23.68 28.34
C ASN D 124 2.98 -23.17 27.90
N ALA D 125 3.33 -21.91 28.22
CA ALA D 125 4.64 -21.36 27.89
C ALA D 125 5.58 -21.42 29.09
N PRO D 126 6.77 -22.00 28.95
CA PRO D 126 7.71 -21.99 30.07
C PRO D 126 8.21 -20.59 30.37
N GLY D 127 8.48 -20.36 31.65
CA GLY D 127 8.94 -19.03 32.03
C GLY D 127 9.76 -19.07 33.28
N ALA D 128 10.45 -17.96 33.51
CA ALA D 128 11.25 -17.80 34.71
C ALA D 128 10.35 -17.80 35.93
N GLY D 129 10.66 -18.69 36.88
CA GLY D 129 9.88 -18.81 38.09
C GLY D 129 8.82 -19.88 38.05
N LEU D 130 8.59 -20.48 36.89
CA LEU D 130 7.47 -21.37 36.69
C LEU D 130 7.88 -22.82 36.88
N THR D 131 7.05 -23.57 37.60
CA THR D 131 7.17 -25.02 37.66
C THR D 131 6.35 -25.64 36.55
N ALA D 132 6.87 -26.73 35.98
CA ALA D 132 6.10 -27.52 35.04
C ALA D 132 5.19 -28.49 35.79
N TYR D 133 3.95 -28.63 35.30
CA TYR D 133 3.00 -29.61 35.76
C TYR D 133 2.37 -30.29 34.55
N TRP D 134 1.64 -31.38 34.82
CA TRP D 134 0.99 -32.18 33.79
C TRP D 134 2.04 -32.77 32.84
N LEU D 135 2.86 -33.64 33.41
CA LEU D 135 4.07 -34.11 32.74
C LEU D 135 3.86 -35.33 31.86
N TYR D 136 2.72 -36.01 31.95
CA TYR D 136 2.50 -37.25 31.21
C TYR D 136 1.50 -37.06 30.08
N GLU D 137 1.70 -37.86 29.03
CA GLU D 137 0.84 -37.87 27.85
C GLU D 137 0.82 -39.29 27.30
N ASP D 138 0.07 -39.49 26.23
CA ASP D 138 -0.20 -40.83 25.72
C ASP D 138 0.30 -40.97 24.28
N ALA D 139 0.73 -42.18 23.95
CA ALA D 139 0.95 -42.56 22.58
C ALA D 139 0.12 -43.79 22.29
N GLN D 140 -0.41 -43.87 21.07
CA GLN D 140 -1.33 -44.91 20.65
C GLN D 140 -0.65 -45.71 19.55
N LEU D 141 -0.70 -47.04 19.64
CA LEU D 141 -0.07 -47.90 18.63
C LEU D 141 -0.92 -49.14 18.38
N MET D 142 -1.20 -49.43 17.11
CA MET D 142 -1.86 -50.66 16.70
C MET D 142 -0.87 -51.53 15.92
N LEU D 143 -0.81 -52.82 16.27
CA LEU D 143 0.06 -53.78 15.59
C LEU D 143 -0.76 -54.70 14.69
N ASP D 144 -0.09 -55.23 13.66
CA ASP D 144 -0.73 -55.99 12.58
C ASP D 144 -1.00 -57.46 12.95
N GLN D 145 -1.15 -57.77 14.23
CA GLN D 145 -1.28 -59.15 14.66
C GLN D 145 -1.92 -59.11 16.03
N VAL D 146 -2.74 -60.13 16.34
CA VAL D 146 -3.39 -60.20 17.64
C VAL D 146 -2.58 -61.15 18.49
N TYR D 147 -1.81 -60.58 19.40
CA TYR D 147 -0.97 -61.36 20.30
C TYR D 147 -1.84 -61.99 21.39
N PRO D 148 -1.63 -63.27 21.68
CA PRO D 148 -2.39 -63.91 22.75
C PRO D 148 -1.88 -63.51 24.13
N ALA D 149 -2.77 -63.65 25.12
CA ALA D 149 -2.36 -63.53 26.51
C ALA D 149 -1.13 -64.40 26.76
N GLY D 150 -0.25 -63.95 27.65
CA GLY D 150 1.03 -64.58 27.83
C GLY D 150 2.14 -64.07 26.90
N THR D 151 1.79 -63.31 25.87
CA THR D 151 2.79 -62.64 25.05
C THR D 151 3.53 -61.57 25.86
N LYS D 152 4.84 -61.63 25.86
CA LYS D 152 5.64 -60.61 26.52
C LYS D 152 5.73 -59.40 25.61
N ILE D 153 5.23 -58.25 26.09
CA ILE D 153 5.29 -56.99 25.35
C ILE D 153 6.32 -56.09 26.02
N LYS D 154 7.34 -55.67 25.26
CA LYS D 154 8.45 -54.90 25.78
C LYS D 154 8.50 -53.50 25.18
N ILE D 155 8.34 -52.48 26.03
CA ILE D 155 8.64 -51.10 25.65
C ILE D 155 10.11 -50.83 25.98
N GLN D 156 10.88 -50.43 24.97
CA GLN D 156 12.33 -50.42 25.12
C GLN D 156 12.94 -49.27 24.32
N LYS D 157 13.97 -48.66 24.91
CA LYS D 157 14.78 -47.61 24.27
C LYS D 157 15.85 -48.23 23.40
N ASP D 158 15.63 -48.25 22.10
CA ASP D 158 16.67 -48.59 21.14
C ASP D 158 17.37 -47.33 20.66
N ALA D 159 18.49 -47.52 19.96
CA ALA D 159 19.18 -46.42 19.31
C ALA D 159 18.21 -45.62 18.45
N GLY D 160 18.27 -44.30 18.58
CA GLY D 160 17.36 -43.42 17.87
C GLY D 160 16.03 -43.13 18.56
N ASP D 161 15.71 -43.82 19.67
CA ASP D 161 14.51 -43.45 20.41
C ASP D 161 14.81 -42.19 21.24
N VAL D 162 13.79 -41.69 21.93
CA VAL D 162 13.98 -40.51 22.76
C VAL D 162 15.09 -40.77 23.78
N SER D 163 15.70 -39.67 24.25
CA SER D 163 16.84 -39.79 25.14
C SER D 163 16.45 -40.45 26.45
N TRP D 164 15.35 -40.00 27.06
CA TRP D 164 14.80 -40.69 28.20
C TRP D 164 13.29 -40.67 28.10
N ILE D 165 12.66 -41.52 28.90
CA ILE D 165 11.22 -41.68 28.91
C ILE D 165 10.81 -42.30 30.24
N TYR D 166 9.82 -41.69 30.90
CA TYR D 166 9.21 -42.32 32.05
C TYR D 166 8.02 -43.12 31.56
N VAL D 167 8.03 -44.43 31.78
CA VAL D 167 6.93 -45.31 31.40
C VAL D 167 6.03 -45.53 32.60
N ASP D 168 4.77 -45.09 32.50
CA ASP D 168 3.80 -45.10 33.59
C ASP D 168 2.90 -46.32 33.57
N LEU D 169 2.13 -46.49 32.48
CA LEU D 169 1.24 -47.63 32.33
C LEU D 169 1.15 -48.00 30.86
N LEU D 170 0.75 -49.23 30.61
CA LEU D 170 0.50 -49.71 29.26
C LEU D 170 -0.95 -50.17 29.20
N GLU D 171 -1.73 -49.56 28.32
CA GLU D 171 -3.11 -49.95 28.07
C GLU D 171 -3.11 -50.91 26.88
N THR D 172 -3.75 -52.06 27.04
CA THR D 172 -3.74 -53.10 26.03
C THR D 172 -5.18 -53.40 25.65
N GLU D 173 -5.41 -53.70 24.37
CA GLU D 173 -6.77 -53.94 23.91
C GLU D 173 -6.76 -54.81 22.66
N ASN D 174 -7.69 -55.74 22.60
CA ASN D 174 -7.94 -56.52 21.40
C ASN D 174 -9.06 -55.86 20.60
N VAL D 175 -8.68 -55.06 19.63
CA VAL D 175 -9.63 -54.22 18.90
C VAL D 175 -10.22 -55.03 17.76
N ALA D 176 -11.55 -55.00 17.67
CA ALA D 176 -12.26 -55.64 16.59
C ALA D 176 -11.90 -54.99 15.25
N PRO D 177 -12.14 -55.69 14.15
CA PRO D 177 -12.03 -55.05 12.80
C PRO D 177 -12.93 -53.84 12.67
N PRO D 178 -12.59 -52.91 11.77
CA PRO D 178 -13.49 -51.77 11.51
C PRO D 178 -14.90 -52.24 11.14
N GLN D 179 -15.90 -51.52 11.64
CA GLN D 179 -17.28 -51.85 11.30
C GLN D 179 -17.71 -51.04 10.09
N ALA D 180 -18.35 -51.69 9.13
CA ALA D 180 -18.65 -51.00 7.89
C ALA D 180 -19.91 -50.13 8.01
N ASN D 181 -20.17 -49.40 6.94
CA ASN D 181 -21.40 -48.64 6.79
C ASN D 181 -22.59 -49.56 7.07
N PRO D 182 -23.39 -49.29 8.12
CA PRO D 182 -24.50 -50.20 8.43
C PRO D 182 -25.49 -50.41 7.30
N ASP D 183 -25.67 -49.41 6.43
CA ASP D 183 -26.55 -49.53 5.29
C ASP D 183 -26.33 -48.30 4.40
N PRO D 184 -25.75 -48.48 3.21
CA PRO D 184 -25.40 -47.30 2.38
C PRO D 184 -26.59 -46.60 1.76
N THR D 185 -27.74 -47.27 1.62
CA THR D 185 -28.96 -46.57 1.23
C THR D 185 -29.50 -45.68 2.33
N LYS D 186 -29.01 -45.83 3.56
CA LYS D 186 -29.52 -45.06 4.68
C LYS D 186 -28.48 -44.17 5.37
N TYR D 187 -27.19 -44.45 5.23
CA TYR D 187 -26.16 -43.62 5.85
C TYR D 187 -25.25 -43.08 4.76
N VAL D 188 -25.22 -41.75 4.63
CA VAL D 188 -24.37 -41.12 3.63
C VAL D 188 -22.92 -41.23 4.07
N ALA D 189 -22.07 -41.75 3.20
CA ALA D 189 -20.69 -42.02 3.56
C ALA D 189 -19.81 -40.81 3.30
N VAL D 190 -18.98 -40.49 4.28
CA VAL D 190 -17.85 -39.61 4.01
C VAL D 190 -16.86 -40.33 3.11
N SER D 191 -16.10 -39.56 2.33
CA SER D 191 -15.14 -40.12 1.41
C SER D 191 -14.03 -39.10 1.19
N ALA D 192 -12.98 -39.54 0.50
CA ALA D 192 -11.93 -38.61 0.09
C ALA D 192 -12.49 -37.43 -0.70
N SER D 193 -13.65 -37.59 -1.35
CA SER D 193 -14.27 -36.55 -2.16
C SER D 193 -15.42 -35.85 -1.45
N LYS D 194 -15.98 -36.45 -0.40
CA LYS D 194 -17.17 -35.90 0.24
C LYS D 194 -16.90 -35.70 1.73
N SER D 195 -17.09 -34.48 2.18
CA SER D 195 -16.79 -34.06 3.54
C SER D 195 -17.92 -34.41 4.49
N ILE D 196 -17.61 -34.27 5.78
CA ILE D 196 -18.61 -34.44 6.82
C ILE D 196 -19.78 -33.51 6.59
N ASP D 197 -19.50 -32.25 6.27
CA ASP D 197 -20.55 -31.27 6.04
C ASP D 197 -21.32 -31.60 4.79
N GLN D 198 -20.62 -32.04 3.75
CA GLN D 198 -21.32 -32.41 2.53
C GLN D 198 -22.25 -33.60 2.78
N ALA D 199 -21.81 -34.56 3.60
CA ALA D 199 -22.63 -35.73 3.85
C ALA D 199 -23.86 -35.36 4.69
N LEU D 200 -23.66 -34.51 5.70
CA LEU D 200 -24.79 -34.06 6.51
C LEU D 200 -25.77 -33.25 5.67
N THR D 201 -25.25 -32.42 4.75
CA THR D 201 -26.13 -31.69 3.84
C THR D 201 -26.94 -32.67 3.00
N GLU D 202 -26.28 -33.71 2.48
CA GLU D 202 -26.97 -34.73 1.68
C GLU D 202 -27.96 -35.53 2.53
N PHE D 203 -27.61 -35.78 3.80
CA PHE D 203 -28.53 -36.50 4.67
C PHE D 203 -29.79 -35.69 4.96
N ARG D 204 -29.62 -34.41 5.28
CA ARG D 204 -30.79 -33.61 5.64
C ARG D 204 -31.78 -33.57 4.49
N GLN D 205 -31.28 -33.47 3.26
CA GLN D 205 -32.15 -33.26 2.10
C GLN D 205 -32.81 -34.53 1.59
N ASP D 206 -32.48 -35.69 2.13
CA ASP D 206 -33.00 -36.98 1.67
C ASP D 206 -33.63 -37.70 2.85
N ASN D 207 -34.96 -37.59 2.99
CA ASN D 207 -35.67 -38.11 4.17
C ASN D 207 -35.56 -39.62 4.35
N THR D 208 -35.08 -40.36 3.35
CA THR D 208 -34.83 -41.78 3.58
C THR D 208 -33.57 -42.02 4.41
N LYS D 209 -32.71 -41.01 4.53
CA LYS D 209 -31.43 -41.19 5.20
C LYS D 209 -31.58 -41.05 6.71
N LYS D 210 -30.96 -41.97 7.44
CA LYS D 210 -30.92 -41.88 8.89
C LYS D 210 -29.73 -41.11 9.41
N GLY D 211 -28.70 -40.92 8.58
CA GLY D 211 -27.54 -40.17 9.03
C GLY D 211 -26.36 -40.32 8.10
N ILE D 212 -25.17 -40.25 8.69
CA ILE D 212 -23.93 -40.31 7.93
C ILE D 212 -23.03 -41.36 8.56
N TYR D 213 -22.15 -41.92 7.72
CA TYR D 213 -21.14 -42.87 8.14
C TYR D 213 -19.79 -42.27 7.80
N ILE D 214 -18.89 -42.23 8.80
CA ILE D 214 -17.53 -41.76 8.61
C ILE D 214 -16.62 -42.98 8.64
N PRO D 215 -16.09 -43.42 7.49
CA PRO D 215 -15.27 -44.64 7.47
C PRO D 215 -13.99 -44.51 8.27
N ALA D 216 -13.16 -45.56 8.24
CA ALA D 216 -11.86 -45.49 8.88
C ALA D 216 -10.95 -44.49 8.17
N GLY D 217 -10.18 -43.76 8.95
CA GLY D 217 -9.24 -42.82 8.38
C GLY D 217 -9.08 -41.61 9.26
N GLU D 218 -8.49 -40.58 8.68
CA GLU D 218 -8.22 -39.33 9.37
C GLU D 218 -8.97 -38.22 8.65
N TRP D 219 -9.89 -37.59 9.37
CA TRP D 219 -10.84 -36.69 8.76
C TRP D 219 -10.79 -35.37 9.51
N THR D 220 -10.66 -34.29 8.75
CA THR D 220 -10.44 -32.98 9.33
C THR D 220 -11.74 -32.39 9.88
N ILE D 221 -11.68 -31.93 11.11
CA ILE D 221 -12.73 -31.12 11.71
C ILE D 221 -12.08 -29.79 12.06
N ASN D 222 -12.22 -28.80 11.17
CA ASN D 222 -11.80 -27.43 11.45
C ASN D 222 -12.98 -26.52 11.75
N SER D 223 -14.11 -27.08 12.16
CA SER D 223 -15.33 -26.33 12.40
C SER D 223 -16.14 -27.00 13.49
N LYS D 224 -17.04 -26.22 14.09
CA LYS D 224 -18.15 -26.78 14.85
C LYS D 224 -19.23 -27.25 13.88
N ILE D 225 -19.50 -28.55 13.89
CA ILE D 225 -20.48 -29.13 12.98
C ILE D 225 -21.85 -29.08 13.64
N PHE D 226 -22.77 -28.32 13.03
CA PHE D 226 -24.08 -28.09 13.60
C PHE D 226 -25.03 -29.17 13.13
N LEU D 227 -25.76 -29.73 14.08
CA LEU D 227 -26.76 -30.75 13.81
C LEU D 227 -28.14 -30.12 13.99
N TYR D 228 -28.95 -30.20 12.93
CA TYR D 228 -30.26 -29.58 12.90
C TYR D 228 -31.14 -30.34 11.91
N GLY D 229 -32.36 -29.86 11.74
CA GLY D 229 -33.28 -30.52 10.82
C GLY D 229 -34.07 -31.61 11.49
N ARG D 230 -33.43 -32.74 11.79
CA ARG D 230 -34.07 -33.86 12.48
C ARG D 230 -33.00 -34.67 13.22
N ALA D 231 -33.45 -35.67 13.97
CA ALA D 231 -32.54 -36.60 14.64
C ALA D 231 -31.54 -37.20 13.65
N THR D 232 -30.26 -37.16 14.02
CA THR D 232 -29.15 -37.44 13.13
C THR D 232 -28.28 -38.56 13.72
N GLU D 233 -27.89 -39.52 12.88
CA GLU D 233 -27.02 -40.61 13.29
C GLU D 233 -25.64 -40.41 12.65
N ILE D 234 -24.65 -40.14 13.50
CA ILE D 234 -23.26 -40.05 13.10
C ILE D 234 -22.63 -41.36 13.51
N VAL D 235 -22.25 -42.21 12.56
CA VAL D 235 -21.69 -43.53 12.84
C VAL D 235 -20.29 -43.65 12.22
N GLY D 236 -19.32 -44.05 13.04
CA GLY D 236 -17.99 -44.34 12.58
C GLY D 236 -17.72 -45.83 12.49
N ALA D 237 -16.46 -46.18 12.27
CA ALA D 237 -16.03 -47.57 12.16
C ALA D 237 -15.46 -48.14 13.46
N GLY D 238 -15.49 -47.37 14.54
CA GLY D 238 -14.83 -47.75 15.77
C GLY D 238 -13.79 -46.72 16.17
N PRO D 239 -13.68 -46.47 17.48
CA PRO D 239 -12.85 -45.34 17.95
C PRO D 239 -11.37 -45.48 17.61
N TRP D 240 -10.87 -46.69 17.36
CA TRP D 240 -9.51 -46.86 16.86
C TRP D 240 -9.40 -46.61 15.35
N TYR D 241 -10.50 -46.62 14.59
CA TYR D 241 -10.40 -46.51 13.14
C TYR D 241 -10.85 -45.18 12.58
N THR D 242 -12.07 -44.73 12.89
CA THR D 242 -12.52 -43.42 12.47
C THR D 242 -11.94 -42.38 13.41
N LYS D 243 -11.13 -41.48 12.88
CA LYS D 243 -10.50 -40.42 13.66
C LYS D 243 -10.90 -39.05 13.10
N LEU D 244 -11.55 -38.25 13.95
CA LEU D 244 -11.75 -36.83 13.72
C LEU D 244 -10.55 -36.08 14.27
N VAL D 245 -9.90 -35.30 13.43
CA VAL D 245 -8.65 -34.64 13.80
C VAL D 245 -8.84 -33.14 13.64
N ALA D 246 -8.81 -32.42 14.76
CA ALA D 246 -8.65 -30.97 14.68
C ALA D 246 -7.28 -30.66 14.07
N PRO D 247 -7.18 -29.64 13.17
CA PRO D 247 -5.88 -29.34 12.52
C PRO D 247 -4.74 -29.26 13.52
N GLN D 248 -3.74 -30.14 13.40
CA GLN D 248 -2.70 -30.19 14.43
C GLN D 248 -1.69 -29.05 14.31
N SER D 249 -1.61 -28.34 13.18
CA SER D 249 -0.69 -27.21 13.13
C SER D 249 -1.30 -25.91 13.64
N GLN D 250 -2.62 -25.85 13.84
CA GLN D 250 -3.27 -24.79 14.60
C GLN D 250 -3.39 -25.22 16.06
N SER D 251 -3.73 -24.27 16.94
CA SER D 251 -3.96 -24.63 18.33
C SER D 251 -5.20 -23.96 18.88
N ASN D 252 -5.96 -24.74 19.68
CA ASN D 252 -7.14 -24.27 20.40
C ASN D 252 -8.31 -23.91 19.48
N THR D 253 -8.37 -24.54 18.31
CA THR D 253 -9.48 -24.38 17.39
C THR D 253 -10.75 -25.04 17.94
N ASP D 254 -11.81 -24.27 18.07
CA ASP D 254 -13.07 -24.79 18.63
C ASP D 254 -13.77 -25.62 17.56
N VAL D 255 -13.71 -26.94 17.70
CA VAL D 255 -14.30 -27.85 16.74
C VAL D 255 -15.14 -28.90 17.47
N GLY D 256 -15.82 -29.75 16.71
CA GLY D 256 -16.71 -30.75 17.24
C GLY D 256 -18.11 -30.60 16.69
N PHE D 257 -19.09 -30.92 17.53
CA PHE D 257 -20.49 -30.96 17.13
C PHE D 257 -21.31 -30.05 18.03
N ASN D 258 -22.24 -29.33 17.41
CA ASN D 258 -23.27 -28.59 18.12
C ASN D 258 -24.62 -29.19 17.77
N ILE D 259 -25.38 -29.56 18.78
CA ILE D 259 -26.63 -30.29 18.60
C ILE D 259 -27.77 -29.35 18.99
N SER D 260 -28.35 -28.67 17.99
CA SER D 260 -29.57 -27.87 18.12
C SER D 260 -30.72 -28.60 18.80
N ALA D 261 -31.89 -27.95 18.86
CA ALA D 261 -33.06 -28.63 19.39
C ALA D 261 -33.76 -29.44 18.31
N ALA D 262 -33.65 -29.01 17.05
CA ALA D 262 -34.25 -29.75 15.95
C ALA D 262 -33.73 -31.18 15.89
N ALA D 263 -32.53 -31.40 16.39
CA ALA D 263 -31.85 -32.68 16.24
C ALA D 263 -31.81 -33.45 17.55
N ASN D 264 -32.78 -33.18 18.43
CA ASN D 264 -32.95 -34.04 19.59
C ASN D 264 -33.14 -35.49 19.15
N GLY D 265 -32.72 -36.42 20.00
CA GLY D 265 -32.75 -37.82 19.69
C GLY D 265 -31.65 -38.30 18.77
N SER D 266 -30.72 -37.42 18.40
CA SER D 266 -29.57 -37.79 17.60
C SER D 266 -28.72 -38.84 18.31
N THR D 267 -27.71 -39.33 17.61
CA THR D 267 -26.83 -40.36 18.13
C THR D 267 -25.47 -40.17 17.47
N ILE D 268 -24.42 -40.12 18.29
CA ILE D 268 -23.05 -40.06 17.80
C ILE D 268 -22.31 -41.26 18.38
N ARG D 269 -21.65 -42.04 17.52
CA ARG D 269 -21.07 -43.25 18.09
C ARG D 269 -19.93 -43.81 17.24
N ASP D 270 -19.03 -44.53 17.93
CA ASP D 270 -18.00 -45.37 17.31
C ASP D 270 -16.98 -44.55 16.52
N LEU D 271 -16.41 -43.54 17.17
CA LEU D 271 -15.37 -42.72 16.55
C LEU D 271 -14.51 -42.11 17.64
N SER D 272 -13.38 -41.57 17.22
CA SER D 272 -12.52 -40.82 18.12
C SER D 272 -12.36 -39.40 17.58
N ALA D 273 -12.03 -38.48 18.50
CA ALA D 273 -11.87 -37.07 18.19
C ALA D 273 -10.58 -36.58 18.83
N TRP D 274 -9.72 -36.00 18.02
CA TRP D 274 -8.39 -35.62 18.46
C TRP D 274 -8.29 -34.10 18.37
N GLY D 275 -8.51 -33.43 19.49
CA GLY D 275 -8.46 -31.98 19.52
C GLY D 275 -7.05 -31.48 19.35
N ASN D 276 -6.92 -30.14 19.24
CA ASN D 276 -5.63 -29.46 19.18
C ASN D 276 -5.53 -28.36 20.25
N TYR D 277 -6.25 -28.51 21.36
CA TYR D 277 -6.04 -27.62 22.48
C TYR D 277 -4.73 -27.97 23.19
N ILE D 278 -4.00 -26.94 23.61
CA ILE D 278 -2.78 -27.10 24.41
C ILE D 278 -2.86 -26.38 25.75
N ASN D 279 -4.00 -25.77 26.08
CA ASN D 279 -4.21 -25.14 27.38
C ASN D 279 -5.70 -24.91 27.54
N ARG D 280 -6.14 -24.79 28.78
CA ARG D 280 -7.54 -24.49 29.02
C ARG D 280 -7.91 -23.14 28.42
N VAL D 281 -9.12 -23.07 27.88
CA VAL D 281 -9.77 -21.84 27.48
C VAL D 281 -11.22 -21.97 27.95
N ASP D 282 -11.75 -20.94 28.57
CA ASP D 282 -13.08 -20.99 29.17
C ASP D 282 -14.08 -20.37 28.21
N GLY D 283 -15.11 -21.12 27.83
CA GLY D 283 -16.04 -20.71 26.81
C GLY D 283 -16.05 -21.70 25.65
N PRO D 284 -15.08 -21.59 24.75
CA PRO D 284 -14.93 -22.61 23.71
C PRO D 284 -14.41 -23.95 24.24
N GLY D 285 -14.28 -24.91 23.34
CA GLY D 285 -13.50 -26.12 23.57
C GLY D 285 -14.24 -27.34 24.04
N LYS D 286 -15.56 -27.35 24.02
CA LYS D 286 -16.32 -28.56 24.33
C LYS D 286 -16.54 -29.34 23.03
N PHE D 287 -16.23 -30.63 23.05
CA PHE D 287 -16.34 -31.42 21.82
C PHE D 287 -17.81 -31.52 21.36
N ILE D 288 -18.73 -31.79 22.27
CA ILE D 288 -20.15 -31.75 21.97
C ILE D 288 -20.77 -30.58 22.74
N ASP D 289 -21.33 -29.62 21.99
CA ASP D 289 -22.21 -28.59 22.55
C ASP D 289 -23.66 -29.03 22.37
N GLY D 290 -24.35 -29.22 23.46
CA GLY D 290 -25.79 -29.39 23.39
C GLY D 290 -26.51 -28.52 24.39
N ASN D 291 -27.10 -27.41 23.93
CA ASN D 291 -27.92 -26.60 24.81
C ASN D 291 -29.34 -27.17 24.78
N GLY D 292 -29.84 -27.56 25.95
CA GLY D 292 -31.18 -28.09 26.03
C GLY D 292 -31.44 -29.31 25.19
N MET D 293 -30.38 -29.97 24.71
CA MET D 293 -30.55 -31.16 23.88
C MET D 293 -31.25 -32.26 24.67
N GLN D 294 -32.08 -33.03 23.98
CA GLN D 294 -32.87 -34.06 24.63
C GLN D 294 -32.68 -35.39 23.93
N ASN D 295 -32.67 -36.46 24.73
CA ASN D 295 -32.68 -37.83 24.23
C ASN D 295 -31.58 -38.13 23.21
N VAL D 296 -30.45 -37.42 23.31
CA VAL D 296 -29.31 -37.69 22.46
C VAL D 296 -28.54 -38.86 23.04
N THR D 297 -27.90 -39.65 22.18
CA THR D 297 -27.05 -40.74 22.61
C THR D 297 -25.65 -40.51 22.07
N VAL D 298 -24.67 -40.55 22.97
CA VAL D 298 -23.25 -40.35 22.64
C VAL D 298 -22.53 -41.54 23.22
N GLN D 299 -22.06 -42.43 22.34
CA GLN D 299 -21.71 -43.79 22.72
C GLN D 299 -20.38 -44.22 22.11
N ASN D 300 -19.52 -44.80 22.93
CA ASN D 300 -18.28 -45.43 22.43
C ASN D 300 -17.46 -44.42 21.65
N ILE D 301 -17.43 -43.19 22.15
CA ILE D 301 -16.62 -42.10 21.64
C ILE D 301 -15.34 -42.03 22.46
N TRP D 302 -14.28 -41.56 21.82
CA TRP D 302 -12.95 -41.43 22.43
C TRP D 302 -12.42 -40.04 22.06
N VAL D 303 -12.30 -39.16 23.05
CA VAL D 303 -11.94 -37.77 22.78
C VAL D 303 -10.72 -37.43 23.61
N GLU D 304 -9.79 -36.71 22.98
CA GLU D 304 -8.62 -36.22 23.67
C GLU D 304 -8.34 -34.79 23.26
N HIS D 305 -7.78 -34.03 24.19
CA HIS D 305 -7.23 -32.70 23.91
C HIS D 305 -8.31 -31.74 23.46
N PHE D 306 -9.46 -31.84 24.09
CA PHE D 306 -10.43 -30.76 24.11
C PHE D 306 -10.43 -30.15 25.49
N VAL D 307 -11.20 -29.09 25.67
CA VAL D 307 -11.41 -28.61 27.03
C VAL D 307 -12.30 -29.58 27.78
N CYS D 308 -13.48 -29.89 27.24
CA CYS D 308 -14.39 -30.92 27.75
C CYS D 308 -14.89 -31.79 26.60
N LEU D 309 -15.29 -33.01 26.96
CA LEU D 309 -16.15 -33.79 26.05
C LEU D 309 -17.53 -33.15 25.94
N TYR D 310 -18.26 -33.04 27.05
CA TYR D 310 -19.59 -32.46 27.03
C TYR D 310 -19.77 -31.46 28.17
N TRP D 311 -20.61 -30.45 27.93
CA TRP D 311 -21.04 -29.51 28.96
C TRP D 311 -22.51 -29.16 28.74
N GLY D 312 -23.39 -29.67 29.61
CA GLY D 312 -24.82 -29.60 29.39
C GLY D 312 -25.50 -28.44 30.08
N VAL D 313 -26.36 -27.76 29.33
CA VAL D 313 -27.19 -26.67 29.84
C VAL D 313 -28.65 -27.04 29.59
N ASN D 314 -29.36 -27.42 30.65
CA ASN D 314 -30.78 -27.76 30.56
C ASN D 314 -31.02 -28.86 29.52
N SER D 315 -30.15 -29.86 29.51
CA SER D 315 -30.23 -31.00 28.59
C SER D 315 -30.61 -32.23 29.36
N SER D 316 -31.62 -32.94 28.89
CA SER D 316 -32.19 -34.01 29.70
C SER D 316 -32.44 -35.26 28.87
N TYR D 317 -32.50 -36.39 29.57
CA TYR D 317 -32.79 -37.68 28.96
C TYR D 317 -31.72 -38.09 27.94
N ASN D 318 -30.50 -37.58 28.12
CA ASN D 318 -29.39 -37.98 27.27
C ASN D 318 -28.65 -39.17 27.87
N THR D 319 -27.91 -39.88 27.02
CA THR D 319 -27.15 -41.05 27.42
C THR D 319 -25.71 -40.91 26.92
N PHE D 320 -24.78 -40.95 27.84
CA PHE D 320 -23.34 -41.01 27.55
C PHE D 320 -22.85 -42.37 27.99
N LYS D 321 -22.57 -43.24 27.03
CA LYS D 321 -22.37 -44.67 27.25
C LYS D 321 -21.05 -45.10 26.62
N ASN D 322 -20.18 -45.74 27.42
CA ASN D 322 -19.03 -46.46 26.89
C ASN D 322 -17.96 -45.54 26.33
N ASN D 323 -17.92 -44.27 26.75
CA ASN D 323 -16.98 -43.33 26.16
C ASN D 323 -15.64 -43.31 26.90
N ARG D 324 -14.66 -42.67 26.25
CA ARG D 324 -13.29 -42.55 26.73
C ARG D 324 -12.85 -41.09 26.70
N ILE D 325 -12.71 -40.48 27.87
CA ILE D 325 -12.26 -39.10 28.00
C ILE D 325 -10.84 -39.14 28.54
N LYS D 326 -9.89 -38.63 27.76
CA LYS D 326 -8.49 -38.68 28.15
C LYS D 326 -7.82 -37.36 27.83
N ASN D 327 -7.07 -36.83 28.80
CA ASN D 327 -6.17 -35.71 28.57
C ASN D 327 -6.91 -34.48 28.02
N THR D 328 -7.87 -33.99 28.81
CA THR D 328 -8.53 -32.75 28.49
C THR D 328 -7.98 -31.63 29.38
N PHE D 329 -8.42 -30.41 29.10
CA PHE D 329 -7.92 -29.24 29.81
C PHE D 329 -8.92 -28.67 30.80
N ALA D 330 -10.15 -29.20 30.84
CA ALA D 330 -11.08 -28.92 31.93
C ALA D 330 -11.87 -30.19 32.21
N ASP D 331 -13.16 -30.06 32.56
CA ASP D 331 -13.97 -31.18 33.01
C ASP D 331 -14.18 -32.22 31.91
N GLY D 332 -14.40 -33.47 32.35
CA GLY D 332 -14.74 -34.54 31.42
C GLY D 332 -16.14 -34.35 30.90
N ILE D 333 -17.13 -34.62 31.76
CA ILE D 333 -18.54 -34.33 31.48
C ILE D 333 -19.10 -33.56 32.66
N ASN D 334 -19.85 -32.50 32.36
CA ASN D 334 -20.48 -31.67 33.37
C ASN D 334 -21.86 -31.24 32.88
N MET D 335 -22.81 -31.13 33.79
CA MET D 335 -24.16 -30.75 33.41
C MET D 335 -24.76 -29.76 34.42
N THR D 336 -25.46 -28.75 33.88
CA THR D 336 -25.94 -27.60 34.64
C THR D 336 -27.38 -27.25 34.26
N ASN D 337 -28.02 -26.47 35.12
CA ASN D 337 -29.25 -25.75 34.79
C ASN D 337 -30.42 -26.68 34.56
N GLY D 338 -30.68 -27.56 35.53
CA GLY D 338 -31.77 -28.50 35.40
C GLY D 338 -31.57 -29.58 34.35
N SER D 339 -30.33 -29.95 34.08
CA SER D 339 -30.02 -31.06 33.20
C SER D 339 -30.41 -32.36 33.91
N SER D 340 -31.51 -32.98 33.51
CA SER D 340 -32.14 -33.98 34.37
C SER D 340 -32.31 -35.32 33.66
N TYR D 341 -32.43 -36.36 34.49
CA TYR D 341 -32.67 -37.75 34.05
C TYR D 341 -31.78 -38.19 32.91
N ASN D 342 -30.52 -37.80 32.96
CA ASN D 342 -29.54 -38.32 32.02
C ASN D 342 -28.89 -39.59 32.56
N VAL D 343 -28.38 -40.39 31.65
CA VAL D 343 -27.67 -41.63 31.97
C VAL D 343 -26.22 -41.46 31.52
N ILE D 344 -25.30 -41.33 32.48
CA ILE D 344 -23.85 -41.38 32.25
C ILE D 344 -23.40 -42.71 32.80
N ASP D 345 -23.22 -43.72 31.93
CA ASP D 345 -22.99 -45.09 32.37
C ASP D 345 -21.81 -45.68 31.61
N ASN D 346 -20.98 -46.41 32.33
CA ASN D 346 -19.82 -47.11 31.80
C ASN D 346 -18.91 -46.20 30.97
N ASN D 347 -18.39 -45.13 31.58
CA ASN D 347 -17.43 -44.28 30.89
C ASN D 347 -16.09 -44.24 31.62
N TYR D 348 -15.02 -44.05 30.86
CA TYR D 348 -13.65 -44.01 31.39
C TYR D 348 -13.06 -42.64 31.15
N ALA D 349 -12.46 -42.08 32.20
CA ALA D 349 -11.78 -40.79 32.12
C ALA D 349 -10.42 -40.90 32.79
N ARG D 350 -9.37 -40.48 32.08
CA ARG D 350 -8.03 -40.40 32.65
C ARG D 350 -7.36 -39.11 32.20
N GLY D 351 -6.88 -38.33 33.14
CA GLY D 351 -6.15 -37.12 32.79
C GLY D 351 -6.99 -35.89 32.48
N THR D 352 -8.18 -35.77 33.03
CA THR D 352 -8.99 -34.57 32.76
C THR D 352 -8.32 -33.35 33.36
N GLY D 353 -8.58 -32.18 32.75
CA GLY D 353 -8.07 -30.89 33.23
C GLY D 353 -8.81 -30.30 34.42
N ASP D 354 -9.99 -30.82 34.74
CA ASP D 354 -10.80 -30.42 35.86
C ASP D 354 -11.61 -31.65 36.27
N ALA D 355 -12.71 -31.44 36.99
CA ALA D 355 -13.50 -32.56 37.48
C ALA D 355 -13.87 -33.51 36.35
N SER D 356 -13.63 -34.81 36.56
CA SER D 356 -13.85 -35.76 35.48
C SER D 356 -15.33 -35.91 35.17
N PHE D 357 -16.15 -36.24 36.18
CA PHE D 357 -17.61 -36.37 36.03
C PHE D 357 -18.29 -35.50 37.06
N ALA D 358 -19.01 -34.49 36.62
CA ALA D 358 -19.58 -33.52 37.55
C ALA D 358 -21.02 -33.21 37.20
N LEU D 359 -21.72 -32.63 38.18
CA LEU D 359 -23.11 -32.22 38.08
C LEU D 359 -23.23 -30.94 38.89
N PHE D 360 -23.50 -29.82 38.22
CA PHE D 360 -23.43 -28.50 38.84
C PHE D 360 -24.80 -27.82 38.68
N SER D 361 -25.63 -27.88 39.72
CA SER D 361 -26.95 -27.25 39.65
C SER D 361 -26.85 -25.72 39.64
N ALA D 362 -26.09 -25.18 38.69
CA ALA D 362 -26.18 -23.77 38.38
C ALA D 362 -27.58 -23.46 37.86
N THR D 363 -27.97 -22.19 37.98
CA THR D 363 -29.28 -21.74 37.52
C THR D 363 -29.15 -20.42 36.77
N ASP D 364 -27.95 -20.16 36.24
CA ASP D 364 -27.65 -18.96 35.47
C ASP D 364 -28.33 -18.93 34.11
N SER D 365 -29.12 -19.94 33.76
CA SER D 365 -29.87 -20.01 32.50
C SER D 365 -31.33 -20.43 32.75
N GLY D 366 -31.90 -19.95 33.86
CA GLY D 366 -33.28 -20.25 34.20
C GLY D 366 -33.70 -21.71 34.19
N GLY D 367 -32.86 -22.59 34.72
CA GLY D 367 -33.26 -23.97 34.98
C GLY D 367 -33.19 -24.25 36.46
N SER D 368 -34.03 -25.19 36.92
CA SER D 368 -34.05 -25.54 38.35
C SER D 368 -32.97 -26.57 38.68
N TYR D 369 -33.27 -27.51 39.57
CA TYR D 369 -32.27 -28.49 39.97
C TYR D 369 -31.96 -29.46 38.83
N ASN D 370 -30.69 -29.89 38.75
CA ASN D 370 -30.38 -31.17 38.10
C ASN D 370 -30.99 -32.27 38.96
N VAL D 371 -31.99 -32.99 38.45
CA VAL D 371 -32.55 -34.08 39.22
C VAL D 371 -32.57 -35.35 38.37
N GLY D 372 -32.70 -36.48 39.07
CA GLY D 372 -32.89 -37.74 38.40
C GLY D 372 -31.74 -38.26 37.58
N ASN D 373 -30.55 -37.68 37.68
CA ASN D 373 -29.40 -38.16 36.92
C ASN D 373 -28.78 -39.39 37.55
N LYS D 374 -28.27 -40.27 36.69
CA LYS D 374 -27.64 -41.51 37.12
C LYS D 374 -26.24 -41.58 36.54
N TYR D 375 -25.23 -41.47 37.40
CA TYR D 375 -23.82 -41.61 37.02
C TYR D 375 -23.33 -42.95 37.55
N THR D 376 -23.21 -43.94 36.68
CA THR D 376 -22.98 -45.30 37.13
C THR D 376 -21.86 -45.97 36.34
N ASN D 377 -21.12 -46.84 37.03
CA ASN D 377 -20.00 -47.56 36.44
C ASN D 377 -19.05 -46.60 35.75
N LEU D 378 -18.48 -45.68 36.54
CA LEU D 378 -17.58 -44.65 36.02
C LEU D 378 -16.21 -44.79 36.66
N THR D 379 -15.18 -44.59 35.84
CA THR D 379 -13.78 -44.60 36.26
C THR D 379 -13.18 -43.23 35.97
N ALA D 380 -12.50 -42.66 36.96
CA ALA D 380 -11.83 -41.37 36.79
C ALA D 380 -10.47 -41.45 37.48
N THR D 381 -9.40 -41.40 36.71
CA THR D 381 -8.05 -41.55 37.24
C THR D 381 -7.18 -40.43 36.70
N ASN D 382 -6.14 -40.11 37.48
CA ASN D 382 -5.15 -39.11 37.10
C ASN D 382 -5.80 -37.75 36.86
N VAL D 383 -6.61 -37.31 37.81
CA VAL D 383 -7.31 -36.03 37.69
C VAL D 383 -6.31 -34.92 37.95
N ARG D 384 -5.95 -34.19 36.89
CA ARG D 384 -4.89 -33.18 36.92
C ARG D 384 -5.31 -31.91 37.63
N ARG D 385 -6.56 -31.83 38.08
CA ARG D 385 -7.10 -30.70 38.82
C ARG D 385 -8.54 -30.99 39.22
N ALA D 386 -8.95 -30.51 40.40
CA ALA D 386 -10.25 -30.79 41.00
C ALA D 386 -10.46 -32.28 41.19
N ALA D 387 -11.68 -32.65 41.53
CA ALA D 387 -12.01 -33.99 41.99
C ALA D 387 -12.34 -34.93 40.83
N ALA D 388 -12.05 -36.21 41.04
CA ALA D 388 -12.51 -37.24 40.11
C ALA D 388 -14.03 -37.19 39.89
N PHE D 389 -14.81 -36.95 40.94
CA PHE D 389 -16.27 -36.82 40.86
C PHE D 389 -16.72 -35.66 41.71
N ALA D 390 -17.58 -34.81 41.16
CA ALA D 390 -17.96 -33.58 41.83
C ALA D 390 -19.45 -33.39 41.68
N VAL D 391 -20.13 -33.12 42.79
CA VAL D 391 -21.56 -32.85 42.76
C VAL D 391 -21.83 -31.59 43.56
N TYR D 392 -22.33 -30.57 42.87
CA TYR D 392 -22.62 -29.26 43.46
C TYR D 392 -24.13 -29.06 43.49
N GLY D 393 -24.74 -29.32 44.64
CA GLY D 393 -26.18 -29.18 44.70
C GLY D 393 -26.90 -30.22 43.86
N GLY D 394 -28.15 -29.91 43.54
CA GLY D 394 -29.02 -30.83 42.83
C GLY D 394 -29.86 -31.67 43.77
N SER D 395 -30.76 -32.45 43.19
CA SER D 395 -31.68 -33.28 43.96
C SER D 395 -31.86 -34.61 43.25
N ASP D 396 -32.01 -35.69 44.03
CA ASP D 396 -32.34 -37.01 43.49
C ASP D 396 -31.39 -37.40 42.36
N ASN D 397 -30.10 -37.31 42.66
CA ASN D 397 -29.05 -37.72 41.73
C ASN D 397 -28.31 -38.89 42.34
N LEU D 398 -27.88 -39.83 41.51
CA LEU D 398 -27.24 -41.05 41.95
C LEU D 398 -25.84 -41.16 41.37
N PHE D 399 -24.89 -41.57 42.20
CA PHE D 399 -23.54 -41.90 41.76
C PHE D 399 -23.25 -43.30 42.25
N GLN D 400 -22.99 -44.20 41.33
CA GLN D 400 -23.06 -45.60 41.70
C GLN D 400 -21.96 -46.37 41.01
N ASN D 401 -21.20 -47.14 41.80
CA ASN D 401 -20.14 -47.98 41.28
C ASN D 401 -19.06 -47.14 40.59
N LEU D 402 -18.23 -46.51 41.41
CA LEU D 402 -17.22 -45.57 40.98
C LEU D 402 -15.83 -46.07 41.35
N TYR D 403 -14.86 -45.76 40.51
CA TYR D 403 -13.45 -45.92 40.84
C TYR D 403 -12.76 -44.61 40.51
N GLY D 404 -12.21 -43.96 41.52
CA GLY D 404 -11.39 -42.78 41.34
C GLY D 404 -10.01 -43.01 41.94
N ALA D 405 -8.99 -42.49 41.28
CA ALA D 405 -7.63 -42.73 41.72
C ALA D 405 -6.74 -41.56 41.30
N ASP D 406 -5.73 -41.30 42.12
CA ASP D 406 -4.61 -40.42 41.79
C ASP D 406 -5.07 -39.02 41.35
N THR D 407 -5.69 -38.32 42.29
CA THR D 407 -5.96 -36.91 42.11
C THR D 407 -4.73 -36.10 42.50
N LEU D 408 -4.40 -35.12 41.66
CA LEU D 408 -3.24 -34.27 41.92
C LEU D 408 -3.52 -33.21 42.98
N THR D 409 -4.74 -32.66 43.04
CA THR D 409 -4.95 -31.48 43.86
C THR D 409 -6.12 -31.53 44.81
N TYR D 410 -7.06 -32.47 44.67
CA TYR D 410 -8.38 -32.34 45.27
C TYR D 410 -8.90 -33.70 45.66
N PRO D 411 -10.03 -33.75 46.36
CA PRO D 411 -10.60 -35.04 46.77
C PRO D 411 -10.97 -35.95 45.61
N GLY D 412 -11.10 -37.23 45.93
CA GLY D 412 -11.70 -38.16 45.00
C GLY D 412 -13.15 -37.81 44.69
N ILE D 413 -13.91 -37.44 45.72
CA ILE D 413 -15.28 -36.99 45.52
C ILE D 413 -15.45 -35.67 46.25
N THR D 414 -16.00 -34.67 45.56
CA THR D 414 -16.38 -33.38 46.12
C THR D 414 -17.90 -33.33 46.26
N ILE D 415 -18.38 -33.05 47.47
CA ILE D 415 -19.82 -32.81 47.69
C ILE D 415 -19.92 -31.42 48.26
N SER D 416 -20.44 -30.48 47.48
CA SER D 416 -20.39 -29.09 47.88
C SER D 416 -21.65 -28.33 47.50
N SER D 417 -22.07 -27.42 48.38
CA SER D 417 -23.19 -26.53 48.09
C SER D 417 -22.72 -25.09 47.92
N TYR D 418 -21.51 -24.92 47.41
CA TYR D 418 -20.94 -23.59 47.22
C TYR D 418 -21.33 -23.04 45.84
N SER D 419 -21.74 -21.77 45.80
CA SER D 419 -22.29 -21.18 44.59
C SER D 419 -21.27 -20.87 43.51
N PHE D 420 -19.98 -20.80 43.84
CA PHE D 420 -18.94 -20.35 42.92
C PHE D 420 -19.24 -18.97 42.33
N GLY D 421 -20.00 -18.16 43.06
CA GLY D 421 -20.47 -16.88 42.59
C GLY D 421 -21.72 -16.94 41.75
N TYR D 422 -21.91 -18.01 40.97
CA TYR D 422 -23.08 -18.11 40.09
C TYR D 422 -24.37 -18.12 40.89
N ASN D 423 -25.48 -17.92 40.18
CA ASN D 423 -26.77 -18.28 40.74
C ASN D 423 -26.87 -19.80 40.68
N THR D 424 -27.23 -20.39 41.79
CA THR D 424 -26.97 -21.79 42.04
C THR D 424 -28.03 -22.25 43.02
N LEU D 425 -28.37 -23.52 42.94
CA LEU D 425 -29.16 -24.14 43.98
C LEU D 425 -28.25 -25.07 44.77
N GLY D 426 -28.52 -25.14 46.08
CA GLY D 426 -27.90 -26.15 46.92
C GLY D 426 -28.51 -27.51 46.67
N PHE D 427 -28.50 -28.34 47.70
CA PHE D 427 -29.08 -29.66 47.54
C PHE D 427 -30.58 -29.61 47.77
N GLY D 428 -31.29 -30.51 47.10
CA GLY D 428 -32.72 -30.53 47.11
C GLY D 428 -33.25 -31.34 48.28
N ASP D 429 -34.53 -31.73 48.18
CA ASP D 429 -35.19 -32.44 49.26
C ASP D 429 -35.12 -33.94 49.09
N GLN D 430 -34.32 -34.42 48.16
CA GLN D 430 -34.20 -35.85 47.93
C GLN D 430 -32.72 -36.20 47.85
N ASP D 431 -32.43 -37.40 48.28
CA ASP D 431 -31.05 -37.80 48.49
C ASP D 431 -30.23 -37.65 47.24
N THR D 432 -29.03 -37.09 47.41
CA THR D 432 -27.93 -37.27 46.48
C THR D 432 -27.10 -38.42 47.03
N VAL D 433 -26.97 -39.51 46.26
CA VAL D 433 -26.50 -40.76 46.82
C VAL D 433 -25.20 -41.19 46.16
N ILE D 434 -24.24 -41.58 46.97
CA ILE D 434 -23.00 -42.18 46.51
C ILE D 434 -22.96 -43.59 47.06
N ASP D 435 -23.00 -44.59 46.17
CA ASP D 435 -23.19 -45.98 46.56
C ASP D 435 -22.26 -46.87 45.75
N GLY D 436 -21.26 -47.45 46.41
CA GLY D 436 -20.27 -48.28 45.76
C GLY D 436 -19.21 -47.44 45.09
N ALA D 437 -18.12 -47.14 45.81
CA ALA D 437 -17.03 -46.38 45.23
C ALA D 437 -15.72 -46.89 45.80
N THR D 438 -14.68 -46.86 44.99
CA THR D 438 -13.32 -47.08 45.43
C THR D 438 -12.49 -45.85 45.12
N LEU D 439 -11.79 -45.34 46.13
CA LEU D 439 -11.01 -44.12 46.00
C LEU D 439 -9.59 -44.46 46.48
N ASP D 440 -8.68 -44.61 45.52
CA ASP D 440 -7.30 -44.94 45.81
C ASP D 440 -6.43 -43.70 45.67
N ARG D 441 -5.62 -43.43 46.71
CA ARG D 441 -4.63 -42.35 46.72
C ARG D 441 -5.23 -41.04 46.22
N THR D 442 -6.33 -40.62 46.81
CA THR D 442 -7.00 -39.39 46.42
C THR D 442 -6.84 -38.34 47.52
N GLY D 443 -7.04 -37.09 47.14
CA GLY D 443 -6.71 -35.96 47.98
C GLY D 443 -5.53 -35.20 47.40
N GLY D 444 -5.13 -34.15 48.11
CA GLY D 444 -4.04 -33.31 47.64
C GLY D 444 -4.16 -31.92 48.24
N ASP D 445 -3.33 -31.02 47.72
CA ASP D 445 -3.15 -29.68 48.27
C ASP D 445 -3.64 -28.61 47.30
N PHE D 446 -4.20 -27.54 47.84
CA PHE D 446 -4.81 -26.52 47.01
C PHE D 446 -5.24 -25.35 47.90
N TRP D 447 -5.32 -24.17 47.30
CA TRP D 447 -5.64 -22.93 48.01
C TRP D 447 -4.51 -22.63 49.03
N THR D 448 -4.86 -21.93 50.11
CA THR D 448 -3.91 -21.33 51.05
C THR D 448 -4.41 -21.51 52.48
N SER D 449 -3.46 -21.63 53.42
CA SER D 449 -3.76 -21.98 54.80
C SER D 449 -3.41 -20.87 55.80
N VAL D 450 -3.46 -19.60 55.39
CA VAL D 450 -2.94 -18.56 56.26
C VAL D 450 -3.84 -18.45 57.49
N GLY D 451 -3.24 -18.58 58.67
CA GLY D 451 -3.98 -18.56 59.93
C GLY D 451 -4.70 -19.83 60.28
N ALA D 452 -4.36 -20.95 59.64
CA ALA D 452 -5.16 -22.16 59.76
C ALA D 452 -4.79 -22.96 60.99
N ASP D 453 -5.77 -23.70 61.49
CA ASP D 453 -5.53 -24.80 62.40
C ASP D 453 -5.11 -26.04 61.61
N ASP D 454 -4.53 -27.02 62.32
CA ASP D 454 -4.07 -28.27 61.74
C ASP D 454 -3.19 -28.00 60.52
N LYS D 455 -2.23 -27.10 60.72
CA LYS D 455 -1.35 -26.66 59.64
C LYS D 455 -0.25 -27.71 59.40
N ILE D 456 -0.03 -28.04 58.13
CA ILE D 456 1.06 -28.94 57.76
C ILE D 456 1.87 -28.41 56.59
N ASN D 457 1.34 -27.41 55.87
CA ASN D 457 2.10 -26.86 54.74
C ASN D 457 1.47 -25.58 54.20
N GLU D 458 1.77 -25.25 52.95
CA GLU D 458 1.33 -23.98 52.37
C GLU D 458 -0.15 -23.97 52.04
N TYR D 459 -0.74 -25.12 51.73
CA TYR D 459 -2.07 -25.17 51.13
C TYR D 459 -3.11 -25.70 52.09
N GLN D 460 -4.37 -25.52 51.70
CA GLN D 460 -5.44 -26.32 52.28
C GLN D 460 -5.26 -27.77 51.86
N ASN D 461 -5.63 -28.67 52.75
CA ASN D 461 -5.44 -30.10 52.54
C ASN D 461 -6.79 -30.78 52.40
N PHE D 462 -6.86 -31.80 51.55
CA PHE D 462 -8.15 -32.34 51.17
C PHE D 462 -8.15 -33.85 51.31
N GLY D 463 -9.14 -34.38 52.04
CA GLY D 463 -9.36 -35.80 52.12
C GLY D 463 -9.96 -36.37 50.83
N ALA D 464 -10.14 -37.69 50.84
CA ALA D 464 -10.68 -38.38 49.68
C ALA D 464 -12.09 -37.89 49.35
N ILE D 465 -12.93 -37.71 50.35
CA ILE D 465 -14.29 -37.22 50.17
C ILE D 465 -14.42 -35.91 50.93
N TRP D 466 -14.95 -34.89 50.28
CA TRP D 466 -15.09 -33.56 50.87
C TRP D 466 -16.58 -33.21 50.87
N ILE D 467 -17.13 -32.97 52.06
CA ILE D 467 -18.52 -32.54 52.25
C ILE D 467 -18.44 -31.08 52.65
N TYR D 468 -18.64 -30.19 51.70
CA TYR D 468 -18.41 -28.77 51.89
C TYR D 468 -19.73 -28.04 51.85
N GLY D 469 -20.23 -27.67 53.02
CA GLY D 469 -21.33 -26.74 53.11
C GLY D 469 -20.87 -25.36 52.65
N GLY D 470 -21.44 -24.87 51.56
CA GLY D 470 -21.14 -23.52 51.11
C GLY D 470 -22.16 -22.49 51.58
N ASP D 471 -22.62 -21.67 50.64
CA ASP D 471 -23.66 -20.68 50.91
C ASP D 471 -25.07 -21.21 50.66
N ARG D 472 -25.24 -22.26 49.86
CA ARG D 472 -26.54 -22.86 49.63
C ARG D 472 -26.75 -24.08 50.54
N ALA D 473 -27.94 -24.65 50.46
CA ALA D 473 -28.33 -25.69 51.41
C ALA D 473 -27.59 -26.99 51.14
N ILE D 474 -27.08 -27.61 52.20
CA ILE D 474 -26.40 -28.89 52.09
C ILE D 474 -27.14 -29.86 53.00
N LYS D 475 -27.70 -30.91 52.40
CA LYS D 475 -28.66 -31.76 53.07
C LYS D 475 -28.99 -32.94 52.17
N ASN D 476 -29.39 -34.04 52.80
CA ASN D 476 -29.82 -35.24 52.10
C ASN D 476 -28.68 -35.77 51.22
N ILE D 477 -27.60 -36.14 51.90
CA ILE D 477 -26.46 -36.79 51.26
C ILE D 477 -26.30 -38.13 51.94
N LEU D 478 -26.09 -39.18 51.14
CA LEU D 478 -25.91 -40.52 51.67
C LEU D 478 -24.69 -41.13 51.00
N ILE D 479 -23.68 -41.44 51.78
CA ILE D 479 -22.44 -42.01 51.29
C ILE D 479 -22.38 -43.42 51.84
N LYS D 480 -22.60 -44.41 50.99
CA LYS D 480 -22.61 -45.80 51.45
C LYS D 480 -21.73 -46.67 50.57
N ASN D 481 -21.15 -47.70 51.19
CA ASN D 481 -20.34 -48.73 50.54
C ASN D 481 -19.14 -48.13 49.77
N VAL D 482 -18.25 -47.47 50.53
CA VAL D 482 -17.05 -46.86 49.96
C VAL D 482 -15.83 -47.51 50.59
N ASP D 483 -14.80 -47.74 49.78
CA ASP D 483 -13.49 -48.15 50.24
C ASP D 483 -12.50 -47.08 49.81
N ILE D 484 -11.88 -46.43 50.78
CA ILE D 484 -10.93 -45.36 50.56
C ILE D 484 -9.57 -45.90 50.95
N ASN D 485 -8.67 -46.06 49.99
CA ASN D 485 -7.37 -46.66 50.25
C ASN D 485 -6.25 -45.64 50.07
N ASN D 486 -5.41 -45.52 51.10
CA ASN D 486 -4.26 -44.63 51.12
C ASN D 486 -4.56 -43.20 50.66
N PRO D 487 -5.61 -42.57 51.18
CA PRO D 487 -5.82 -41.18 50.85
C PRO D 487 -4.58 -40.39 51.22
N VAL D 488 -4.33 -39.31 50.47
CA VAL D 488 -3.15 -38.50 50.75
C VAL D 488 -3.14 -38.04 52.21
N TYR D 489 -4.30 -37.65 52.74
CA TYR D 489 -4.38 -37.05 54.06
C TYR D 489 -5.46 -37.66 54.93
N PHE D 490 -6.72 -37.54 54.50
CA PHE D 490 -7.88 -37.97 55.25
C PHE D 490 -8.81 -38.77 54.36
N GLY D 491 -9.68 -39.56 54.99
CA GLY D 491 -10.74 -40.27 54.29
C GLY D 491 -11.98 -39.41 54.06
N LEU D 492 -12.64 -38.99 55.14
CA LEU D 492 -13.75 -38.05 55.05
C LEU D 492 -13.35 -36.71 55.65
N MET D 493 -13.91 -35.64 55.11
CA MET D 493 -13.53 -34.30 55.52
C MET D 493 -14.77 -33.41 55.43
N PHE D 494 -15.25 -32.95 56.58
CA PHE D 494 -16.43 -32.09 56.67
C PHE D 494 -16.00 -30.66 56.95
N GLN D 495 -16.76 -29.70 56.43
CA GLN D 495 -16.41 -28.30 56.59
C GLN D 495 -17.61 -27.44 56.25
N SER D 496 -17.88 -26.47 57.13
CA SER D 496 -18.85 -25.41 56.88
C SER D 496 -18.13 -24.09 56.64
N MET D 497 -18.58 -23.36 55.61
CA MET D 497 -18.06 -22.04 55.28
C MET D 497 -18.64 -21.00 56.23
N SER D 498 -17.80 -20.12 56.75
CA SER D 498 -18.31 -19.02 57.55
C SER D 498 -18.41 -17.76 56.68
N PRO D 499 -19.34 -16.85 56.97
CA PRO D 499 -20.24 -16.86 58.14
C PRO D 499 -21.62 -17.45 57.86
N ASN D 500 -21.81 -18.08 56.68
CA ASN D 500 -23.11 -18.64 56.34
C ASN D 500 -23.50 -19.76 57.30
N ASN D 501 -22.56 -20.67 57.58
CA ASN D 501 -22.77 -21.75 58.53
C ASN D 501 -24.09 -22.48 58.24
N MET D 502 -24.28 -22.81 56.97
CA MET D 502 -25.35 -23.73 56.61
C MET D 502 -25.24 -24.97 57.47
N VAL D 503 -26.38 -25.41 58.00
CA VAL D 503 -26.44 -26.58 58.85
C VAL D 503 -26.56 -27.83 57.99
N MET D 504 -25.63 -28.76 58.16
CA MET D 504 -25.69 -30.00 57.42
C MET D 504 -26.76 -30.89 58.04
N GLN D 505 -27.73 -31.32 57.23
CA GLN D 505 -28.82 -32.18 57.68
C GLN D 505 -28.92 -33.41 56.79
N ASN D 506 -29.18 -34.56 57.42
CA ASN D 506 -29.41 -35.84 56.73
C ASN D 506 -28.19 -36.23 55.91
N ILE D 507 -27.03 -36.08 56.54
CA ILE D 507 -25.74 -36.50 56.01
C ILE D 507 -25.41 -37.82 56.66
N ARG D 508 -25.47 -38.92 55.91
CA ARG D 508 -25.22 -40.23 56.48
C ARG D 508 -24.09 -40.92 55.73
N VAL D 509 -23.22 -41.59 56.50
CA VAL D 509 -22.07 -42.30 55.99
C VAL D 509 -22.17 -43.74 56.48
N GLU D 510 -22.20 -44.71 55.55
CA GLU D 510 -22.47 -46.10 55.89
C GLU D 510 -21.58 -47.03 55.09
N ASN D 511 -21.05 -48.06 55.75
CA ASN D 511 -20.23 -49.07 55.10
C ASN D 511 -19.04 -48.45 54.36
N VAL D 512 -18.20 -47.77 55.13
CA VAL D 512 -17.01 -47.13 54.61
C VAL D 512 -15.80 -47.68 55.34
N ASN D 513 -14.79 -48.10 54.58
CA ASN D 513 -13.48 -48.40 55.12
C ASN D 513 -12.52 -47.33 54.69
N ILE D 514 -11.69 -46.89 55.64
CA ILE D 514 -10.67 -45.87 55.43
C ILE D 514 -9.36 -46.48 55.88
N ASN D 515 -8.47 -46.74 54.93
CA ASN D 515 -7.27 -47.52 55.18
C ASN D 515 -6.05 -46.66 54.96
N ASN D 516 -5.24 -46.57 56.02
CA ASN D 516 -3.94 -45.92 56.09
C ASN D 516 -3.95 -44.48 55.63
N PRO D 517 -4.92 -43.65 56.03
CA PRO D 517 -4.80 -42.23 55.71
C PRO D 517 -3.57 -41.70 56.41
N SER D 518 -2.85 -40.79 55.75
CA SER D 518 -1.61 -40.30 56.34
C SER D 518 -1.85 -39.56 57.66
N ARG D 519 -2.97 -38.84 57.78
CA ARG D 519 -3.23 -38.07 58.99
C ARG D 519 -4.39 -38.70 59.74
N TYR D 520 -5.63 -38.29 59.48
CA TYR D 520 -6.77 -38.85 60.19
C TYR D 520 -7.71 -39.59 59.25
N GLY D 521 -8.46 -40.53 59.82
CA GLY D 521 -9.56 -41.11 59.09
C GLY D 521 -10.64 -40.10 58.77
N ILE D 522 -11.09 -39.36 59.78
CA ILE D 522 -12.12 -38.34 59.63
C ILE D 522 -11.57 -37.01 60.13
N LYS D 523 -11.82 -35.95 59.36
CA LYS D 523 -11.40 -34.61 59.72
C LYS D 523 -12.60 -33.70 59.68
N LEU D 524 -12.93 -33.10 60.82
CA LEU D 524 -13.86 -31.97 60.88
C LEU D 524 -12.99 -30.72 60.77
N VAL D 525 -13.17 -29.95 59.70
CA VAL D 525 -12.31 -28.79 59.52
C VAL D 525 -12.70 -27.73 60.56
N VAL D 526 -11.73 -27.36 61.39
CA VAL D 526 -11.97 -26.39 62.45
C VAL D 526 -11.69 -24.97 61.99
N ARG D 527 -10.52 -24.73 61.40
CA ARG D 527 -10.20 -23.41 60.84
C ARG D 527 -9.33 -23.64 59.60
N ALA D 528 -9.96 -23.59 58.42
CA ALA D 528 -9.30 -23.99 57.18
C ALA D 528 -8.31 -22.93 56.75
N GLU D 529 -8.75 -21.67 56.79
CA GLU D 529 -7.96 -20.46 56.67
C GLU D 529 -8.43 -19.55 57.80
N GLN D 530 -7.75 -18.43 58.00
CA GLN D 530 -8.25 -17.57 59.05
C GLN D 530 -9.55 -16.91 58.60
N GLY D 531 -10.41 -16.65 59.58
CA GLY D 531 -11.76 -16.22 59.32
C GLY D 531 -12.75 -17.35 59.16
N GLN D 532 -12.30 -18.58 59.02
CA GLN D 532 -13.18 -19.73 58.84
C GLN D 532 -13.28 -20.52 60.15
N GLY D 533 -14.49 -20.97 60.48
CA GLY D 533 -14.72 -21.67 61.72
C GLY D 533 -15.09 -23.13 61.51
N PRO D 534 -15.53 -23.78 62.59
CA PRO D 534 -15.84 -25.22 62.52
C PRO D 534 -17.11 -25.53 61.74
N ALA D 535 -17.47 -26.81 61.67
CA ALA D 535 -18.61 -27.23 60.88
C ALA D 535 -19.92 -27.06 61.64
N TYR D 536 -21.01 -26.92 60.89
CA TYR D 536 -22.34 -26.79 61.45
C TYR D 536 -23.23 -27.92 60.99
N GLY D 537 -23.93 -28.54 61.94
CA GLY D 537 -24.87 -29.56 61.59
C GLY D 537 -24.48 -30.89 62.20
N GLY D 538 -24.20 -31.88 61.36
CA GLY D 538 -23.88 -33.20 61.86
C GLY D 538 -23.90 -34.22 60.75
N ALA D 539 -23.49 -35.43 61.12
CA ALA D 539 -23.50 -36.55 60.19
C ALA D 539 -23.50 -37.82 61.02
N SER D 540 -24.21 -38.82 60.53
CA SER D 540 -24.25 -40.08 61.23
C SER D 540 -23.31 -41.07 60.55
N PHE D 541 -22.83 -42.04 61.32
CA PHE D 541 -21.84 -42.99 60.83
C PHE D 541 -22.24 -44.40 61.22
N THR D 542 -22.31 -45.30 60.23
CA THR D 542 -22.64 -46.71 60.45
C THR D 542 -21.64 -47.58 59.71
N ASN D 543 -21.02 -48.50 60.44
CA ASN D 543 -19.97 -49.41 59.91
C ASN D 543 -18.93 -48.64 59.11
N VAL D 544 -18.39 -47.61 59.74
CA VAL D 544 -17.28 -46.84 59.16
C VAL D 544 -16.03 -47.21 59.93
N LYS D 545 -15.12 -47.94 59.26
CA LYS D 545 -13.89 -48.41 59.88
C LYS D 545 -12.72 -47.52 59.46
N VAL D 546 -11.94 -47.08 60.43
CA VAL D 546 -10.68 -46.41 60.17
C VAL D 546 -9.56 -47.35 60.61
N ASN D 547 -8.62 -47.60 59.71
CA ASN D 547 -7.56 -48.56 59.99
C ASN D 547 -6.20 -47.90 59.79
N ASN D 548 -5.39 -47.93 60.85
CA ASN D 548 -4.02 -47.44 60.83
C ASN D 548 -3.90 -46.00 60.33
N PRO D 549 -4.57 -45.04 60.98
CA PRO D 549 -4.35 -43.65 60.60
C PRO D 549 -2.98 -43.22 61.06
N GLY D 550 -2.42 -42.24 60.34
CA GLY D 550 -1.11 -41.75 60.71
C GLY D 550 -1.09 -41.12 62.10
N ILE D 551 -2.15 -40.42 62.47
CA ILE D 551 -2.16 -39.65 63.69
C ILE D 551 -3.28 -40.10 64.62
N SER D 552 -4.52 -40.06 64.13
CA SER D 552 -5.66 -40.55 64.90
C SER D 552 -6.86 -40.74 63.99
N ALA D 553 -7.83 -41.50 64.50
CA ALA D 553 -9.02 -41.85 63.72
C ALA D 553 -9.79 -40.61 63.28
N ILE D 554 -10.09 -39.69 64.20
CA ILE D 554 -10.89 -38.51 63.86
C ILE D 554 -10.26 -37.28 64.50
N TYR D 555 -10.18 -36.19 63.73
CA TYR D 555 -9.73 -34.90 64.24
C TYR D 555 -10.89 -33.91 64.31
N GLY D 556 -11.00 -33.20 65.44
CA GLY D 556 -11.79 -31.98 65.51
C GLY D 556 -13.12 -32.09 66.22
N GLU D 557 -13.51 -33.27 66.70
CA GLU D 557 -14.83 -33.46 67.32
C GLU D 557 -15.06 -32.49 68.48
N ALA D 558 -14.04 -32.29 69.33
CA ALA D 558 -14.18 -31.41 70.50
C ALA D 558 -14.10 -29.93 70.16
N GLN D 559 -13.32 -29.55 69.17
CA GLN D 559 -13.31 -28.13 68.83
C GLN D 559 -14.47 -27.73 67.91
N SER D 560 -15.48 -28.57 67.72
CA SER D 560 -16.60 -28.29 66.84
C SER D 560 -17.91 -28.44 67.62
N PRO D 561 -18.21 -27.51 68.52
CA PRO D 561 -19.40 -27.64 69.38
C PRO D 561 -20.72 -27.79 68.63
N ASN D 562 -20.87 -27.16 67.46
CA ASN D 562 -22.13 -27.16 66.71
C ASN D 562 -22.21 -28.27 65.66
N PHE D 563 -21.34 -29.27 65.73
CA PHE D 563 -21.38 -30.40 64.83
C PHE D 563 -21.45 -31.66 65.65
N THR D 564 -22.39 -32.54 65.32
CA THR D 564 -22.63 -33.75 66.08
C THR D 564 -22.28 -34.96 65.24
N VAL D 565 -21.29 -35.73 65.69
CA VAL D 565 -20.92 -37.01 65.09
C VAL D 565 -21.77 -38.07 65.77
N THR D 566 -22.66 -38.69 65.02
CA THR D 566 -23.54 -39.73 65.54
C THR D 566 -22.96 -41.09 65.18
N ARG D 567 -22.42 -41.78 66.19
CA ARG D 567 -21.91 -43.13 65.99
C ARG D 567 -23.08 -44.08 66.17
N VAL D 568 -23.70 -44.44 65.06
CA VAL D 568 -24.83 -45.36 65.10
C VAL D 568 -24.38 -46.73 65.59
N SER D 569 -23.49 -47.38 64.82
CA SER D 569 -23.00 -48.72 65.17
C SER D 569 -21.80 -49.04 64.28
N GLY D 570 -21.16 -50.17 64.57
CA GLY D 570 -20.11 -50.73 63.75
C GLY D 570 -18.89 -49.86 63.48
N ASN D 571 -18.65 -48.83 64.30
CA ASN D 571 -17.50 -47.94 64.11
C ASN D 571 -16.41 -48.26 65.14
N ASN D 572 -15.15 -48.28 64.69
CA ASN D 572 -14.02 -48.52 65.60
C ASN D 572 -13.37 -47.23 66.07
N TRP D 573 -14.16 -46.19 66.35
CA TRP D 573 -13.64 -44.87 66.70
C TRP D 573 -14.71 -43.96 67.33
C1 GLC E . 12.73 -17.20 -28.13
C2 GLC E . 13.96 -16.64 -28.83
C3 GLC E . 14.61 -17.65 -29.70
C4 GLC E . 14.56 -18.91 -28.92
C5 GLC E . 13.13 -19.38 -28.75
C6 GLC E . 13.01 -20.24 -27.50
O1 GLC E . 11.66 -16.32 -27.99
O2 GLC E . 13.69 -15.40 -29.46
O3 GLC E . 15.97 -17.41 -29.71
O4 GLC E . 15.20 -19.92 -29.62
O5 GLC E . 12.22 -18.31 -28.72
O6 GLC E . 12.63 -19.57 -26.31
C1 GLC E . 16.74 -16.82 -30.89
C2 GLC E . 18.10 -17.48 -30.76
C3 GLC E . 18.79 -16.87 -29.57
C4 GLC E . 18.88 -15.35 -29.74
C5 GLC E . 17.51 -14.78 -30.09
C6 GLC E . 17.62 -13.29 -30.38
O2 GLC E . 17.93 -18.85 -30.55
O3 GLC E . 20.08 -17.45 -29.41
O4 GLC E . 19.31 -14.74 -28.54
O5 GLC E . 17.00 -15.47 -31.21
O6 GLC E . 18.40 -13.11 -31.53
C1 GLC E . 20.91 -17.41 -28.32
C2 GLC E . 22.43 -17.41 -28.36
C3 GLC E . 22.97 -18.71 -28.96
C4 GLC E . 22.35 -19.89 -28.22
C5 GLC E . 20.80 -19.78 -28.19
C6 GLC E . 20.09 -20.95 -27.46
O2 GLC E . 22.94 -16.32 -29.10
O3 GLC E . 24.39 -18.72 -28.94
O4 GLC E . 22.73 -21.02 -28.95
O5 GLC E . 20.35 -18.54 -27.67
O6 GLC E . 20.72 -21.26 -26.23
C1 GLC F . 4.68 -23.83 -37.64
C2 GLC F . 5.97 -23.14 -37.28
C3 GLC F . 6.55 -23.57 -35.94
C4 GLC F . 5.46 -23.73 -34.93
C5 GLC F . 4.34 -24.59 -35.50
C6 GLC F . 3.29 -24.76 -34.43
O1 GLC F . 4.95 -25.15 -38.00
O2 GLC F . 6.91 -23.43 -38.28
O3 GLC F . 7.42 -22.55 -35.57
O4 GLC F . 5.96 -24.29 -33.73
O5 GLC F . 3.78 -23.91 -36.58
O6 GLC F . 1.98 -24.80 -34.88
C1 GLC F . 8.61 -23.00 -34.97
C2 GLC F . 9.27 -21.96 -34.07
C3 GLC F . 10.05 -21.00 -34.95
C4 GLC F . 11.04 -21.76 -35.85
C5 GLC F . 10.52 -23.08 -36.38
C6 GLC F . 11.72 -23.98 -36.67
O2 GLC F . 8.31 -21.29 -33.28
O3 GLC F . 10.74 -20.05 -34.17
O4 GLC F . 11.34 -20.97 -36.99
O5 GLC F . 9.65 -23.78 -35.52
O6 GLC F . 12.39 -24.28 -35.47
C1 GLC F . 10.60 -18.74 -34.56
C2 GLC F . 11.69 -17.93 -33.90
C3 GLC F . 11.39 -17.64 -32.43
C4 GLC F . 9.95 -17.16 -32.25
C5 GLC F . 8.97 -18.08 -33.00
C6 GLC F . 7.49 -17.67 -32.89
O2 GLC F . 12.90 -18.64 -33.98
O3 GLC F . 12.28 -16.65 -32.00
O4 GLC F . 9.64 -17.04 -30.87
O5 GLC F . 9.35 -18.09 -34.37
O6 GLC F . 7.26 -16.40 -33.45
C2 BGC G . -32.78 0.11 11.74
C3 BGC G . -33.63 -0.17 12.98
C4 BGC G . -33.47 -1.60 13.49
C5 BGC G . -32.00 -2.04 13.48
C6 BGC G . -31.90 -3.55 13.61
C1 BGC G . -31.34 -0.35 11.97
O1 BGC G . -30.53 -0.16 10.85
O2 BGC G . -32.82 1.49 11.44
O3 BGC G . -35.00 0.10 12.70
O4 BGC G . -33.94 -1.66 14.81
O5 BGC G . -31.36 -1.73 12.25
O6 BGC G . -32.05 -4.05 12.30
C1 GLC G . -35.83 0.95 13.40
C2 GLC G . -37.15 0.34 13.85
C3 GLC G . -37.95 -0.11 12.63
C4 GLC G . -38.14 1.08 11.70
C5 GLC G . -36.78 1.69 11.36
C6 GLC G . -36.92 2.93 10.48
O2 GLC G . -36.89 -0.75 14.71
O3 GLC G . -39.23 -0.57 13.03
O4 GLC G . -38.81 0.69 10.53
O5 GLC G . -36.08 2.03 12.54
O6 GLC G . -37.53 4.01 11.16
C1 GLC G . -39.81 -1.57 12.30
C2 GLC G . -41.32 -1.41 12.36
C3 GLC G . -41.84 -1.77 13.75
C4 GLC G . -41.24 -3.11 14.22
C5 GLC G . -39.73 -3.15 14.01
C6 GLC G . -39.08 -4.44 14.48
O2 GLC G . -41.64 -0.08 12.03
O3 GLC G . -43.26 -1.75 13.77
O4 GLC G . -41.46 -3.32 15.59
O5 GLC G . -39.43 -2.87 12.65
O6 GLC G . -39.17 -5.44 13.50
C1 GLC H . -23.79 1.48 23.77
C2 GLC H . -25.13 1.25 23.06
C3 GLC H . -25.15 0.23 21.93
C4 GLC H . -23.79 -0.21 21.49
C5 GLC H . -22.91 -0.40 22.73
C6 GLC H . -21.59 -1.18 22.66
O1 GLC H . -23.80 1.07 25.14
O2 GLC H . -26.12 0.77 23.96
O3 GLC H . -25.81 0.78 20.82
O4 GLC H . -24.09 -1.41 20.83
O5 GLC H . -22.65 0.90 23.17
O6 GLC H . -20.73 -0.86 21.60
C1 GLC H . -27.03 0.08 20.63
C2 GLC H . -27.75 -0.05 19.30
C3 GLC H . -28.68 1.15 19.15
C4 GLC H . -29.68 1.16 20.31
C5 GLC H . -28.98 1.01 21.66
C6 GLC H . -29.98 0.68 22.74
O2 GLC H . -26.85 -0.15 18.22
O3 GLC H . -29.34 1.16 17.90
O4 GLC H . -30.48 2.33 20.31
O5 GLC H . -28.00 -0.03 21.65
O6 GLC H . -30.65 -0.50 22.34
C1 GLC H . -29.41 2.42 17.37
C2 GLC H . -30.64 2.50 16.48
C3 GLC H . -30.35 1.88 15.11
C4 GLC H . -28.98 2.28 14.55
C5 GLC H . -27.88 2.40 15.63
C6 GLC H . -26.66 3.09 15.06
O2 GLC H . -31.71 1.81 17.08
O3 GLC H . -31.36 2.28 14.21
O4 GLC H . -28.58 1.30 13.62
O5 GLC H . -28.34 3.11 16.76
O6 GLC H . -27.10 4.04 14.10
C1 GLC I . 40.49 46.95 -17.42
C2 GLC I . 40.65 46.10 -18.63
C3 GLC I . 41.97 46.50 -19.20
C4 GLC I . 41.75 47.94 -19.65
C5 GLC I . 41.28 48.88 -18.55
C6 GLC I . 40.78 50.17 -19.17
O1 GLC I . 41.69 46.86 -16.63
O2 GLC I . 40.50 44.81 -18.07
O3 GLC I . 42.26 45.91 -20.41
O4 GLC I . 42.91 48.46 -20.32
O5 GLC I . 40.26 48.28 -17.78
O6 GLC I . 39.38 50.44 -18.98
C1 GLC I . 43.13 44.71 -20.67
C2 GLC I . 43.37 45.02 -22.14
C3 GLC I . 42.17 44.59 -23.00
C4 GLC I . 41.75 43.17 -22.65
C5 GLC I . 41.64 42.99 -21.13
C6 GLC I . 41.23 41.57 -20.73
O2 GLC I . 43.63 46.40 -22.33
O3 GLC I . 42.51 44.65 -24.37
O4 GLC I . 40.51 42.84 -23.24
O5 GLC I . 42.87 43.34 -20.52
O6 GLC I . 42.25 40.67 -21.11
C1 GLC I . 41.54 45.09 -25.24
C2 GLC I . 41.90 44.65 -26.65
C3 GLC I . 43.23 45.28 -27.02
C4 GLC I . 43.07 46.80 -26.96
C5 GLC I . 42.54 47.25 -25.58
C6 GLC I . 42.11 48.71 -25.58
O2 GLC I . 41.91 43.24 -26.71
O3 GLC I . 43.76 44.86 -28.27
O4 GLC I . 44.31 47.44 -27.26
O5 GLC I . 41.40 46.48 -25.18
O6 GLC I . 40.87 48.85 -26.23
C1 GLC J . 48.26 55.78 -9.52
C2 GLC J . 48.36 54.99 -10.84
C3 GLC J . 47.27 55.21 -11.89
C4 GLC J . 46.03 55.44 -11.08
C5 GLC J . 46.21 56.66 -10.21
C6 GLC J . 44.96 57.10 -9.50
O1 GLC J . 49.11 56.90 -9.47
O2 GLC J . 49.66 55.16 -11.36
O3 GLC J . 47.05 53.97 -12.55
O4 GLC J . 44.90 55.50 -11.93
O5 GLC J . 46.99 56.25 -9.16
O6 GLC J . 45.23 58.29 -8.79
C1 GLC J . 46.80 53.85 -13.98
C2 GLC J . 45.95 52.62 -14.40
C3 GLC J . 46.68 51.24 -14.48
C4 GLC J . 47.93 51.50 -15.31
C5 GLC J . 48.67 52.67 -14.71
C6 GLC J . 50.02 52.83 -15.31
O2 GLC J . 44.78 52.59 -13.59
O3 GLC J . 46.10 50.07 -15.14
O4 GLC J . 48.71 50.30 -15.44
O5 GLC J . 47.96 53.91 -14.76
O6 GLC J . 50.70 53.87 -14.64
C1 GLC K . -16.24 -26.80 37.14
C2 GLC K . -15.71 -25.94 35.99
C3 GLC K . -16.06 -24.49 36.11
C4 GLC K . -17.37 -24.47 36.85
C5 GLC K . -17.12 -24.91 38.27
C6 GLC K . -18.47 -25.10 38.93
O1 GLC K . -15.58 -28.03 37.37
O2 GLC K . -14.33 -26.00 35.97
O3 GLC K . -16.43 -23.97 34.87
O4 GLC K . -17.98 -23.18 36.85
O5 GLC K . -16.30 -26.08 38.34
O6 GLC K . -18.68 -26.42 39.39
C1 GLC K . -15.57 -23.22 33.94
C2 GLC K . -16.71 -22.37 33.39
C3 GLC K . -17.57 -23.19 32.45
C4 GLC K . -16.72 -23.90 31.40
C5 GLC K . -15.47 -24.60 31.97
C6 GLC K . -14.51 -25.02 30.86
O2 GLC K . -17.51 -21.83 34.44
O3 GLC K . -18.49 -22.32 31.82
O4 GLC K . -17.53 -24.85 30.72
O5 GLC K . -14.79 -23.75 32.87
O6 GLC K . -13.91 -23.92 30.18
C1 GLC K . -19.83 -22.64 31.77
C2 GLC K . -20.54 -21.85 30.67
C3 GLC K . -20.92 -20.48 31.23
C4 GLC K . -21.80 -20.72 32.46
C5 GLC K . -21.00 -21.54 33.49
C6 GLC K . -21.72 -21.79 34.80
O2 GLC K . -19.71 -21.74 29.53
O3 GLC K . -21.52 -19.60 30.31
O4 GLC K . -22.23 -19.48 32.96
O5 GLC K . -20.63 -22.78 32.92
O6 GLC K . -22.92 -22.48 34.56
S SO4 L . -15.77 -31.68 -30.97
O1 SO4 L . -15.39 -30.30 -30.70
O2 SO4 L . -16.43 -31.67 -32.28
O3 SO4 L . -16.66 -32.17 -29.92
O4 SO4 L . -14.57 -32.52 -31.07
S SO4 M . 43.24 -3.06 -15.58
O1 SO4 M . 44.42 -2.74 -16.41
O2 SO4 M . 42.01 -2.52 -16.20
O3 SO4 M . 43.09 -4.50 -15.41
O4 SO4 M . 43.44 -2.44 -14.27
S SO4 N . 34.96 -15.38 -18.30
O1 SO4 N . 35.54 -14.16 -17.71
O2 SO4 N . 35.70 -15.74 -19.52
O3 SO4 N . 35.00 -16.48 -17.31
O4 SO4 N . 33.56 -15.12 -18.63
S SO4 O . 26.55 1.00 -41.14
O1 SO4 O . 27.31 0.38 -42.24
O2 SO4 O . 27.11 2.33 -40.86
O3 SO4 O . 25.14 1.14 -41.52
O4 SO4 O . 26.59 0.13 -39.97
S SO4 P . -13.30 -26.71 -41.32
O1 SO4 P . -12.01 -26.24 -41.84
O2 SO4 P . -14.22 -25.58 -41.19
O3 SO4 P . -13.13 -27.31 -39.99
O4 SO4 P . -13.86 -27.72 -42.21
S SO4 Q . -3.06 -28.33 -7.33
O1 SO4 Q . -1.71 -27.87 -7.00
O2 SO4 Q . -3.22 -28.39 -8.79
O3 SO4 Q . -4.02 -27.38 -6.77
O4 SO4 Q . -3.28 -29.66 -6.74
CA CA R . -4.55 3.19 -28.87
S SO4 S . -2.35 -7.06 23.17
O1 SO4 S . -1.27 -6.51 23.98
O2 SO4 S . -2.53 -6.19 22.00
O3 SO4 S . -2.00 -8.40 22.69
O4 SO4 S . -3.56 -7.15 24.00
S SO4 T . -62.53 -1.82 -6.33
O1 SO4 T . -63.35 -2.60 -7.28
O2 SO4 T . -61.47 -1.06 -7.03
O3 SO4 T . -63.43 -0.91 -5.62
O4 SO4 T . -61.87 -2.72 -5.38
S SO4 U . -47.47 20.44 7.62
O1 SO4 U . -46.15 21.11 7.69
O2 SO4 U . -48.26 21.02 6.53
O3 SO4 U . -48.18 20.66 8.90
O4 SO4 U . -47.32 19.00 7.36
S SO4 V . -5.35 3.42 26.89
O1 SO4 V . -4.94 4.08 25.65
O2 SO4 V . -4.27 3.51 27.88
O3 SO4 V . -5.61 2.00 26.62
O4 SO4 V . -6.58 4.03 27.40
S SO4 W . -14.78 -22.74 5.18
O1 SO4 W . -13.97 -23.82 4.61
O2 SO4 W . -13.95 -21.57 5.45
O3 SO4 W . -15.33 -23.20 6.46
O4 SO4 W . -15.85 -22.36 4.26
CA CA X . -16.23 14.52 -3.26
S SO4 Y . 39.05 70.70 4.60
O1 SO4 Y . 37.78 70.68 3.89
O2 SO4 Y . 40.20 70.97 3.72
O3 SO4 Y . 38.95 71.75 5.59
O4 SO4 Y . 39.23 69.38 5.18
S SO4 Z . 30.17 25.85 -46.02
O1 SO4 Z . 31.37 26.52 -46.53
O2 SO4 Z . 29.47 25.26 -47.17
O3 SO4 Z . 29.29 26.81 -45.34
O4 SO4 Z . 30.52 24.81 -45.06
S SO4 AA . 35.54 38.73 -40.39
O1 SO4 AA . 36.31 39.92 -40.73
O2 SO4 AA . 35.64 37.74 -41.47
O3 SO4 AA . 34.14 39.11 -40.25
O4 SO4 AA . 36.05 38.15 -39.15
S SO4 BA . 48.29 22.59 -20.64
O1 SO4 BA . 49.66 22.59 -21.20
O2 SO4 BA . 47.62 23.85 -20.97
O3 SO4 BA . 48.31 22.40 -19.19
O4 SO4 BA . 47.55 21.47 -21.24
S SO4 CA . 47.67 63.70 7.32
O1 SO4 CA . 48.70 63.31 6.35
O2 SO4 CA . 46.73 64.63 6.65
O3 SO4 CA . 48.29 64.36 8.47
O4 SO4 CA . 46.95 62.50 7.80
S SO4 DA . 20.24 68.10 -13.57
O1 SO4 DA . 20.42 69.50 -14.05
O2 SO4 DA . 20.56 67.17 -14.64
O3 SO4 DA . 18.87 67.85 -13.16
O4 SO4 DA . 21.14 67.89 -12.44
CA CA EA . 29.01 35.30 3.46
S SO4 FA . -10.25 -32.65 68.83
O1 SO4 FA . -9.29 -33.17 67.87
O2 SO4 FA . -10.74 -31.35 68.42
O3 SO4 FA . -9.60 -32.50 70.12
O4 SO4 FA . -11.34 -33.61 68.98
S SO4 GA . -30.90 -27.78 3.71
O1 SO4 GA . -31.20 -27.65 2.28
O2 SO4 GA . -29.54 -28.31 3.88
O3 SO4 GA . -30.99 -26.46 4.33
O4 SO4 GA . -31.85 -28.69 4.36
S SO4 HA . -32.03 -23.82 18.12
O1 SO4 HA . -31.53 -23.20 16.89
O2 SO4 HA . -30.91 -24.03 19.03
O3 SO4 HA . -33.05 -22.96 18.73
O4 SO4 HA . -32.66 -25.10 17.80
S SO4 IA . -2.85 -20.97 15.69
O1 SO4 IA . -2.86 -19.49 15.51
O2 SO4 IA . -2.85 -21.60 14.37
O3 SO4 IA . -1.64 -21.35 16.43
O4 SO4 IA . -4.02 -21.40 16.47
S SO4 JA . -1.48 -26.67 64.77
O1 SO4 JA . -0.40 -26.49 63.78
O2 SO4 JA . -2.76 -26.38 64.14
O3 SO4 JA . -1.30 -25.77 65.90
O4 SO4 JA . -1.47 -28.06 65.24
S SO4 KA . -30.75 -44.21 55.64
O1 SO4 KA . -31.22 -44.43 54.27
O2 SO4 KA . -29.83 -43.07 55.68
O3 SO4 KA . -30.05 -45.42 56.12
O4 SO4 KA . -31.88 -43.94 56.53
CA CA LA . 2.33 -46.12 36.83
#